data_1QPM
#
_entry.id   1QPM
#
_cell.length_a   1.000
_cell.length_b   1.000
_cell.length_c   1.000
_cell.angle_alpha   90.00
_cell.angle_beta   90.00
_cell.angle_gamma   90.00
#
_symmetry.space_group_name_H-M   'P 1'
#
_entity_poly.entity_id   1
_entity_poly.type   'polypeptide(L)'
_entity_poly.pdbx_seq_one_letter_code
;KSIWCSPQEIMAADGMPGSVAGVHYRANVQGWTKRKKEGVKGGKAVEYDVMSMPTKEREQVIAHLGLST
;
_entity_poly.pdbx_strand_id   A
#
# COMPACT_ATOMS: atom_id res chain seq x y z
N LYS A 1 8.32 -8.18 12.98
CA LYS A 1 7.48 -9.25 12.38
C LYS A 1 6.34 -8.61 11.59
N SER A 2 5.87 -7.47 12.01
CA SER A 2 4.76 -6.80 11.28
C SER A 2 5.35 -6.08 10.05
N ILE A 3 4.53 -5.78 9.07
CA ILE A 3 5.02 -5.08 7.86
C ILE A 3 4.07 -3.93 7.54
N TRP A 4 4.60 -2.75 7.33
CA TRP A 4 3.75 -1.57 7.01
C TRP A 4 4.47 -0.75 5.93
N CYS A 5 3.78 -0.38 4.88
CA CYS A 5 4.41 0.42 3.78
C CYS A 5 3.54 1.63 3.44
N SER A 6 4.16 2.75 3.16
CA SER A 6 3.38 3.98 2.82
C SER A 6 2.80 3.85 1.40
N PRO A 7 1.76 4.59 1.10
CA PRO A 7 1.11 4.56 -0.24
C PRO A 7 2.08 4.90 -1.39
N GLN A 8 3.11 5.66 -1.11
CA GLN A 8 4.06 6.02 -2.20
C GLN A 8 4.66 4.73 -2.76
N GLU A 9 5.05 3.83 -1.92
CA GLU A 9 5.62 2.55 -2.41
C GLU A 9 4.52 1.73 -3.10
N ILE A 10 3.34 1.74 -2.55
CA ILE A 10 2.23 0.94 -3.15
C ILE A 10 1.80 1.56 -4.50
N MET A 11 1.45 2.82 -4.52
CA MET A 11 1.01 3.44 -5.80
C MET A 11 2.14 3.41 -6.83
N ALA A 12 3.35 3.16 -6.41
CA ALA A 12 4.47 3.08 -7.39
C ALA A 12 4.41 1.70 -8.04
N ALA A 13 3.54 0.87 -7.54
CA ALA A 13 3.38 -0.51 -8.09
C ALA A 13 2.53 -0.46 -9.36
N ASP A 14 2.98 -1.08 -10.41
CA ASP A 14 2.19 -1.07 -11.67
C ASP A 14 0.82 -1.69 -11.40
N GLY A 15 0.81 -2.75 -10.63
CA GLY A 15 -0.49 -3.43 -10.31
C GLY A 15 -1.44 -2.43 -9.67
N MET A 16 -0.93 -1.39 -9.07
CA MET A 16 -1.81 -0.37 -8.41
C MET A 16 -1.54 1.01 -9.04
N PRO A 17 -2.10 1.29 -10.18
CA PRO A 17 -1.91 2.58 -10.90
C PRO A 17 -2.79 3.69 -10.35
N GLY A 18 -2.55 4.91 -10.74
CA GLY A 18 -3.36 6.05 -10.25
C GLY A 18 -2.56 6.74 -9.14
N SER A 19 -2.94 7.93 -8.76
CA SER A 19 -2.18 8.63 -7.70
C SER A 19 -2.42 7.91 -6.37
N VAL A 20 -2.02 8.52 -5.30
CA VAL A 20 -2.21 7.86 -3.98
C VAL A 20 -3.71 7.56 -3.77
N ALA A 21 -4.57 8.50 -4.02
CA ALA A 21 -6.03 8.25 -3.84
C ALA A 21 -6.47 7.11 -4.77
N GLY A 22 -5.98 7.07 -5.98
CA GLY A 22 -6.40 5.97 -6.90
C GLY A 22 -6.20 4.64 -6.18
N VAL A 23 -5.11 4.50 -5.47
CA VAL A 23 -4.87 3.23 -4.72
C VAL A 23 -5.99 3.08 -3.68
N HIS A 24 -6.37 4.16 -3.04
CA HIS A 24 -7.46 4.08 -2.02
C HIS A 24 -8.73 3.55 -2.67
N TYR A 25 -8.95 3.89 -3.92
CA TYR A 25 -10.19 3.44 -4.60
C TYR A 25 -10.21 1.91 -4.61
N ARG A 26 -9.13 1.28 -4.98
CA ARG A 26 -9.14 -0.22 -4.99
C ARG A 26 -9.29 -0.71 -3.54
N ALA A 27 -8.63 -0.06 -2.63
CA ALA A 27 -8.71 -0.47 -1.19
C ALA A 27 -10.07 -0.11 -0.60
N ASN A 28 -10.95 0.46 -1.38
CA ASN A 28 -12.29 0.81 -0.83
C ASN A 28 -13.13 -0.47 -0.68
N VAL A 29 -12.99 -1.37 -1.61
CA VAL A 29 -13.80 -2.63 -1.55
C VAL A 29 -13.33 -3.53 -0.40
N GLN A 30 -12.08 -3.92 -0.38
CA GLN A 30 -11.60 -4.80 0.72
C GLN A 30 -11.32 -4.00 1.99
N GLY A 31 -11.29 -4.66 3.11
CA GLY A 31 -11.04 -3.96 4.41
C GLY A 31 -9.53 -3.94 4.67
N TRP A 32 -8.81 -3.18 3.90
CA TRP A 32 -7.33 -3.10 4.08
C TRP A 32 -7.00 -2.59 5.48
N THR A 33 -5.91 -3.04 6.06
CA THR A 33 -5.53 -2.54 7.39
C THR A 33 -4.91 -1.15 7.20
N LYS A 34 -5.48 -0.15 7.83
CA LYS A 34 -4.97 1.24 7.67
C LYS A 34 -4.74 1.86 9.05
N ARG A 35 -3.80 2.77 9.15
CA ARG A 35 -3.53 3.42 10.46
C ARG A 35 -3.19 4.89 10.23
N LYS A 36 -3.82 5.77 10.96
CA LYS A 36 -3.55 7.23 10.80
C LYS A 36 -2.42 7.63 11.77
N LYS A 37 -1.22 7.72 11.28
CA LYS A 37 -0.09 8.13 12.17
C LYS A 37 -0.09 9.66 12.33
N GLU A 38 0.44 10.15 13.41
CA GLU A 38 0.45 11.63 13.65
C GLU A 38 1.37 12.34 12.66
N GLY A 39 1.59 11.78 11.50
CA GLY A 39 2.47 12.46 10.50
C GLY A 39 3.94 12.22 10.86
N VAL A 40 4.73 11.79 9.91
CA VAL A 40 6.19 11.57 10.19
C VAL A 40 6.95 12.82 9.73
N LYS A 41 7.30 13.68 10.65
CA LYS A 41 8.03 14.92 10.27
C LYS A 41 7.27 15.61 9.13
N GLY A 42 5.96 15.49 9.12
CA GLY A 42 5.15 16.12 8.04
C GLY A 42 3.73 16.35 8.56
N GLY A 43 2.77 15.70 7.98
CA GLY A 43 1.37 15.88 8.45
C GLY A 43 0.46 14.83 7.83
N LYS A 44 -0.32 14.16 8.63
CA LYS A 44 -1.26 13.12 8.10
C LYS A 44 -0.47 12.02 7.38
N ALA A 45 0.08 11.07 8.12
CA ALA A 45 0.85 9.95 7.49
C ALA A 45 -0.05 8.70 7.49
N VAL A 46 -0.15 8.01 6.38
CA VAL A 46 -1.02 6.79 6.30
C VAL A 46 -0.20 5.58 5.88
N GLU A 47 -0.43 4.44 6.49
CA GLU A 47 0.34 3.20 6.12
C GLU A 47 -0.62 2.00 5.94
N TYR A 48 -0.19 0.99 5.21
CA TYR A 48 -1.04 -0.22 4.96
C TYR A 48 -0.24 -1.48 5.29
N ASP A 49 -0.89 -2.53 5.73
CA ASP A 49 -0.14 -3.80 6.06
C ASP A 49 -0.17 -4.73 4.83
N VAL A 50 0.94 -4.95 4.20
CA VAL A 50 0.97 -5.85 3.01
C VAL A 50 0.70 -7.30 3.43
N MET A 51 0.98 -7.64 4.65
CA MET A 51 0.78 -9.05 5.11
C MET A 51 -0.73 -9.37 5.20
N SER A 52 -1.58 -8.37 5.19
CA SER A 52 -3.05 -8.64 5.26
C SER A 52 -3.68 -8.56 3.87
N MET A 53 -2.95 -8.13 2.88
CA MET A 53 -3.53 -8.06 1.51
C MET A 53 -3.54 -9.46 0.89
N PRO A 54 -4.51 -9.79 0.07
CA PRO A 54 -4.57 -11.12 -0.59
C PRO A 54 -3.18 -11.57 -1.08
N THR A 55 -2.97 -12.86 -1.20
CA THR A 55 -1.64 -13.34 -1.68
C THR A 55 -1.37 -12.77 -3.08
N LYS A 56 -2.37 -12.72 -3.91
CA LYS A 56 -2.17 -12.19 -5.29
C LYS A 56 -1.60 -10.77 -5.20
N GLU A 57 -2.11 -9.98 -4.29
CA GLU A 57 -1.59 -8.60 -4.13
C GLU A 57 -0.14 -8.68 -3.64
N ARG A 58 0.14 -9.62 -2.79
CA ARG A 58 1.53 -9.78 -2.26
C ARG A 58 2.51 -10.02 -3.42
N GLU A 59 2.13 -10.79 -4.41
CA GLU A 59 3.07 -11.05 -5.53
C GLU A 59 3.43 -9.73 -6.20
N GLN A 60 2.47 -8.86 -6.34
CA GLN A 60 2.75 -7.54 -6.99
C GLN A 60 3.78 -6.75 -6.18
N VAL A 61 3.70 -6.77 -4.88
CA VAL A 61 4.69 -6.00 -4.07
C VAL A 61 6.07 -6.65 -4.22
N ILE A 62 6.15 -7.93 -4.05
CA ILE A 62 7.46 -8.63 -4.19
C ILE A 62 7.98 -8.42 -5.61
N ALA A 63 7.11 -8.50 -6.58
CA ALA A 63 7.56 -8.34 -7.99
C ALA A 63 8.24 -6.98 -8.16
N HIS A 64 7.67 -5.94 -7.59
CA HIS A 64 8.32 -4.60 -7.72
C HIS A 64 9.72 -4.66 -7.12
N LEU A 65 9.86 -5.32 -6.00
CA LEU A 65 11.21 -5.42 -5.38
C LEU A 65 12.08 -6.32 -6.25
N GLY A 66 11.49 -7.28 -6.90
CA GLY A 66 12.28 -8.20 -7.78
C GLY A 66 12.92 -7.39 -8.91
N LEU A 67 12.46 -6.18 -9.13
CA LEU A 67 13.05 -5.35 -10.22
C LEU A 67 14.33 -4.68 -9.72
N SER A 68 14.66 -4.87 -8.47
CA SER A 68 15.90 -4.22 -7.92
C SER A 68 16.50 -5.09 -6.80
N THR A 69 15.68 -5.74 -6.03
CA THR A 69 16.19 -6.59 -4.92
C THR A 69 15.20 -7.70 -4.61
N LYS A 1 8.56 -7.83 12.48
CA LYS A 1 7.87 -8.99 11.85
C LYS A 1 6.70 -8.47 11.00
N SER A 2 6.13 -7.35 11.38
CA SER A 2 4.99 -6.80 10.59
C SER A 2 5.52 -6.06 9.37
N ILE A 3 4.71 -5.85 8.37
CA ILE A 3 5.14 -5.12 7.14
C ILE A 3 4.12 -4.02 6.83
N TRP A 4 4.58 -2.83 6.55
CA TRP A 4 3.63 -1.70 6.25
C TRP A 4 4.22 -0.81 5.15
N CYS A 5 3.41 -0.40 4.19
CA CYS A 5 3.92 0.47 3.08
C CYS A 5 3.00 1.69 2.87
N SER A 6 3.59 2.84 2.66
CA SER A 6 2.77 4.08 2.44
C SER A 6 2.19 4.05 1.02
N PRO A 7 1.15 4.80 0.77
CA PRO A 7 0.52 4.86 -0.58
C PRO A 7 1.54 5.19 -1.67
N GLN A 8 2.51 6.02 -1.37
CA GLN A 8 3.51 6.36 -2.42
C GLN A 8 4.22 5.07 -2.85
N GLU A 9 4.57 4.24 -1.91
CA GLU A 9 5.24 2.96 -2.27
C GLU A 9 4.28 2.13 -3.12
N ILE A 10 3.03 2.10 -2.76
CA ILE A 10 2.05 1.33 -3.56
C ILE A 10 1.86 2.03 -4.90
N MET A 11 1.72 3.32 -4.90
CA MET A 11 1.51 4.08 -6.17
C MET A 11 2.56 3.64 -7.21
N ALA A 12 3.68 3.15 -6.78
CA ALA A 12 4.72 2.71 -7.76
C ALA A 12 4.37 1.32 -8.29
N ALA A 13 3.41 0.66 -7.70
CA ALA A 13 3.03 -0.70 -8.19
C ALA A 13 2.02 -0.58 -9.33
N ASP A 14 2.39 -1.03 -10.50
CA ASP A 14 1.45 -0.96 -11.65
C ASP A 14 0.19 -1.78 -11.34
N GLY A 15 0.34 -2.85 -10.60
CA GLY A 15 -0.84 -3.70 -10.26
C GLY A 15 -1.92 -2.85 -9.60
N MET A 16 -1.52 -1.81 -8.90
CA MET A 16 -2.51 -0.91 -8.21
C MET A 16 -2.35 0.50 -8.79
N PRO A 17 -3.00 0.78 -9.91
CA PRO A 17 -2.89 2.11 -10.59
C PRO A 17 -3.82 3.17 -9.99
N GLY A 18 -3.68 4.39 -10.42
CA GLY A 18 -4.54 5.49 -9.90
C GLY A 18 -3.72 6.31 -8.92
N SER A 19 -4.12 7.52 -8.64
CA SER A 19 -3.33 8.36 -7.71
C SER A 19 -3.49 7.81 -6.29
N VAL A 20 -3.11 8.56 -5.29
CA VAL A 20 -3.23 8.03 -3.90
C VAL A 20 -4.70 7.70 -3.62
N ALA A 21 -5.60 8.61 -3.88
CA ALA A 21 -7.04 8.30 -3.63
C ALA A 21 -7.46 7.15 -4.55
N GLY A 22 -6.96 7.12 -5.75
CA GLY A 22 -7.34 6.02 -6.68
C GLY A 22 -7.05 4.69 -6.00
N VAL A 23 -5.93 4.59 -5.33
CA VAL A 23 -5.60 3.33 -4.61
C VAL A 23 -6.66 3.10 -3.54
N HIS A 24 -7.03 4.14 -2.85
CA HIS A 24 -8.08 4.02 -1.79
C HIS A 24 -9.39 3.53 -2.41
N TYR A 25 -9.71 3.99 -3.59
CA TYR A 25 -10.99 3.56 -4.22
C TYR A 25 -11.01 2.04 -4.31
N ARG A 26 -9.97 1.43 -4.83
CA ARG A 26 -9.96 -0.04 -4.92
C ARG A 26 -10.05 -0.63 -3.51
N ALA A 27 -9.35 -0.05 -2.57
CA ALA A 27 -9.37 -0.57 -1.17
C ALA A 27 -10.62 -0.09 -0.45
N ASN A 28 -11.56 0.50 -1.16
CA ASN A 28 -12.81 0.95 -0.48
C ASN A 28 -13.69 -0.26 -0.21
N VAL A 29 -13.94 -1.04 -1.23
CA VAL A 29 -14.82 -2.23 -1.06
C VAL A 29 -14.09 -3.29 -0.21
N GLN A 30 -12.82 -3.47 -0.43
CA GLN A 30 -12.07 -4.50 0.35
C GLN A 30 -11.74 -3.94 1.75
N GLY A 31 -11.57 -4.81 2.71
CA GLY A 31 -11.26 -4.34 4.11
C GLY A 31 -9.75 -4.36 4.34
N TRP A 32 -9.03 -3.55 3.62
CA TRP A 32 -7.55 -3.50 3.81
C TRP A 32 -7.20 -3.06 5.22
N THR A 33 -6.11 -3.54 5.75
CA THR A 33 -5.68 -3.12 7.11
C THR A 33 -5.03 -1.74 6.98
N LYS A 34 -5.42 -0.79 7.80
CA LYS A 34 -4.85 0.58 7.71
C LYS A 34 -4.46 1.10 9.10
N ARG A 35 -3.46 1.94 9.16
CA ARG A 35 -3.02 2.51 10.46
C ARG A 35 -2.58 3.97 10.25
N LYS A 36 -2.85 4.82 11.20
CA LYS A 36 -2.44 6.25 11.05
C LYS A 36 -0.99 6.37 11.49
N LYS A 37 -0.23 7.24 10.89
CA LYS A 37 1.21 7.37 11.28
C LYS A 37 1.70 8.80 11.06
N GLU A 38 2.01 9.49 12.12
CA GLU A 38 2.54 10.88 11.99
C GLU A 38 4.03 10.80 11.65
N GLY A 39 4.56 11.76 10.95
CA GLY A 39 6.01 11.70 10.61
C GLY A 39 6.33 12.76 9.56
N VAL A 40 5.79 12.63 8.39
CA VAL A 40 6.07 13.63 7.33
C VAL A 40 5.36 14.95 7.68
N LYS A 41 6.05 16.05 7.56
CA LYS A 41 5.42 17.35 7.89
C LYS A 41 4.30 17.65 6.90
N GLY A 42 3.14 17.97 7.40
CA GLY A 42 1.99 18.29 6.50
C GLY A 42 1.67 17.08 5.61
N GLY A 43 0.40 16.86 5.35
CA GLY A 43 0.01 15.71 4.48
C GLY A 43 -0.17 14.44 5.32
N LYS A 44 0.46 14.37 6.46
CA LYS A 44 0.34 13.16 7.33
C LYS A 44 0.70 11.91 6.52
N ALA A 45 0.95 10.81 7.19
CA ALA A 45 1.33 9.55 6.46
C ALA A 45 0.32 8.44 6.75
N VAL A 46 -0.09 7.72 5.73
CA VAL A 46 -1.06 6.60 5.89
C VAL A 46 -0.37 5.32 5.39
N GLU A 47 -0.65 4.18 6.00
CA GLU A 47 0.05 2.91 5.56
C GLU A 47 -0.92 1.73 5.43
N TYR A 48 -0.53 0.73 4.68
CA TYR A 48 -1.38 -0.48 4.48
C TYR A 48 -0.53 -1.73 4.76
N ASP A 49 -1.10 -2.77 5.32
CA ASP A 49 -0.31 -4.01 5.58
C ASP A 49 -0.50 -4.99 4.43
N VAL A 50 0.55 -5.31 3.72
CA VAL A 50 0.43 -6.26 2.58
C VAL A 50 -0.03 -7.62 3.08
N MET A 51 0.16 -7.90 4.34
CA MET A 51 -0.25 -9.23 4.88
C MET A 51 -1.77 -9.31 5.06
N SER A 52 -2.50 -8.27 4.69
CA SER A 52 -3.99 -8.31 4.86
C SER A 52 -4.69 -8.48 3.50
N MET A 53 -4.07 -8.03 2.43
CA MET A 53 -4.71 -8.21 1.08
C MET A 53 -4.40 -9.63 0.58
N PRO A 54 -5.22 -10.17 -0.29
CA PRO A 54 -4.99 -11.53 -0.85
C PRO A 54 -3.51 -11.79 -1.17
N THR A 55 -3.14 -13.01 -1.36
CA THR A 55 -1.71 -13.33 -1.67
C THR A 55 -1.32 -12.83 -3.08
N LYS A 56 -2.27 -12.73 -3.96
CA LYS A 56 -1.95 -12.29 -5.35
C LYS A 56 -1.32 -10.90 -5.32
N GLU A 57 -1.85 -10.00 -4.54
CA GLU A 57 -1.27 -8.63 -4.49
C GLU A 57 0.13 -8.68 -3.87
N ARG A 58 0.32 -9.50 -2.86
CA ARG A 58 1.67 -9.57 -2.21
C ARG A 58 2.73 -9.98 -3.22
N GLU A 59 2.45 -10.94 -4.06
CA GLU A 59 3.48 -11.36 -5.05
C GLU A 59 3.83 -10.16 -5.94
N GLN A 60 2.85 -9.38 -6.31
CA GLN A 60 3.12 -8.20 -7.17
C GLN A 60 3.96 -7.18 -6.40
N VAL A 61 3.67 -6.98 -5.13
CA VAL A 61 4.45 -5.99 -4.34
C VAL A 61 5.87 -6.52 -4.12
N ILE A 62 6.00 -7.77 -3.76
CA ILE A 62 7.36 -8.35 -3.53
C ILE A 62 8.19 -8.26 -4.82
N ALA A 63 7.61 -8.57 -5.94
CA ALA A 63 8.37 -8.52 -7.22
C ALA A 63 8.87 -7.11 -7.46
N HIS A 64 8.05 -6.13 -7.23
CA HIS A 64 8.49 -4.72 -7.45
C HIS A 64 9.65 -4.41 -6.50
N LEU A 65 9.54 -4.85 -5.26
CA LEU A 65 10.63 -4.59 -4.28
C LEU A 65 11.87 -5.42 -4.65
N GLY A 66 11.66 -6.57 -5.22
CA GLY A 66 12.81 -7.45 -5.58
C GLY A 66 13.76 -6.71 -6.53
N LEU A 67 13.24 -5.95 -7.45
CA LEU A 67 14.14 -5.21 -8.40
C LEU A 67 14.49 -3.85 -7.81
N SER A 68 13.86 -3.49 -6.71
CA SER A 68 14.17 -2.18 -6.06
C SER A 68 15.07 -2.40 -4.85
N THR A 69 15.47 -3.62 -4.62
CA THR A 69 16.34 -3.92 -3.46
C THR A 69 17.44 -2.86 -3.33
N LYS A 1 8.63 -8.13 13.55
CA LYS A 1 8.59 -8.97 12.33
C LYS A 1 7.44 -8.51 11.42
N SER A 2 6.72 -7.51 11.85
CA SER A 2 5.59 -7.01 11.01
C SER A 2 6.14 -6.11 9.90
N ILE A 3 5.33 -5.82 8.92
CA ILE A 3 5.76 -4.93 7.80
C ILE A 3 4.70 -3.86 7.59
N TRP A 4 5.12 -2.63 7.51
CA TRP A 4 4.15 -1.51 7.29
C TRP A 4 4.78 -0.52 6.31
N CYS A 5 4.07 -0.12 5.29
CA CYS A 5 4.65 0.83 4.28
C CYS A 5 3.65 1.95 3.93
N SER A 6 4.14 3.11 3.60
CA SER A 6 3.23 4.24 3.23
C SER A 6 2.65 3.99 1.83
N PRO A 7 1.59 4.67 1.48
CA PRO A 7 0.95 4.51 0.16
C PRO A 7 1.89 4.91 -0.98
N GLN A 8 2.80 5.81 -0.74
CA GLN A 8 3.73 6.19 -1.83
C GLN A 8 4.49 4.94 -2.27
N GLU A 9 4.91 4.13 -1.34
CA GLU A 9 5.61 2.89 -1.75
C GLU A 9 4.64 2.08 -2.60
N ILE A 10 3.39 2.04 -2.21
CA ILE A 10 2.40 1.27 -3.01
C ILE A 10 2.17 1.98 -4.34
N MET A 11 1.98 3.28 -4.32
CA MET A 11 1.75 4.02 -5.60
C MET A 11 2.77 3.60 -6.65
N ALA A 12 3.92 3.14 -6.23
CA ALA A 12 4.95 2.73 -7.23
C ALA A 12 4.62 1.33 -7.76
N ALA A 13 3.65 0.67 -7.17
CA ALA A 13 3.28 -0.69 -7.64
C ALA A 13 2.32 -0.59 -8.82
N ASP A 14 2.71 -1.11 -9.95
CA ASP A 14 1.80 -1.06 -11.13
C ASP A 14 0.54 -1.84 -10.78
N GLY A 15 0.69 -2.94 -10.11
CA GLY A 15 -0.49 -3.76 -9.72
C GLY A 15 -1.50 -2.89 -8.97
N MET A 16 -1.08 -1.74 -8.50
CA MET A 16 -2.00 -0.82 -7.76
C MET A 16 -1.88 0.58 -8.36
N PRO A 17 -2.52 0.83 -9.49
CA PRO A 17 -2.45 2.16 -10.18
C PRO A 17 -3.38 3.20 -9.55
N GLY A 18 -3.26 4.44 -9.97
CA GLY A 18 -4.13 5.52 -9.40
C GLY A 18 -3.32 6.32 -8.39
N SER A 19 -3.72 7.52 -8.11
CA SER A 19 -2.96 8.35 -7.13
C SER A 19 -3.18 7.78 -5.73
N VAL A 20 -2.84 8.49 -4.71
CA VAL A 20 -3.02 7.94 -3.33
C VAL A 20 -4.48 7.54 -3.16
N ALA A 21 -5.41 8.41 -3.50
CA ALA A 21 -6.84 8.06 -3.35
C ALA A 21 -7.16 6.83 -4.19
N GLY A 22 -6.61 6.71 -5.36
CA GLY A 22 -6.90 5.52 -6.21
C GLY A 22 -6.53 4.23 -5.46
N VAL A 23 -5.42 4.24 -4.77
CA VAL A 23 -5.03 3.02 -4.00
C VAL A 23 -6.10 2.78 -2.94
N HIS A 24 -6.54 3.82 -2.29
CA HIS A 24 -7.59 3.70 -1.26
C HIS A 24 -8.87 3.11 -1.86
N TYR A 25 -9.12 3.39 -3.11
CA TYR A 25 -10.36 2.84 -3.75
C TYR A 25 -10.32 1.32 -3.68
N ARG A 26 -9.24 0.70 -4.09
CA ARG A 26 -9.17 -0.79 -4.02
C ARG A 26 -9.27 -1.24 -2.55
N ALA A 27 -8.62 -0.55 -1.66
CA ALA A 27 -8.67 -0.93 -0.23
C ALA A 27 -9.94 -0.38 0.43
N ASN A 28 -10.77 0.30 -0.32
CA ASN A 28 -12.03 0.83 0.25
C ASN A 28 -12.98 -0.35 0.48
N VAL A 29 -13.13 -1.18 -0.51
CA VAL A 29 -14.03 -2.36 -0.39
C VAL A 29 -13.41 -3.37 0.59
N GLN A 30 -12.14 -3.61 0.46
CA GLN A 30 -11.47 -4.58 1.37
C GLN A 30 -11.15 -3.93 2.71
N GLY A 31 -10.97 -4.73 3.74
CA GLY A 31 -10.66 -4.19 5.09
C GLY A 31 -9.18 -4.46 5.39
N TRP A 32 -8.30 -3.78 4.71
CA TRP A 32 -6.84 -3.98 4.93
C TRP A 32 -6.47 -3.54 6.35
N THR A 33 -5.38 -4.05 6.87
CA THR A 33 -4.96 -3.63 8.23
C THR A 33 -4.25 -2.28 8.09
N LYS A 34 -4.78 -1.27 8.73
CA LYS A 34 -4.19 0.11 8.59
C LYS A 34 -3.93 0.73 9.96
N ARG A 35 -3.07 1.71 10.00
CA ARG A 35 -2.77 2.44 11.26
C ARG A 35 -2.67 3.93 10.89
N LYS A 36 -3.56 4.73 11.40
CA LYS A 36 -3.56 6.17 11.04
C LYS A 36 -2.56 6.96 11.87
N LYS A 37 -2.18 8.11 11.37
CA LYS A 37 -1.22 8.98 12.10
C LYS A 37 -1.45 10.43 11.65
N GLU A 38 -1.52 11.34 12.60
CA GLU A 38 -1.79 12.78 12.28
C GLU A 38 -3.20 12.90 11.68
N GLY A 39 -4.13 12.12 12.19
CA GLY A 39 -5.54 12.18 11.69
C GLY A 39 -5.56 12.21 10.15
N VAL A 40 -5.80 11.09 9.52
CA VAL A 40 -5.85 11.04 8.04
C VAL A 40 -7.30 10.90 7.55
N LYS A 41 -7.76 11.84 6.75
CA LYS A 41 -9.16 11.78 6.20
C LYS A 41 -9.07 11.58 4.69
N GLY A 42 -7.87 11.60 4.15
CA GLY A 42 -7.69 11.42 2.69
C GLY A 42 -6.21 11.60 2.33
N GLY A 43 -5.37 11.88 3.30
CA GLY A 43 -3.92 12.05 3.01
C GLY A 43 -3.11 12.00 4.32
N LYS A 44 -2.41 13.07 4.63
CA LYS A 44 -1.61 13.09 5.88
C LYS A 44 -0.70 11.85 5.94
N ALA A 45 -0.51 11.26 7.11
CA ALA A 45 0.40 10.07 7.21
C ALA A 45 -0.40 8.80 7.54
N VAL A 46 -0.48 7.90 6.58
CA VAL A 46 -1.21 6.61 6.79
C VAL A 46 -0.30 5.47 6.30
N GLU A 47 -0.35 4.32 6.94
CA GLU A 47 0.55 3.19 6.52
C GLU A 47 -0.28 1.90 6.28
N TYR A 48 0.15 1.11 5.32
CA TYR A 48 -0.58 -0.16 4.99
C TYR A 48 0.35 -1.36 5.18
N ASP A 49 -0.15 -2.46 5.69
CA ASP A 49 0.72 -3.66 5.90
C ASP A 49 0.49 -4.66 4.75
N VAL A 50 1.55 -5.04 4.08
CA VAL A 50 1.43 -5.99 2.93
C VAL A 50 0.91 -7.36 3.39
N MET A 51 0.99 -7.66 4.66
CA MET A 51 0.52 -9.00 5.13
C MET A 51 -1.01 -9.06 5.18
N SER A 52 -1.70 -8.06 4.66
CA SER A 52 -3.21 -8.08 4.72
C SER A 52 -3.81 -8.35 3.33
N MET A 53 -3.09 -8.07 2.27
CA MET A 53 -3.66 -8.34 0.89
C MET A 53 -3.53 -9.84 0.58
N PRO A 54 -4.31 -10.33 -0.36
CA PRO A 54 -4.28 -11.78 -0.75
C PRO A 54 -2.94 -12.15 -1.43
N THR A 55 -2.70 -13.41 -1.66
CA THR A 55 -1.40 -13.83 -2.27
C THR A 55 -1.23 -13.21 -3.66
N LYS A 56 -2.26 -13.14 -4.46
CA LYS A 56 -2.10 -12.57 -5.82
C LYS A 56 -1.53 -11.15 -5.75
N GLU A 57 -2.09 -10.31 -4.93
CA GLU A 57 -1.56 -8.92 -4.81
C GLU A 57 -0.18 -8.94 -4.15
N ARG A 58 0.05 -9.79 -3.20
CA ARG A 58 1.38 -9.83 -2.54
C ARG A 58 2.45 -10.14 -3.59
N GLU A 59 2.17 -11.02 -4.51
CA GLU A 59 3.17 -11.33 -5.56
C GLU A 59 3.47 -10.05 -6.35
N GLN A 60 2.48 -9.26 -6.62
CA GLN A 60 2.72 -8.00 -7.39
C GLN A 60 3.59 -7.09 -6.53
N VAL A 61 3.34 -7.03 -5.25
CA VAL A 61 4.16 -6.16 -4.36
C VAL A 61 5.57 -6.73 -4.23
N ILE A 62 5.70 -7.99 -3.92
CA ILE A 62 7.04 -8.61 -3.80
C ILE A 62 7.76 -8.49 -5.15
N ALA A 63 7.05 -8.70 -6.22
CA ALA A 63 7.68 -8.63 -7.56
C ALA A 63 8.36 -7.27 -7.73
N HIS A 64 7.69 -6.20 -7.40
CA HIS A 64 8.34 -4.86 -7.55
C HIS A 64 9.56 -4.79 -6.64
N LEU A 65 9.44 -5.28 -5.44
CA LEU A 65 10.60 -5.25 -4.52
C LEU A 65 11.69 -6.17 -5.07
N GLY A 66 11.31 -7.28 -5.61
CA GLY A 66 12.31 -8.25 -6.15
C GLY A 66 13.14 -7.60 -7.25
N LEU A 67 12.55 -6.81 -8.11
CA LEU A 67 13.36 -6.16 -9.20
C LEU A 67 13.94 -4.85 -8.69
N SER A 68 13.65 -4.50 -7.47
CA SER A 68 14.19 -3.23 -6.89
C SER A 68 15.54 -3.54 -6.23
N THR A 69 16.00 -4.76 -6.31
CA THR A 69 17.31 -5.12 -5.71
C THR A 69 17.89 -6.32 -6.44
N LYS A 1 8.43 -9.28 12.00
CA LYS A 1 7.36 -8.56 12.75
C LYS A 1 6.26 -8.14 11.78
N SER A 2 5.62 -7.03 12.02
CA SER A 2 4.55 -6.57 11.10
C SER A 2 5.17 -5.90 9.87
N ILE A 3 4.39 -5.71 8.84
CA ILE A 3 4.91 -5.06 7.59
C ILE A 3 3.93 -3.97 7.16
N TRP A 4 4.42 -2.79 6.89
CA TRP A 4 3.52 -1.67 6.46
C TRP A 4 4.22 -0.86 5.37
N CYS A 5 3.51 -0.43 4.35
CA CYS A 5 4.14 0.36 3.25
C CYS A 5 3.34 1.63 2.97
N SER A 6 4.01 2.73 2.75
CA SER A 6 3.31 4.01 2.47
C SER A 6 2.71 3.96 1.05
N PRO A 7 1.66 4.69 0.78
CA PRO A 7 1.02 4.69 -0.57
C PRO A 7 2.06 4.90 -1.67
N GLN A 8 3.06 5.69 -1.42
CA GLN A 8 4.09 5.93 -2.46
C GLN A 8 4.73 4.59 -2.85
N GLU A 9 5.11 3.81 -1.88
CA GLU A 9 5.73 2.50 -2.19
C GLU A 9 4.67 1.59 -2.84
N ILE A 10 3.48 1.59 -2.31
CA ILE A 10 2.41 0.73 -2.89
C ILE A 10 1.95 1.29 -4.24
N MET A 11 1.57 2.54 -4.30
CA MET A 11 1.09 3.13 -5.57
C MET A 11 2.10 2.86 -6.70
N ALA A 12 3.33 2.57 -6.36
CA ALA A 12 4.33 2.29 -7.43
C ALA A 12 4.12 0.86 -7.94
N ALA A 13 3.24 0.14 -7.32
CA ALA A 13 2.95 -1.25 -7.76
C ALA A 13 1.98 -1.20 -8.95
N ASP A 14 2.30 -1.84 -10.03
CA ASP A 14 1.41 -1.82 -11.23
C ASP A 14 0.04 -2.42 -10.85
N GLY A 15 0.03 -3.47 -10.08
CA GLY A 15 -1.27 -4.10 -9.69
C GLY A 15 -2.19 -3.06 -9.03
N MET A 16 -1.66 -1.91 -8.72
CA MET A 16 -2.48 -0.83 -8.07
C MET A 16 -2.29 0.49 -8.85
N PRO A 17 -2.98 0.66 -9.95
CA PRO A 17 -2.86 1.87 -10.81
C PRO A 17 -3.68 3.06 -10.32
N GLY A 18 -3.34 4.25 -10.78
CA GLY A 18 -4.09 5.46 -10.36
C GLY A 18 -3.21 6.24 -9.38
N SER A 19 -3.54 7.47 -9.11
CA SER A 19 -2.70 8.24 -8.16
C SER A 19 -2.89 7.69 -6.76
N VAL A 20 -2.40 8.36 -5.76
CA VAL A 20 -2.57 7.82 -4.38
C VAL A 20 -4.05 7.66 -4.08
N ALA A 21 -4.86 8.62 -4.43
CA ALA A 21 -6.32 8.49 -4.15
C ALA A 21 -6.86 7.25 -4.87
N GLY A 22 -6.40 6.99 -6.07
CA GLY A 22 -6.91 5.80 -6.81
C GLY A 22 -6.69 4.55 -5.96
N VAL A 23 -5.54 4.43 -5.34
CA VAL A 23 -5.29 3.23 -4.48
C VAL A 23 -6.29 3.26 -3.34
N HIS A 24 -6.51 4.41 -2.77
CA HIS A 24 -7.48 4.54 -1.65
C HIS A 24 -8.88 4.12 -2.11
N TYR A 25 -9.20 4.38 -3.35
CA TYR A 25 -10.55 4.02 -3.85
C TYR A 25 -10.78 2.52 -3.71
N ARG A 26 -9.89 1.70 -4.22
CA ARG A 26 -10.09 0.24 -4.08
C ARG A 26 -9.88 -0.16 -2.61
N ALA A 27 -8.90 0.42 -1.96
CA ALA A 27 -8.61 0.07 -0.55
C ALA A 27 -9.79 0.39 0.36
N ASN A 28 -10.51 1.47 0.11
CA ASN A 28 -11.64 1.81 1.01
C ASN A 28 -12.72 0.72 0.89
N VAL A 29 -12.96 0.23 -0.29
CA VAL A 29 -13.97 -0.84 -0.47
C VAL A 29 -13.45 -2.12 0.18
N GLN A 30 -12.19 -2.39 0.01
CA GLN A 30 -11.61 -3.63 0.61
C GLN A 30 -11.32 -3.39 2.09
N GLY A 31 -11.34 -4.44 2.89
CA GLY A 31 -11.08 -4.27 4.35
C GLY A 31 -9.58 -4.23 4.60
N TRP A 32 -8.89 -3.31 4.00
CA TRP A 32 -7.41 -3.22 4.21
C TRP A 32 -7.12 -2.68 5.60
N THR A 33 -6.10 -3.16 6.23
CA THR A 33 -5.74 -2.64 7.59
C THR A 33 -5.02 -1.31 7.40
N LYS A 34 -5.45 -0.28 8.09
CA LYS A 34 -4.81 1.07 7.93
C LYS A 34 -4.44 1.64 9.29
N ARG A 35 -3.45 2.50 9.35
CA ARG A 35 -3.04 3.13 10.63
C ARG A 35 -2.63 4.58 10.38
N LYS A 36 -2.89 5.46 11.30
CA LYS A 36 -2.52 6.89 11.11
C LYS A 36 -1.13 7.17 11.69
N LYS A 37 -0.16 7.45 10.86
CA LYS A 37 1.21 7.74 11.37
C LYS A 37 1.34 9.24 11.65
N GLU A 38 1.50 9.61 12.89
CA GLU A 38 1.64 11.07 13.24
C GLU A 38 3.07 11.53 12.98
N GLY A 39 3.85 10.70 12.36
CA GLY A 39 5.28 11.06 12.08
C GLY A 39 5.35 12.34 11.25
N VAL A 40 4.41 12.54 10.36
CA VAL A 40 4.44 13.78 9.52
C VAL A 40 4.29 15.01 10.43
N LYS A 41 5.11 16.01 10.20
CA LYS A 41 5.03 17.25 11.04
C LYS A 41 3.64 17.86 10.89
N GLY A 42 3.10 17.86 9.70
CA GLY A 42 1.74 18.45 9.49
C GLY A 42 1.18 17.99 8.14
N GLY A 43 0.52 16.86 8.13
CA GLY A 43 -0.05 16.35 6.85
C GLY A 43 -0.69 14.98 7.10
N LYS A 44 -0.38 14.37 8.22
CA LYS A 44 -0.97 13.04 8.55
C LYS A 44 -0.65 12.03 7.44
N ALA A 45 0.14 11.04 7.74
CA ALA A 45 0.50 10.01 6.72
C ALA A 45 -0.43 8.79 6.85
N VAL A 46 -0.59 8.02 5.79
CA VAL A 46 -1.47 6.81 5.83
C VAL A 46 -0.66 5.59 5.43
N GLU A 47 -0.80 4.49 6.14
CA GLU A 47 -0.01 3.26 5.80
C GLU A 47 -0.95 2.05 5.69
N TYR A 48 -0.53 1.04 4.95
CA TYR A 48 -1.37 -0.19 4.76
C TYR A 48 -0.52 -1.41 5.08
N ASP A 49 -1.13 -2.48 5.56
CA ASP A 49 -0.34 -3.71 5.89
C ASP A 49 -0.37 -4.65 4.68
N VAL A 50 0.77 -4.99 4.15
CA VAL A 50 0.82 -5.91 2.98
C VAL A 50 0.24 -7.28 3.37
N MET A 51 0.45 -7.68 4.59
CA MET A 51 -0.04 -9.03 5.04
C MET A 51 -1.57 -9.04 5.17
N SER A 52 -2.23 -7.96 4.83
CA SER A 52 -3.72 -7.92 4.95
C SER A 52 -4.38 -7.99 3.56
N MET A 53 -3.69 -7.55 2.54
CA MET A 53 -4.28 -7.60 1.17
C MET A 53 -4.10 -9.00 0.58
N PRO A 54 -4.99 -9.43 -0.30
CA PRO A 54 -4.90 -10.76 -0.95
C PRO A 54 -3.46 -11.19 -1.23
N THR A 55 -3.23 -12.46 -1.42
CA THR A 55 -1.85 -12.96 -1.69
C THR A 55 -1.40 -12.50 -3.09
N LYS A 56 -2.30 -12.37 -4.01
CA LYS A 56 -1.90 -11.97 -5.39
C LYS A 56 -1.21 -10.60 -5.38
N GLU A 57 -1.72 -9.65 -4.64
CA GLU A 57 -1.06 -8.32 -4.61
C GLU A 57 0.33 -8.48 -3.99
N ARG A 58 0.46 -9.35 -3.03
CA ARG A 58 1.78 -9.56 -2.38
C ARG A 58 2.80 -9.99 -3.43
N GLU A 59 2.40 -10.84 -4.35
CA GLU A 59 3.36 -11.27 -5.41
C GLU A 59 3.79 -10.02 -6.20
N GLN A 60 2.87 -9.15 -6.47
CA GLN A 60 3.20 -7.90 -7.21
C GLN A 60 4.13 -7.04 -6.36
N VAL A 61 3.88 -6.98 -5.08
CA VAL A 61 4.75 -6.16 -4.19
C VAL A 61 6.13 -6.83 -4.11
N ILE A 62 6.15 -8.12 -3.92
CA ILE A 62 7.45 -8.86 -3.86
C ILE A 62 8.20 -8.66 -5.17
N ALA A 63 7.54 -8.83 -6.27
CA ALA A 63 8.20 -8.66 -7.60
C ALA A 63 8.74 -7.24 -7.72
N HIS A 64 8.06 -6.28 -7.18
CA HIS A 64 8.53 -4.87 -7.28
C HIS A 64 9.91 -4.73 -6.63
N LEU A 65 10.13 -5.37 -5.50
CA LEU A 65 11.46 -5.25 -4.85
C LEU A 65 12.53 -5.78 -5.80
N GLY A 66 12.25 -6.82 -6.54
CA GLY A 66 13.26 -7.37 -7.48
C GLY A 66 13.66 -6.28 -8.48
N LEU A 67 12.70 -5.64 -9.11
CA LEU A 67 13.01 -4.57 -10.09
C LEU A 67 12.98 -3.21 -9.38
N SER A 68 13.02 -2.15 -10.14
CA SER A 68 13.00 -0.77 -9.54
C SER A 68 14.13 -0.58 -8.54
N THR A 69 14.89 -1.61 -8.25
CA THR A 69 16.02 -1.46 -7.28
C THR A 69 16.82 -2.77 -7.22
N LYS A 1 8.24 -9.54 12.10
CA LYS A 1 7.38 -8.47 12.68
C LYS A 1 6.29 -8.09 11.66
N SER A 2 5.56 -7.03 11.92
CA SER A 2 4.49 -6.60 10.97
C SER A 2 5.09 -5.84 9.80
N ILE A 3 4.34 -5.67 8.73
CA ILE A 3 4.83 -4.94 7.53
C ILE A 3 3.92 -3.74 7.27
N TRP A 4 4.48 -2.57 7.08
CA TRP A 4 3.63 -1.36 6.81
C TRP A 4 4.37 -0.47 5.81
N CYS A 5 3.67 -0.03 4.78
CA CYS A 5 4.32 0.84 3.74
C CYS A 5 3.43 2.05 3.44
N SER A 6 4.02 3.19 3.20
CA SER A 6 3.22 4.41 2.89
C SER A 6 2.65 4.26 1.46
N PRO A 7 1.65 5.04 1.14
CA PRO A 7 1.00 5.00 -0.21
C PRO A 7 2.00 5.27 -1.34
N GLN A 8 3.00 6.08 -1.10
CA GLN A 8 3.99 6.37 -2.19
C GLN A 8 4.64 5.07 -2.64
N GLU A 9 5.00 4.22 -1.72
CA GLU A 9 5.63 2.93 -2.11
C GLU A 9 4.62 2.14 -2.93
N ILE A 10 3.38 2.16 -2.53
CA ILE A 10 2.34 1.41 -3.31
C ILE A 10 2.16 2.06 -4.68
N MET A 11 2.01 3.37 -4.74
CA MET A 11 1.81 4.02 -6.08
C MET A 11 2.92 3.60 -7.04
N ALA A 12 4.04 3.15 -6.54
CA ALA A 12 5.14 2.73 -7.45
C ALA A 12 4.87 1.33 -7.98
N ALA A 13 3.88 0.66 -7.42
CA ALA A 13 3.55 -0.72 -7.89
C ALA A 13 2.63 -0.64 -9.11
N ASP A 14 3.00 -1.25 -10.20
CA ASP A 14 2.14 -1.21 -11.42
C ASP A 14 0.78 -1.83 -11.10
N GLY A 15 0.77 -2.90 -10.34
CA GLY A 15 -0.53 -3.55 -10.01
C GLY A 15 -1.47 -2.55 -9.35
N MET A 16 -0.93 -1.51 -8.75
CA MET A 16 -1.77 -0.48 -8.07
C MET A 16 -1.47 0.90 -8.69
N PRO A 17 -2.04 1.18 -9.84
CA PRO A 17 -1.82 2.47 -10.56
C PRO A 17 -2.73 3.60 -10.06
N GLY A 18 -2.51 4.79 -10.55
CA GLY A 18 -3.35 5.95 -10.12
C GLY A 18 -2.65 6.66 -8.98
N SER A 19 -3.01 7.87 -8.69
CA SER A 19 -2.33 8.60 -7.59
C SER A 19 -2.76 7.97 -6.26
N VAL A 20 -2.47 8.62 -5.17
CA VAL A 20 -2.84 8.04 -3.85
C VAL A 20 -4.34 7.75 -3.79
N ALA A 21 -5.18 8.66 -4.22
CA ALA A 21 -6.64 8.39 -4.17
C ALA A 21 -6.97 7.15 -5.02
N GLY A 22 -6.35 7.00 -6.15
CA GLY A 22 -6.65 5.81 -7.01
C GLY A 22 -6.37 4.54 -6.18
N VAL A 23 -5.31 4.54 -5.42
CA VAL A 23 -5.01 3.35 -4.59
C VAL A 23 -6.15 3.16 -3.59
N HIS A 24 -6.60 4.23 -3.00
CA HIS A 24 -7.72 4.15 -2.02
C HIS A 24 -8.97 3.63 -2.71
N TYR A 25 -9.12 3.87 -3.98
CA TYR A 25 -10.32 3.37 -4.69
C TYR A 25 -10.36 1.86 -4.56
N ARG A 26 -9.23 1.20 -4.70
CA ARG A 26 -9.21 -0.28 -4.55
C ARG A 26 -9.58 -0.65 -3.11
N ALA A 27 -9.04 0.07 -2.15
CA ALA A 27 -9.33 -0.25 -0.72
C ALA A 27 -10.68 0.34 -0.32
N ASN A 28 -11.42 0.85 -1.25
CA ASN A 28 -12.76 1.41 -0.91
C ASN A 28 -13.74 0.27 -0.64
N VAL A 29 -13.82 -0.66 -1.55
CA VAL A 29 -14.76 -1.80 -1.37
C VAL A 29 -14.25 -2.73 -0.26
N GLN A 30 -12.96 -2.96 -0.22
CA GLN A 30 -12.40 -3.86 0.85
C GLN A 30 -11.91 -3.02 2.03
N GLY A 31 -11.93 -3.59 3.22
CA GLY A 31 -11.47 -2.85 4.43
C GLY A 31 -9.98 -3.13 4.67
N TRP A 32 -9.14 -2.70 3.78
CA TRP A 32 -7.68 -2.94 3.94
C TRP A 32 -7.25 -2.58 5.37
N THR A 33 -6.17 -3.15 5.83
CA THR A 33 -5.67 -2.81 7.19
C THR A 33 -4.99 -1.43 7.11
N LYS A 34 -5.34 -0.52 7.97
CA LYS A 34 -4.74 0.84 7.91
C LYS A 34 -4.41 1.34 9.33
N ARG A 35 -3.53 2.30 9.41
CA ARG A 35 -3.16 2.88 10.74
C ARG A 35 -2.87 4.37 10.58
N LYS A 36 -3.28 5.17 11.53
CA LYS A 36 -3.03 6.64 11.43
C LYS A 36 -1.68 6.99 12.04
N LYS A 37 -0.69 7.26 11.22
CA LYS A 37 0.65 7.62 11.76
C LYS A 37 0.68 9.15 12.00
N GLU A 38 0.85 9.55 13.24
CA GLU A 38 0.90 11.02 13.57
C GLU A 38 -0.09 11.80 12.69
N GLY A 39 0.28 13.00 12.32
CA GLY A 39 -0.61 13.82 11.45
C GLY A 39 0.23 14.82 10.66
N VAL A 40 1.05 14.35 9.76
CA VAL A 40 1.92 15.26 8.95
C VAL A 40 1.21 15.67 7.66
N LYS A 41 1.60 16.79 7.10
CA LYS A 41 0.97 17.25 5.82
C LYS A 41 -0.54 17.38 6.01
N GLY A 42 -1.21 18.08 5.14
CA GLY A 42 -2.68 18.24 5.27
C GLY A 42 -3.38 16.94 4.91
N GLY A 43 -2.69 15.83 4.99
CA GLY A 43 -3.31 14.51 4.66
C GLY A 43 -2.88 13.47 5.70
N LYS A 44 -2.20 13.91 6.72
CA LYS A 44 -1.73 12.96 7.79
C LYS A 44 -0.93 11.84 7.15
N ALA A 45 -0.24 11.05 7.93
CA ALA A 45 0.56 9.92 7.36
C ALA A 45 -0.23 8.62 7.61
N VAL A 46 -0.55 7.91 6.56
CA VAL A 46 -1.32 6.63 6.72
C VAL A 46 -0.55 5.50 6.03
N GLU A 47 -0.59 4.32 6.58
CA GLU A 47 0.16 3.16 5.98
C GLU A 47 -0.78 1.97 5.81
N TYR A 48 -0.43 1.07 4.92
CA TYR A 48 -1.26 -0.14 4.68
C TYR A 48 -0.41 -1.39 4.96
N ASP A 49 -1.00 -2.42 5.50
CA ASP A 49 -0.22 -3.66 5.80
C ASP A 49 -0.30 -4.62 4.62
N VAL A 50 0.79 -4.82 3.91
CA VAL A 50 0.78 -5.74 2.75
C VAL A 50 0.63 -7.18 3.25
N MET A 51 1.13 -7.47 4.43
CA MET A 51 1.03 -8.86 4.97
C MET A 51 -0.43 -9.16 5.30
N SER A 52 -1.27 -8.15 5.23
CA SER A 52 -2.72 -8.35 5.52
C SER A 52 -3.49 -8.41 4.20
N MET A 53 -2.87 -8.00 3.12
CA MET A 53 -3.55 -8.04 1.79
C MET A 53 -3.49 -9.45 1.21
N PRO A 54 -4.43 -9.84 0.38
CA PRO A 54 -4.43 -11.19 -0.24
C PRO A 54 -3.03 -11.55 -0.77
N THR A 55 -2.81 -12.78 -1.14
CA THR A 55 -1.47 -13.21 -1.63
C THR A 55 -1.21 -12.69 -3.05
N LYS A 56 -2.23 -12.56 -3.86
CA LYS A 56 -2.01 -12.10 -5.25
C LYS A 56 -1.31 -10.73 -5.26
N GLU A 57 -1.80 -9.80 -4.50
CA GLU A 57 -1.15 -8.46 -4.46
C GLU A 57 0.22 -8.59 -3.80
N ARG A 58 0.34 -9.43 -2.82
CA ARG A 58 1.66 -9.60 -2.14
C ARG A 58 2.70 -10.05 -3.16
N GLU A 59 2.38 -11.02 -3.97
CA GLU A 59 3.36 -11.49 -4.99
C GLU A 59 3.70 -10.34 -5.94
N GLN A 60 2.73 -9.55 -6.31
CA GLN A 60 3.01 -8.43 -7.26
C GLN A 60 3.97 -7.41 -6.63
N VAL A 61 3.83 -7.11 -5.37
CA VAL A 61 4.75 -6.12 -4.76
C VAL A 61 6.16 -6.71 -4.69
N ILE A 62 6.28 -7.91 -4.19
CA ILE A 62 7.63 -8.55 -4.10
C ILE A 62 8.22 -8.67 -5.51
N ALA A 63 7.43 -8.98 -6.49
CA ALA A 63 7.97 -9.11 -7.88
C ALA A 63 8.65 -7.78 -8.25
N HIS A 64 8.10 -6.69 -7.81
CA HIS A 64 8.70 -5.37 -8.12
C HIS A 64 10.11 -5.34 -7.54
N LEU A 65 10.29 -5.89 -6.37
CA LEU A 65 11.64 -5.91 -5.75
C LEU A 65 12.59 -6.67 -6.67
N GLY A 66 12.12 -7.75 -7.26
CA GLY A 66 12.97 -8.55 -8.17
C GLY A 66 13.37 -7.71 -9.39
N LEU A 67 12.71 -6.61 -9.61
CA LEU A 67 13.05 -5.76 -10.79
C LEU A 67 14.29 -4.91 -10.47
N SER A 68 15.46 -5.49 -10.58
CA SER A 68 16.72 -4.72 -10.31
C SER A 68 16.67 -4.07 -8.93
N THR A 69 15.90 -4.62 -8.03
CA THR A 69 15.82 -4.03 -6.65
C THR A 69 15.74 -5.17 -5.62
N LYS A 1 7.63 -7.62 14.24
CA LYS A 1 7.09 -8.88 13.63
C LYS A 1 5.84 -8.55 12.82
N SER A 2 5.90 -7.52 12.02
CA SER A 2 4.73 -7.14 11.19
C SER A 2 5.22 -6.29 10.02
N ILE A 3 4.36 -6.02 9.07
CA ILE A 3 4.75 -5.18 7.89
C ILE A 3 3.79 -4.02 7.75
N TRP A 4 4.30 -2.82 7.63
CA TRP A 4 3.44 -1.63 7.47
C TRP A 4 4.10 -0.70 6.45
N CYS A 5 3.41 -0.35 5.39
CA CYS A 5 4.00 0.53 4.35
C CYS A 5 3.04 1.67 4.00
N SER A 6 3.57 2.83 3.69
CA SER A 6 2.70 3.98 3.31
C SER A 6 2.13 3.73 1.92
N PRO A 7 1.05 4.39 1.58
CA PRO A 7 0.38 4.22 0.25
C PRO A 7 1.25 4.74 -0.90
N GLN A 8 2.07 5.72 -0.63
CA GLN A 8 2.94 6.24 -1.72
C GLN A 8 3.83 5.09 -2.20
N GLU A 9 4.35 4.32 -1.29
CA GLU A 9 5.20 3.17 -1.67
C GLU A 9 4.36 2.18 -2.48
N ILE A 10 3.14 1.94 -2.04
CA ILE A 10 2.27 0.99 -2.80
C ILE A 10 1.86 1.65 -4.11
N MET A 11 1.57 2.92 -4.08
CA MET A 11 1.15 3.63 -5.32
C MET A 11 2.15 3.35 -6.45
N ALA A 12 3.36 3.04 -6.14
CA ALA A 12 4.36 2.75 -7.21
C ALA A 12 4.12 1.35 -7.78
N ALA A 13 3.20 0.61 -7.20
CA ALA A 13 2.92 -0.77 -7.71
C ALA A 13 1.96 -0.71 -8.90
N ASP A 14 2.29 -1.35 -9.98
CA ASP A 14 1.40 -1.33 -11.18
C ASP A 14 0.04 -1.96 -10.83
N GLY A 15 0.05 -3.03 -10.06
CA GLY A 15 -1.24 -3.70 -9.70
C GLY A 15 -2.16 -2.70 -8.99
N MET A 16 -1.61 -1.60 -8.54
CA MET A 16 -2.44 -0.58 -7.83
C MET A 16 -2.17 0.80 -8.45
N PRO A 17 -2.78 1.07 -9.59
CA PRO A 17 -2.59 2.35 -10.33
C PRO A 17 -3.47 3.49 -9.80
N GLY A 18 -3.22 4.69 -10.27
CA GLY A 18 -4.01 5.86 -9.80
C GLY A 18 -3.12 6.68 -8.87
N SER A 19 -3.48 7.88 -8.55
CA SER A 19 -2.62 8.69 -7.66
C SER A 19 -2.68 8.09 -6.25
N VAL A 20 -2.18 8.78 -5.27
CA VAL A 20 -2.22 8.21 -3.89
C VAL A 20 -3.66 7.89 -3.52
N ALA A 21 -4.56 8.81 -3.70
CA ALA A 21 -5.98 8.53 -3.36
C ALA A 21 -6.49 7.38 -4.24
N GLY A 22 -6.03 7.30 -5.46
CA GLY A 22 -6.48 6.20 -6.36
C GLY A 22 -6.29 4.87 -5.64
N VAL A 23 -5.21 4.70 -4.93
CA VAL A 23 -5.00 3.43 -4.21
C VAL A 23 -6.11 3.25 -3.17
N HIS A 24 -6.47 4.32 -2.51
CA HIS A 24 -7.55 4.23 -1.49
C HIS A 24 -8.84 3.76 -2.16
N TYR A 25 -9.04 4.12 -3.40
CA TYR A 25 -10.27 3.65 -4.09
C TYR A 25 -10.24 2.13 -4.11
N ARG A 26 -9.14 1.57 -4.51
CA ARG A 26 -9.03 0.08 -4.52
C ARG A 26 -9.24 -0.43 -3.10
N ALA A 27 -8.58 0.18 -2.14
CA ALA A 27 -8.72 -0.26 -0.72
C ALA A 27 -10.06 0.23 -0.15
N ASN A 28 -10.85 0.89 -0.95
CA ASN A 28 -12.17 1.37 -0.44
C ASN A 28 -13.12 0.18 -0.35
N VAL A 29 -13.08 -0.69 -1.32
CA VAL A 29 -13.96 -1.89 -1.30
C VAL A 29 -13.52 -2.83 -0.17
N GLN A 30 -12.24 -3.06 -0.08
CA GLN A 30 -11.71 -3.97 0.98
C GLN A 30 -11.30 -3.14 2.21
N GLY A 31 -11.21 -3.77 3.35
CA GLY A 31 -10.82 -3.02 4.60
C GLY A 31 -9.48 -3.54 5.13
N TRP A 32 -8.42 -3.41 4.36
CA TRP A 32 -7.10 -3.89 4.85
C TRP A 32 -6.83 -3.30 6.22
N THR A 33 -5.77 -3.72 6.87
CA THR A 33 -5.45 -3.13 8.19
C THR A 33 -4.84 -1.75 7.94
N LYS A 34 -5.46 -0.72 8.46
CA LYS A 34 -4.95 0.66 8.23
C LYS A 34 -4.82 1.38 9.57
N ARG A 35 -3.95 2.36 9.65
CA ARG A 35 -3.78 3.10 10.93
C ARG A 35 -3.51 4.58 10.65
N LYS A 36 -4.23 5.44 11.32
CA LYS A 36 -4.02 6.90 11.12
C LYS A 36 -2.97 7.38 12.10
N LYS A 37 -2.16 8.34 11.71
CA LYS A 37 -1.11 8.85 12.64
C LYS A 37 -0.81 10.30 12.28
N GLU A 38 -0.36 11.08 13.23
CA GLU A 38 -0.04 12.50 12.93
C GLU A 38 1.17 12.54 12.01
N GLY A 39 1.15 13.42 11.04
CA GLY A 39 2.29 13.51 10.08
C GLY A 39 3.64 13.36 10.82
N VAL A 40 4.19 12.19 10.83
CA VAL A 40 5.50 11.99 11.50
C VAL A 40 6.53 12.91 10.82
N LYS A 41 6.47 12.97 9.52
CA LYS A 41 7.42 13.83 8.76
C LYS A 41 6.86 15.26 8.74
N GLY A 42 5.65 15.44 9.18
CA GLY A 42 5.03 16.79 9.18
C GLY A 42 4.14 16.93 7.94
N GLY A 43 3.35 15.92 7.64
CA GLY A 43 2.47 16.00 6.44
C GLY A 43 1.57 14.77 6.38
N LYS A 44 0.74 14.57 7.37
CA LYS A 44 -0.20 13.40 7.38
C LYS A 44 0.58 12.08 7.27
N ALA A 45 0.34 11.18 8.19
CA ALA A 45 1.04 9.84 8.17
C ALA A 45 0.01 8.72 8.19
N VAL A 46 -0.02 7.91 7.16
CA VAL A 46 -0.99 6.77 7.10
C VAL A 46 -0.24 5.52 6.62
N GLU A 47 -0.56 4.36 7.15
CA GLU A 47 0.18 3.11 6.74
C GLU A 47 -0.79 1.98 6.38
N TYR A 48 -0.36 1.08 5.53
CA TYR A 48 -1.18 -0.08 5.09
C TYR A 48 -0.35 -1.36 5.27
N ASP A 49 -0.97 -2.48 5.60
CA ASP A 49 -0.19 -3.76 5.79
C ASP A 49 -0.29 -4.65 4.55
N VAL A 50 0.82 -4.97 3.94
CA VAL A 50 0.80 -5.86 2.74
C VAL A 50 0.39 -7.27 3.16
N MET A 51 0.68 -7.64 4.38
CA MET A 51 0.34 -9.01 4.85
C MET A 51 -1.17 -9.14 5.03
N SER A 52 -1.91 -8.08 4.80
CA SER A 52 -3.40 -8.14 4.96
C SER A 52 -4.08 -8.29 3.59
N MET A 53 -3.42 -7.89 2.53
CA MET A 53 -4.05 -8.03 1.18
C MET A 53 -3.90 -9.49 0.70
N PRO A 54 -4.81 -9.99 -0.09
CA PRO A 54 -4.71 -11.39 -0.60
C PRO A 54 -3.28 -11.72 -1.06
N THR A 55 -3.01 -12.96 -1.34
CA THR A 55 -1.64 -13.35 -1.77
C THR A 55 -1.35 -12.81 -3.18
N LYS A 56 -2.34 -12.70 -4.02
CA LYS A 56 -2.10 -12.21 -5.41
C LYS A 56 -1.47 -10.81 -5.37
N GLU A 57 -2.03 -9.90 -4.61
CA GLU A 57 -1.43 -8.54 -4.55
C GLU A 57 -0.05 -8.63 -3.86
N ARG A 58 0.09 -9.53 -2.93
CA ARG A 58 1.39 -9.67 -2.23
C ARG A 58 2.48 -9.99 -3.24
N GLU A 59 2.22 -10.87 -4.17
CA GLU A 59 3.25 -11.21 -5.19
C GLU A 59 3.63 -9.97 -6.00
N GLN A 60 2.68 -9.15 -6.32
CA GLN A 60 2.97 -7.93 -7.13
C GLN A 60 3.95 -7.01 -6.37
N VAL A 61 3.84 -6.94 -5.07
CA VAL A 61 4.74 -6.03 -4.31
C VAL A 61 6.18 -6.57 -4.33
N ILE A 62 6.37 -7.83 -4.01
CA ILE A 62 7.75 -8.41 -4.02
C ILE A 62 8.33 -8.33 -5.44
N ALA A 63 7.54 -8.58 -6.45
CA ALA A 63 8.07 -8.53 -7.84
C ALA A 63 8.63 -7.14 -8.14
N HIS A 64 7.92 -6.10 -7.78
CA HIS A 64 8.44 -4.74 -8.05
C HIS A 64 9.77 -4.56 -7.34
N LEU A 65 9.87 -5.05 -6.14
CA LEU A 65 11.16 -4.94 -5.40
C LEU A 65 12.20 -5.76 -6.14
N GLY A 66 11.79 -6.81 -6.79
CA GLY A 66 12.74 -7.65 -7.56
C GLY A 66 13.51 -6.74 -8.53
N LEU A 67 12.90 -5.66 -8.95
CA LEU A 67 13.59 -4.73 -9.88
C LEU A 67 14.45 -3.75 -9.09
N SER A 68 13.82 -2.78 -8.47
CA SER A 68 14.58 -1.76 -7.66
C SER A 68 14.27 -1.96 -6.18
N THR A 69 15.29 -2.12 -5.37
CA THR A 69 15.06 -2.32 -3.91
C THR A 69 15.01 -0.96 -3.22
N LYS A 1 8.31 -8.82 12.41
CA LYS A 1 8.36 -9.28 11.00
C LYS A 1 7.20 -8.64 10.22
N SER A 2 6.67 -7.56 10.71
CA SER A 2 5.55 -6.88 10.01
C SER A 2 6.10 -6.05 8.84
N ILE A 3 5.26 -5.71 7.89
CA ILE A 3 5.72 -4.89 6.73
C ILE A 3 4.71 -3.75 6.52
N TRP A 4 5.20 -2.54 6.38
CA TRP A 4 4.29 -1.37 6.17
C TRP A 4 4.92 -0.45 5.13
N CYS A 5 4.17 -0.06 4.14
CA CYS A 5 4.73 0.83 3.07
C CYS A 5 3.76 2.00 2.83
N SER A 6 4.29 3.18 2.59
CA SER A 6 3.41 4.35 2.34
C SER A 6 2.78 4.21 0.94
N PRO A 7 1.68 4.86 0.71
CA PRO A 7 0.97 4.80 -0.61
C PRO A 7 1.91 5.12 -1.78
N GLN A 8 2.88 5.97 -1.57
CA GLN A 8 3.79 6.32 -2.69
C GLN A 8 4.46 5.04 -3.16
N GLU A 9 4.92 4.24 -2.24
CA GLU A 9 5.56 2.95 -2.62
C GLU A 9 4.54 2.11 -3.37
N ILE A 10 3.30 2.11 -2.93
CA ILE A 10 2.27 1.31 -3.63
C ILE A 10 1.99 1.93 -5.00
N MET A 11 1.79 3.22 -5.06
CA MET A 11 1.51 3.88 -6.37
C MET A 11 2.43 3.36 -7.46
N ALA A 12 3.63 2.97 -7.12
CA ALA A 12 4.57 2.49 -8.17
C ALA A 12 4.28 1.03 -8.53
N ALA A 13 3.44 0.35 -7.78
CA ALA A 13 3.14 -1.07 -8.12
C ALA A 13 2.05 -1.12 -9.19
N ASP A 14 2.31 -1.81 -10.28
CA ASP A 14 1.30 -1.90 -11.37
C ASP A 14 0.01 -2.53 -10.83
N GLY A 15 0.12 -3.53 -10.00
CA GLY A 15 -1.10 -4.20 -9.45
C GLY A 15 -2.03 -3.17 -8.81
N MET A 16 -1.50 -2.09 -8.29
CA MET A 16 -2.35 -1.05 -7.61
C MET A 16 -2.16 0.30 -8.35
N PRO A 17 -2.81 0.47 -9.48
CA PRO A 17 -2.69 1.73 -10.29
C PRO A 17 -3.57 2.86 -9.75
N GLY A 18 -3.30 4.07 -10.18
CA GLY A 18 -4.10 5.25 -9.72
C GLY A 18 -3.22 6.11 -8.81
N SER A 19 -3.56 7.35 -8.62
CA SER A 19 -2.71 8.21 -7.76
C SER A 19 -2.88 7.79 -6.30
N VAL A 20 -2.50 8.62 -5.36
CA VAL A 20 -2.63 8.22 -3.94
C VAL A 20 -4.11 7.91 -3.65
N ALA A 21 -5.00 8.82 -3.94
CA ALA A 21 -6.44 8.55 -3.67
C ALA A 21 -6.91 7.36 -4.52
N GLY A 22 -6.46 7.25 -5.73
CA GLY A 22 -6.89 6.11 -6.59
C GLY A 22 -6.64 4.80 -5.84
N VAL A 23 -5.50 4.68 -5.21
CA VAL A 23 -5.22 3.44 -4.44
C VAL A 23 -6.23 3.33 -3.29
N HIS A 24 -6.51 4.43 -2.63
CA HIS A 24 -7.50 4.41 -1.52
C HIS A 24 -8.85 3.96 -2.08
N TYR A 25 -9.17 4.40 -3.26
CA TYR A 25 -10.48 4.03 -3.86
C TYR A 25 -10.58 2.50 -3.98
N ARG A 26 -9.54 1.85 -4.43
CA ARG A 26 -9.62 0.37 -4.55
C ARG A 26 -9.72 -0.25 -3.15
N ALA A 27 -8.98 0.26 -2.20
CA ALA A 27 -9.00 -0.32 -0.83
C ALA A 27 -10.17 0.22 0.00
N ASN A 28 -11.03 1.03 -0.57
CA ASN A 28 -12.18 1.53 0.25
C ASN A 28 -13.18 0.38 0.43
N VAL A 29 -13.39 -0.40 -0.60
CA VAL A 29 -14.33 -1.54 -0.50
C VAL A 29 -13.71 -2.62 0.41
N GLN A 30 -12.43 -2.84 0.30
CA GLN A 30 -11.76 -3.86 1.16
C GLN A 30 -11.33 -3.21 2.47
N GLY A 31 -11.33 -3.96 3.54
CA GLY A 31 -10.92 -3.39 4.86
C GLY A 31 -9.40 -3.52 5.02
N TRP A 32 -8.67 -2.86 4.17
CA TRP A 32 -7.17 -2.93 4.26
C TRP A 32 -6.72 -2.45 5.64
N THR A 33 -5.60 -2.93 6.10
CA THR A 33 -5.08 -2.48 7.42
C THR A 33 -4.45 -1.09 7.24
N LYS A 34 -4.93 -0.11 7.96
CA LYS A 34 -4.38 1.27 7.83
C LYS A 34 -4.05 1.83 9.22
N ARG A 35 -3.06 2.68 9.30
CA ARG A 35 -2.68 3.30 10.60
C ARG A 35 -2.32 4.77 10.37
N LYS A 36 -2.87 5.65 11.16
CA LYS A 36 -2.56 7.09 10.98
C LYS A 36 -1.34 7.46 11.84
N LYS A 37 -0.23 7.75 11.21
CA LYS A 37 0.99 8.12 11.99
C LYS A 37 1.02 9.63 12.22
N GLU A 38 1.09 10.03 13.48
CA GLU A 38 1.14 11.48 13.84
C GLU A 38 0.26 12.30 12.89
N GLY A 39 0.55 13.57 12.75
CA GLY A 39 -0.26 14.44 11.84
C GLY A 39 0.69 15.30 11.01
N VAL A 40 1.53 14.69 10.23
CA VAL A 40 2.48 15.48 9.40
C VAL A 40 1.70 16.45 8.52
N LYS A 41 2.20 17.63 8.32
CA LYS A 41 1.48 18.61 7.48
C LYS A 41 1.30 18.05 6.07
N GLY A 42 0.14 18.25 5.47
CA GLY A 42 -0.12 17.74 4.09
C GLY A 42 -1.43 16.93 4.08
N GLY A 43 -1.54 15.94 4.93
CA GLY A 43 -2.79 15.12 4.96
C GLY A 43 -2.60 13.92 5.90
N LYS A 44 -1.94 14.13 7.01
CA LYS A 44 -1.72 13.01 7.99
C LYS A 44 -0.97 11.86 7.29
N ALA A 45 -0.13 11.16 8.01
CA ALA A 45 0.63 10.04 7.37
C ALA A 45 -0.18 8.74 7.47
N VAL A 46 -0.26 7.98 6.41
CA VAL A 46 -1.03 6.70 6.42
C VAL A 46 -0.18 5.57 5.83
N GLU A 47 -0.26 4.40 6.41
CA GLU A 47 0.54 3.23 5.89
C GLU A 47 -0.37 2.01 5.73
N TYR A 48 -0.04 1.15 4.79
CA TYR A 48 -0.87 -0.08 4.55
C TYR A 48 0.00 -1.32 4.78
N ASP A 49 -0.57 -2.37 5.31
CA ASP A 49 0.23 -3.62 5.53
C ASP A 49 0.11 -4.52 4.30
N VAL A 50 1.20 -4.72 3.59
CA VAL A 50 1.14 -5.59 2.37
C VAL A 50 0.78 -7.02 2.77
N MET A 51 1.18 -7.44 3.93
CA MET A 51 0.87 -8.85 4.36
C MET A 51 -0.61 -8.98 4.69
N SER A 52 -1.38 -7.93 4.49
CA SER A 52 -2.84 -8.01 4.79
C SER A 52 -3.62 -8.21 3.48
N MET A 53 -3.01 -7.89 2.36
CA MET A 53 -3.70 -8.08 1.05
C MET A 53 -3.60 -9.55 0.62
N PRO A 54 -4.57 -10.06 -0.11
CA PRO A 54 -4.55 -11.47 -0.59
C PRO A 54 -3.15 -11.93 -1.02
N THR A 55 -2.91 -13.22 -1.05
CA THR A 55 -1.57 -13.73 -1.46
C THR A 55 -1.25 -13.31 -2.90
N LYS A 56 -2.21 -13.34 -3.77
CA LYS A 56 -1.93 -12.96 -5.20
C LYS A 56 -1.38 -11.54 -5.24
N GLU A 57 -2.05 -10.60 -4.61
CA GLU A 57 -1.53 -9.20 -4.61
C GLU A 57 -0.19 -9.16 -3.89
N ARG A 58 -0.05 -9.93 -2.85
CA ARG A 58 1.23 -9.94 -2.08
C ARG A 58 2.38 -10.35 -3.03
N GLU A 59 2.17 -11.35 -3.84
CA GLU A 59 3.24 -11.78 -4.79
C GLU A 59 3.56 -10.65 -5.77
N GLN A 60 2.56 -9.95 -6.22
CA GLN A 60 2.81 -8.85 -7.20
C GLN A 60 3.63 -7.73 -6.54
N VAL A 61 3.35 -7.42 -5.31
CA VAL A 61 4.14 -6.32 -4.65
C VAL A 61 5.57 -6.82 -4.44
N ILE A 62 5.74 -8.02 -3.99
CA ILE A 62 7.12 -8.56 -3.79
C ILE A 62 7.87 -8.56 -5.12
N ALA A 63 7.21 -8.91 -6.19
CA ALA A 63 7.89 -8.92 -7.51
C ALA A 63 8.52 -7.55 -7.75
N HIS A 64 7.82 -6.50 -7.39
CA HIS A 64 8.38 -5.14 -7.58
C HIS A 64 9.62 -4.97 -6.69
N LEU A 65 9.58 -5.48 -5.49
CA LEU A 65 10.74 -5.35 -4.57
C LEU A 65 11.98 -6.01 -5.20
N GLY A 66 11.81 -7.14 -5.83
CA GLY A 66 12.97 -7.86 -6.43
C GLY A 66 13.64 -7.02 -7.52
N LEU A 67 12.86 -6.34 -8.34
CA LEU A 67 13.48 -5.52 -9.43
C LEU A 67 13.80 -4.12 -8.92
N SER A 68 13.47 -3.82 -7.69
CA SER A 68 13.79 -2.47 -7.14
C SER A 68 15.23 -2.46 -6.63
N THR A 69 15.84 -3.61 -6.54
CA THR A 69 17.26 -3.72 -6.06
C THR A 69 18.11 -4.33 -7.17
N LYS A 1 8.62 -6.92 13.47
CA LYS A 1 8.40 -8.10 12.59
C LYS A 1 7.15 -7.86 11.73
N SER A 2 6.44 -6.81 11.98
CA SER A 2 5.22 -6.53 11.17
C SER A 2 5.63 -5.92 9.82
N ILE A 3 4.74 -5.92 8.87
CA ILE A 3 5.05 -5.36 7.52
C ILE A 3 4.15 -4.15 7.24
N TRP A 4 4.71 -3.02 6.90
CA TRP A 4 3.87 -1.82 6.60
C TRP A 4 4.55 -1.04 5.47
N CYS A 5 3.82 -0.68 4.44
CA CYS A 5 4.42 0.08 3.29
C CYS A 5 3.60 1.35 3.03
N SER A 6 4.25 2.47 2.89
CA SER A 6 3.53 3.75 2.63
C SER A 6 3.04 3.81 1.16
N PRO A 7 1.95 4.50 0.89
CA PRO A 7 1.40 4.61 -0.49
C PRO A 7 2.48 4.79 -1.57
N GLN A 8 3.57 5.42 -1.23
CA GLN A 8 4.64 5.63 -2.24
C GLN A 8 5.12 4.26 -2.73
N GLU A 9 5.25 3.32 -1.83
CA GLU A 9 5.69 1.96 -2.24
C GLU A 9 4.58 1.29 -3.05
N ILE A 10 3.35 1.42 -2.61
CA ILE A 10 2.23 0.77 -3.36
C ILE A 10 2.02 1.51 -4.68
N MET A 11 1.88 2.80 -4.65
CA MET A 11 1.67 3.57 -5.92
C MET A 11 2.64 3.11 -6.99
N ALA A 12 3.82 2.69 -6.62
CA ALA A 12 4.80 2.23 -7.65
C ALA A 12 4.48 0.80 -8.07
N ALA A 13 3.55 0.15 -7.40
CA ALA A 13 3.20 -1.24 -7.77
C ALA A 13 2.21 -1.24 -8.94
N ASP A 14 2.51 -1.98 -9.97
CA ASP A 14 1.59 -2.04 -11.15
C ASP A 14 0.23 -2.58 -10.69
N GLY A 15 0.22 -3.55 -9.82
CA GLY A 15 -1.06 -4.14 -9.36
C GLY A 15 -1.96 -3.04 -8.77
N MET A 16 -1.38 -2.03 -8.18
CA MET A 16 -2.19 -0.93 -7.57
C MET A 16 -1.80 0.41 -8.21
N PRO A 17 -2.31 0.68 -9.39
CA PRO A 17 -1.98 1.93 -10.13
C PRO A 17 -2.87 3.10 -9.71
N GLY A 18 -2.60 4.28 -10.21
CA GLY A 18 -3.41 5.47 -9.86
C GLY A 18 -2.70 6.23 -8.74
N SER A 19 -3.10 7.43 -8.47
CA SER A 19 -2.43 8.21 -7.40
C SER A 19 -2.78 7.59 -6.04
N VAL A 20 -2.45 8.25 -4.97
CA VAL A 20 -2.74 7.66 -3.63
C VAL A 20 -4.23 7.30 -3.54
N ALA A 21 -5.10 8.17 -3.96
CA ALA A 21 -6.56 7.86 -3.87
C ALA A 21 -6.88 6.59 -4.69
N GLY A 22 -6.29 6.46 -5.84
CA GLY A 22 -6.56 5.24 -6.66
C GLY A 22 -6.23 4.00 -5.82
N VAL A 23 -5.16 4.06 -5.09
CA VAL A 23 -4.80 2.90 -4.23
C VAL A 23 -5.88 2.71 -3.17
N HIS A 24 -6.36 3.80 -2.62
CA HIS A 24 -7.42 3.71 -1.58
C HIS A 24 -8.67 3.09 -2.21
N TYR A 25 -8.86 3.28 -3.48
CA TYR A 25 -10.07 2.71 -4.13
C TYR A 25 -10.05 1.19 -3.93
N ARG A 26 -8.95 0.54 -4.23
CA ARG A 26 -8.91 -0.93 -4.03
C ARG A 26 -9.08 -1.23 -2.54
N ALA A 27 -8.47 -0.44 -1.71
CA ALA A 27 -8.55 -0.67 -0.23
C ALA A 27 -9.84 -0.04 0.34
N ASN A 28 -10.62 0.62 -0.48
CA ASN A 28 -11.88 1.22 0.02
C ASN A 28 -12.92 0.10 0.19
N VAL A 29 -13.10 -0.68 -0.84
CA VAL A 29 -14.08 -1.80 -0.78
C VAL A 29 -13.56 -2.88 0.16
N GLN A 30 -12.32 -3.26 0.02
CA GLN A 30 -11.76 -4.32 0.89
C GLN A 30 -11.38 -3.74 2.25
N GLY A 31 -11.49 -4.53 3.29
CA GLY A 31 -11.15 -4.05 4.65
C GLY A 31 -9.65 -4.19 4.90
N TRP A 32 -8.85 -3.47 4.16
CA TRP A 32 -7.38 -3.55 4.36
C TRP A 32 -7.03 -3.05 5.77
N THR A 33 -5.95 -3.52 6.33
CA THR A 33 -5.55 -3.00 7.66
C THR A 33 -4.96 -1.60 7.43
N LYS A 34 -5.43 -0.61 8.15
CA LYS A 34 -4.93 0.79 7.92
C LYS A 34 -4.57 1.46 9.25
N ARG A 35 -3.62 2.35 9.21
CA ARG A 35 -3.21 3.10 10.44
C ARG A 35 -2.73 4.48 10.00
N LYS A 36 -2.46 5.37 10.92
CA LYS A 36 -2.01 6.73 10.50
C LYS A 36 -1.03 7.31 11.53
N LYS A 37 0.21 7.42 11.16
CA LYS A 37 1.24 8.00 12.06
C LYS A 37 1.15 9.51 11.97
N GLU A 38 1.76 10.23 12.86
CA GLU A 38 1.67 11.71 12.79
C GLU A 38 2.36 12.19 11.51
N GLY A 39 1.77 13.14 10.83
CA GLY A 39 2.37 13.63 9.56
C GLY A 39 3.87 13.88 9.76
N VAL A 40 4.69 13.23 8.98
CA VAL A 40 6.16 13.45 9.11
C VAL A 40 6.55 14.68 8.28
N LYS A 41 6.90 14.49 7.04
CA LYS A 41 7.26 15.66 6.18
C LYS A 41 6.01 16.07 5.39
N GLY A 42 5.11 15.14 5.18
CA GLY A 42 3.86 15.44 4.43
C GLY A 42 2.69 15.57 5.42
N GLY A 43 1.52 15.91 4.94
CA GLY A 43 0.36 16.06 5.86
C GLY A 43 -0.26 14.68 6.17
N LYS A 44 -0.30 14.32 7.41
CA LYS A 44 -0.90 13.00 7.80
C LYS A 44 -0.22 11.85 7.05
N ALA A 45 0.39 10.95 7.77
CA ALA A 45 1.05 9.78 7.12
C ALA A 45 0.13 8.56 7.25
N VAL A 46 -0.02 7.80 6.20
CA VAL A 46 -0.90 6.59 6.24
C VAL A 46 -0.17 5.39 5.67
N GLU A 47 -0.33 4.23 6.28
CA GLU A 47 0.37 3.00 5.79
C GLU A 47 -0.60 1.83 5.72
N TYR A 48 -0.30 0.87 4.88
CA TYR A 48 -1.17 -0.34 4.73
C TYR A 48 -0.35 -1.57 5.10
N ASP A 49 -0.91 -2.51 5.79
CA ASP A 49 -0.14 -3.73 6.15
C ASP A 49 -0.25 -4.76 5.02
N VAL A 50 0.81 -4.99 4.31
CA VAL A 50 0.77 -5.97 3.18
C VAL A 50 0.58 -7.39 3.71
N MET A 51 0.79 -7.60 4.98
CA MET A 51 0.66 -8.98 5.53
C MET A 51 -0.82 -9.38 5.62
N SER A 52 -1.72 -8.45 5.40
CA SER A 52 -3.19 -8.78 5.49
C SER A 52 -3.83 -8.77 4.09
N MET A 53 -3.13 -8.33 3.08
CA MET A 53 -3.74 -8.30 1.71
C MET A 53 -3.70 -9.69 1.06
N PRO A 54 -4.65 -10.02 0.20
CA PRO A 54 -4.68 -11.32 -0.52
C PRO A 54 -3.28 -11.75 -1.00
N THR A 55 -3.10 -12.99 -1.35
CA THR A 55 -1.77 -13.44 -1.83
C THR A 55 -1.50 -12.89 -3.23
N LYS A 56 -2.52 -12.78 -4.05
CA LYS A 56 -2.31 -12.28 -5.44
C LYS A 56 -1.70 -10.87 -5.40
N GLU A 57 -2.23 -10.00 -4.58
CA GLU A 57 -1.65 -8.62 -4.50
C GLU A 57 -0.21 -8.73 -3.98
N ARG A 58 0.02 -9.58 -3.02
CA ARG A 58 1.41 -9.73 -2.46
C ARG A 58 2.39 -10.15 -3.56
N GLU A 59 2.01 -11.03 -4.43
CA GLU A 59 2.97 -11.46 -5.50
C GLU A 59 3.37 -10.25 -6.33
N GLN A 60 2.44 -9.38 -6.61
CA GLN A 60 2.75 -8.17 -7.42
C GLN A 60 3.69 -7.24 -6.62
N VAL A 61 3.49 -7.13 -5.34
CA VAL A 61 4.36 -6.22 -4.53
C VAL A 61 5.79 -6.79 -4.47
N ILE A 62 5.92 -8.06 -4.21
CA ILE A 62 7.29 -8.66 -4.13
C ILE A 62 7.99 -8.48 -5.49
N ALA A 63 7.28 -8.65 -6.57
CA ALA A 63 7.93 -8.49 -7.90
C ALA A 63 8.53 -7.09 -8.02
N HIS A 64 7.85 -6.08 -7.54
CA HIS A 64 8.40 -4.71 -7.63
C HIS A 64 9.64 -4.59 -6.76
N LEU A 65 9.64 -5.17 -5.59
CA LEU A 65 10.86 -5.08 -4.75
C LEU A 65 12.02 -5.71 -5.51
N GLY A 66 11.77 -6.79 -6.18
CA GLY A 66 12.85 -7.45 -6.97
C GLY A 66 13.46 -6.38 -7.89
N LEU A 67 12.63 -5.45 -8.33
CA LEU A 67 13.13 -4.36 -9.21
C LEU A 67 13.72 -3.27 -8.31
N SER A 68 14.46 -2.34 -8.86
CA SER A 68 15.06 -1.27 -8.02
C SER A 68 13.95 -0.40 -7.43
N THR A 69 13.99 -0.15 -6.15
CA THR A 69 12.95 0.70 -5.51
C THR A 69 13.24 2.17 -5.83
N LYS A 1 9.27 -10.20 10.55
CA LYS A 1 9.00 -8.82 11.03
C LYS A 1 7.67 -8.33 10.44
N SER A 2 7.14 -7.25 10.95
CA SER A 2 5.84 -6.74 10.42
C SER A 2 6.10 -5.97 9.12
N ILE A 3 5.06 -5.68 8.37
CA ILE A 3 5.24 -4.95 7.07
C ILE A 3 4.22 -3.81 6.96
N TRP A 4 4.68 -2.61 6.73
CA TRP A 4 3.74 -1.45 6.58
C TRP A 4 4.38 -0.47 5.59
N CYS A 5 3.64 -0.04 4.59
CA CYS A 5 4.22 0.92 3.59
C CYS A 5 3.24 2.05 3.30
N SER A 6 3.75 3.21 3.00
CA SER A 6 2.86 4.38 2.68
C SER A 6 2.27 4.15 1.27
N PRO A 7 1.24 4.88 0.92
CA PRO A 7 0.60 4.73 -0.41
C PRO A 7 1.56 5.10 -1.55
N GLN A 8 2.51 5.95 -1.27
CA GLN A 8 3.49 6.34 -2.32
C GLN A 8 4.22 5.09 -2.81
N GLU A 9 4.60 4.25 -1.90
CA GLU A 9 5.31 3.00 -2.31
C GLU A 9 4.31 2.09 -3.03
N ILE A 10 3.10 2.03 -2.54
CA ILE A 10 2.08 1.16 -3.17
C ILE A 10 1.62 1.73 -4.51
N MET A 11 1.18 2.97 -4.54
CA MET A 11 0.69 3.54 -5.83
C MET A 11 1.80 3.44 -6.89
N ALA A 12 3.03 3.26 -6.47
CA ALA A 12 4.13 3.11 -7.46
C ALA A 12 4.13 1.66 -7.94
N ALA A 13 3.36 0.83 -7.29
CA ALA A 13 3.29 -0.61 -7.68
C ALA A 13 2.29 -0.78 -8.83
N ASP A 14 2.68 -1.44 -9.88
CA ASP A 14 1.75 -1.64 -11.02
C ASP A 14 0.53 -2.43 -10.53
N GLY A 15 0.70 -3.20 -9.50
CA GLY A 15 -0.43 -4.01 -8.96
C GLY A 15 -1.57 -3.07 -8.56
N MET A 16 -1.25 -1.88 -8.10
CA MET A 16 -2.31 -0.91 -7.68
C MET A 16 -2.21 0.36 -8.56
N PRO A 17 -2.95 0.44 -9.63
CA PRO A 17 -2.91 1.64 -10.53
C PRO A 17 -3.73 2.79 -9.99
N GLY A 18 -3.40 4.00 -10.39
CA GLY A 18 -4.14 5.20 -9.89
C GLY A 18 -3.19 5.98 -9.00
N SER A 19 -3.45 7.23 -8.78
CA SER A 19 -2.53 8.03 -7.93
C SER A 19 -2.71 7.66 -6.47
N VAL A 20 -2.32 8.53 -5.57
CA VAL A 20 -2.44 8.23 -4.13
C VAL A 20 -3.91 7.97 -3.76
N ALA A 21 -4.79 8.89 -4.05
CA ALA A 21 -6.22 8.69 -3.72
C ALA A 21 -6.76 7.48 -4.51
N GLY A 22 -6.37 7.33 -5.73
CA GLY A 22 -6.88 6.18 -6.53
C GLY A 22 -6.66 4.89 -5.74
N VAL A 23 -5.51 4.74 -5.13
CA VAL A 23 -5.25 3.51 -4.34
C VAL A 23 -6.25 3.46 -3.18
N HIS A 24 -6.52 4.59 -2.57
CA HIS A 24 -7.49 4.63 -1.44
C HIS A 24 -8.87 4.19 -1.95
N TYR A 25 -9.23 4.58 -3.13
CA TYR A 25 -10.57 4.21 -3.67
C TYR A 25 -10.75 2.69 -3.60
N ARG A 26 -9.88 1.93 -4.23
CA ARG A 26 -10.02 0.45 -4.16
C ARG A 26 -9.77 -0.03 -2.73
N ALA A 27 -8.80 0.53 -2.06
CA ALA A 27 -8.50 0.10 -0.67
C ALA A 27 -9.78 0.05 0.17
N ASN A 28 -10.66 1.01 0.01
CA ASN A 28 -11.90 1.01 0.81
C ASN A 28 -12.73 -0.23 0.49
N VAL A 29 -12.78 -0.61 -0.75
CA VAL A 29 -13.58 -1.82 -1.11
C VAL A 29 -12.94 -3.05 -0.48
N GLN A 30 -11.64 -3.11 -0.47
CA GLN A 30 -10.94 -4.28 0.15
C GLN A 30 -10.80 -4.05 1.65
N GLY A 31 -10.74 -5.11 2.42
CA GLY A 31 -10.61 -4.95 3.91
C GLY A 31 -9.13 -5.01 4.31
N TRP A 32 -8.32 -4.16 3.74
CA TRP A 32 -6.87 -4.15 4.11
C TRP A 32 -6.71 -3.56 5.51
N THR A 33 -5.71 -3.99 6.24
CA THR A 33 -5.50 -3.40 7.59
C THR A 33 -4.85 -2.02 7.39
N LYS A 34 -5.37 -1.01 8.03
CA LYS A 34 -4.81 0.37 7.83
C LYS A 34 -4.63 1.09 9.17
N ARG A 35 -3.76 2.06 9.19
CA ARG A 35 -3.54 2.87 10.42
C ARG A 35 -3.27 4.31 9.96
N LYS A 36 -4.07 5.25 10.40
CA LYS A 36 -3.90 6.65 9.94
C LYS A 36 -2.84 7.37 10.77
N LYS A 37 -1.92 8.04 10.11
CA LYS A 37 -0.89 8.80 10.86
C LYS A 37 -1.45 10.20 11.10
N GLU A 38 -2.05 10.43 12.24
CA GLU A 38 -2.66 11.75 12.51
C GLU A 38 -3.65 12.09 11.38
N GLY A 39 -4.47 13.09 11.55
CA GLY A 39 -5.47 13.43 10.48
C GLY A 39 -4.79 13.66 9.14
N VAL A 40 -5.38 13.19 8.07
CA VAL A 40 -4.78 13.38 6.70
C VAL A 40 -5.69 14.27 5.85
N LYS A 41 -5.14 15.31 5.28
CA LYS A 41 -5.95 16.22 4.41
C LYS A 41 -5.00 16.91 3.43
N GLY A 42 -3.92 17.45 3.94
CA GLY A 42 -2.91 18.14 3.07
C GLY A 42 -1.53 17.58 3.40
N GLY A 43 -1.35 17.14 4.61
CA GLY A 43 -0.05 16.56 5.05
C GLY A 43 -0.33 15.27 5.80
N LYS A 44 0.55 14.82 6.65
CA LYS A 44 0.30 13.57 7.42
C LYS A 44 -0.10 12.47 6.43
N ALA A 45 -0.38 11.27 6.88
CA ALA A 45 -0.73 10.21 5.88
C ALA A 45 -1.28 8.94 6.55
N VAL A 46 -1.41 7.89 5.75
CA VAL A 46 -1.94 6.59 6.26
C VAL A 46 -1.07 5.46 5.68
N GLU A 47 -1.10 4.28 6.27
CA GLU A 47 -0.25 3.15 5.76
C GLU A 47 -1.08 1.86 5.60
N TYR A 48 -0.65 0.98 4.72
CA TYR A 48 -1.37 -0.32 4.49
C TYR A 48 -0.37 -1.46 4.70
N ASP A 49 -0.77 -2.55 5.32
CA ASP A 49 0.18 -3.69 5.54
C ASP A 49 0.01 -4.73 4.44
N VAL A 50 1.10 -5.16 3.86
CA VAL A 50 1.05 -6.18 2.78
C VAL A 50 0.64 -7.54 3.36
N MET A 51 0.79 -7.71 4.64
CA MET A 51 0.46 -9.02 5.27
C MET A 51 -1.06 -9.25 5.27
N SER A 52 -1.83 -8.24 4.92
CA SER A 52 -3.33 -8.40 4.91
C SER A 52 -3.82 -8.45 3.45
N MET A 53 -2.99 -8.11 2.51
CA MET A 53 -3.43 -8.13 1.08
C MET A 53 -3.43 -9.58 0.56
N PRO A 54 -4.42 -10.00 -0.22
CA PRO A 54 -4.46 -11.39 -0.77
C PRO A 54 -3.09 -11.83 -1.32
N THR A 55 -2.93 -13.10 -1.58
CA THR A 55 -1.63 -13.59 -2.10
C THR A 55 -1.35 -13.02 -3.50
N LYS A 56 -2.35 -12.92 -4.34
CA LYS A 56 -2.11 -12.40 -5.72
C LYS A 56 -1.45 -11.01 -5.63
N GLU A 57 -1.99 -10.13 -4.83
CA GLU A 57 -1.37 -8.78 -4.70
C GLU A 57 0.02 -8.94 -4.08
N ARG A 58 0.15 -9.83 -3.13
CA ARG A 58 1.46 -10.02 -2.47
C ARG A 58 2.52 -10.41 -3.51
N GLU A 59 2.18 -11.29 -4.41
CA GLU A 59 3.17 -11.70 -5.46
C GLU A 59 3.60 -10.46 -6.25
N GLN A 60 2.65 -9.60 -6.54
CA GLN A 60 2.96 -8.38 -7.34
C GLN A 60 3.89 -7.44 -6.55
N VAL A 61 3.77 -7.40 -5.25
CA VAL A 61 4.67 -6.50 -4.46
C VAL A 61 6.10 -7.03 -4.50
N ILE A 62 6.27 -8.32 -4.41
CA ILE A 62 7.64 -8.91 -4.44
C ILE A 62 8.30 -8.53 -5.77
N ALA A 63 7.54 -8.56 -6.84
CA ALA A 63 8.12 -8.21 -8.16
C ALA A 63 8.67 -6.78 -8.11
N HIS A 64 7.95 -5.87 -7.50
CA HIS A 64 8.45 -4.47 -7.42
C HIS A 64 9.79 -4.44 -6.69
N LEU A 65 9.88 -5.07 -5.55
CA LEU A 65 11.15 -5.07 -4.80
C LEU A 65 12.18 -5.93 -5.55
N GLY A 66 11.71 -6.88 -6.31
CA GLY A 66 12.65 -7.77 -7.07
C GLY A 66 13.56 -6.93 -7.97
N LEU A 67 13.05 -5.85 -8.53
CA LEU A 67 13.92 -5.02 -9.42
C LEU A 67 14.79 -4.10 -8.55
N SER A 68 15.76 -3.46 -9.15
CA SER A 68 16.66 -2.58 -8.34
C SER A 68 15.84 -1.56 -7.55
N THR A 69 16.17 -1.39 -6.30
CA THR A 69 15.43 -0.42 -5.44
C THR A 69 16.07 0.96 -5.57
N LYS A 1 8.37 -9.54 13.04
CA LYS A 1 8.75 -8.61 11.93
C LYS A 1 7.50 -8.26 11.12
N SER A 2 6.82 -7.21 11.48
CA SER A 2 5.60 -6.81 10.72
C SER A 2 6.03 -6.06 9.47
N ILE A 3 5.12 -5.86 8.54
CA ILE A 3 5.48 -5.12 7.29
C ILE A 3 4.43 -4.02 7.05
N TRP A 4 4.89 -2.83 6.81
CA TRP A 4 3.94 -1.69 6.55
C TRP A 4 4.54 -0.85 5.43
N CYS A 5 3.73 -0.44 4.47
CA CYS A 5 4.27 0.38 3.33
C CYS A 5 3.39 1.62 3.12
N SER A 6 4.01 2.74 2.89
CA SER A 6 3.23 3.99 2.67
C SER A 6 2.58 3.90 1.29
N PRO A 7 1.48 4.59 1.07
CA PRO A 7 0.77 4.58 -0.24
C PRO A 7 1.72 4.88 -1.41
N GLN A 8 2.69 5.73 -1.20
CA GLN A 8 3.63 6.06 -2.31
C GLN A 8 4.33 4.78 -2.74
N GLU A 9 4.77 3.99 -1.81
CA GLU A 9 5.43 2.71 -2.17
C GLU A 9 4.44 1.85 -2.96
N ILE A 10 3.20 1.85 -2.55
CA ILE A 10 2.19 1.04 -3.28
C ILE A 10 1.97 1.65 -4.66
N MET A 11 1.81 2.95 -4.74
CA MET A 11 1.61 3.58 -6.07
C MET A 11 2.66 3.08 -7.05
N ALA A 12 3.75 2.56 -6.57
CA ALA A 12 4.81 2.06 -7.50
C ALA A 12 4.41 0.68 -8.02
N ALA A 13 3.39 0.08 -7.45
CA ALA A 13 2.95 -1.27 -7.92
C ALA A 13 1.98 -1.10 -9.10
N ASP A 14 2.28 -1.71 -10.21
CA ASP A 14 1.37 -1.59 -11.39
C ASP A 14 0.00 -2.16 -11.05
N GLY A 15 -0.05 -3.23 -10.30
CA GLY A 15 -1.35 -3.85 -9.94
C GLY A 15 -2.27 -2.82 -9.26
N MET A 16 -1.71 -1.78 -8.71
CA MET A 16 -2.54 -0.74 -8.01
C MET A 16 -2.27 0.64 -8.63
N PRO A 17 -2.89 0.91 -9.77
CA PRO A 17 -2.71 2.20 -10.50
C PRO A 17 -3.57 3.34 -9.93
N GLY A 18 -3.28 4.55 -10.34
CA GLY A 18 -4.06 5.72 -9.84
C GLY A 18 -3.25 6.43 -8.76
N SER A 19 -3.60 7.63 -8.43
CA SER A 19 -2.83 8.36 -7.38
C SER A 19 -3.13 7.72 -6.03
N VAL A 20 -2.73 8.35 -4.96
CA VAL A 20 -2.97 7.75 -3.63
C VAL A 20 -4.48 7.49 -3.43
N ALA A 21 -5.32 8.44 -3.75
CA ALA A 21 -6.78 8.22 -3.58
C ALA A 21 -7.23 7.03 -4.45
N GLY A 22 -6.71 6.92 -5.64
CA GLY A 22 -7.11 5.78 -6.52
C GLY A 22 -6.85 4.46 -5.80
N VAL A 23 -5.74 4.36 -5.11
CA VAL A 23 -5.44 3.10 -4.39
C VAL A 23 -6.54 2.85 -3.34
N HIS A 24 -6.98 3.90 -2.69
CA HIS A 24 -8.06 3.76 -1.67
C HIS A 24 -9.34 3.25 -2.33
N TYR A 25 -9.64 3.71 -3.51
CA TYR A 25 -10.88 3.26 -4.19
C TYR A 25 -10.85 1.74 -4.34
N ARG A 26 -9.79 1.20 -4.85
CA ARG A 26 -9.69 -0.28 -5.00
C ARG A 26 -9.82 -0.94 -3.61
N ALA A 27 -9.05 -0.48 -2.66
CA ALA A 27 -9.08 -1.08 -1.30
C ALA A 27 -10.29 -0.55 -0.51
N ASN A 28 -11.20 0.12 -1.17
CA ASN A 28 -12.40 0.64 -0.47
C ASN A 28 -13.34 -0.53 -0.15
N VAL A 29 -13.48 -1.44 -1.06
CA VAL A 29 -14.40 -2.61 -0.83
C VAL A 29 -13.85 -3.46 0.31
N GLN A 30 -12.58 -3.76 0.29
CA GLN A 30 -11.99 -4.61 1.37
C GLN A 30 -11.59 -3.75 2.57
N GLY A 31 -11.51 -4.34 3.73
CA GLY A 31 -11.12 -3.60 4.96
C GLY A 31 -9.64 -3.80 5.24
N TRP A 32 -8.80 -3.27 4.40
CA TRP A 32 -7.32 -3.44 4.59
C TRP A 32 -6.92 -2.89 5.97
N THR A 33 -5.80 -3.33 6.48
CA THR A 33 -5.32 -2.79 7.79
C THR A 33 -4.76 -1.40 7.52
N LYS A 34 -5.31 -0.40 8.14
CA LYS A 34 -4.84 1.00 7.90
C LYS A 34 -4.67 1.74 9.22
N ARG A 35 -3.73 2.65 9.29
CA ARG A 35 -3.55 3.44 10.55
C ARG A 35 -3.08 4.84 10.19
N LYS A 36 -3.49 5.83 10.95
CA LYS A 36 -3.10 7.23 10.64
C LYS A 36 -1.75 7.57 11.31
N LYS A 37 -0.74 7.84 10.52
CA LYS A 37 0.59 8.20 11.09
C LYS A 37 0.68 9.73 11.23
N GLU A 38 0.96 10.21 12.41
CA GLU A 38 1.06 11.68 12.61
C GLU A 38 2.42 12.16 12.09
N GLY A 39 2.98 11.46 11.15
CA GLY A 39 4.32 11.86 10.62
C GLY A 39 4.24 13.27 10.03
N VAL A 40 3.51 13.45 8.97
CA VAL A 40 3.40 14.80 8.34
C VAL A 40 2.25 15.58 8.98
N LYS A 41 2.43 16.85 9.21
CA LYS A 41 1.34 17.68 9.81
C LYS A 41 0.38 18.13 8.71
N GLY A 42 -0.90 17.92 8.91
CA GLY A 42 -1.88 18.34 7.88
C GLY A 42 -1.94 17.28 6.77
N GLY A 43 -0.84 16.66 6.47
CA GLY A 43 -0.83 15.62 5.40
C GLY A 43 -1.48 14.32 5.92
N LYS A 44 -1.35 14.06 7.20
CA LYS A 44 -1.94 12.82 7.77
C LYS A 44 -1.36 11.61 7.04
N ALA A 45 -0.14 11.25 7.35
CA ALA A 45 0.49 10.08 6.67
C ALA A 45 -0.27 8.80 7.04
N VAL A 46 -0.39 7.88 6.12
CA VAL A 46 -1.12 6.61 6.39
C VAL A 46 -0.29 5.41 5.91
N GLU A 47 -0.49 4.26 6.49
CA GLU A 47 0.30 3.05 6.08
C GLU A 47 -0.63 1.84 5.92
N TYR A 48 -0.19 0.86 5.14
CA TYR A 48 -1.01 -0.37 4.90
C TYR A 48 -0.17 -1.60 5.22
N ASP A 49 -0.76 -2.64 5.76
CA ASP A 49 0.04 -3.87 6.06
C ASP A 49 -0.01 -4.80 4.85
N VAL A 50 1.12 -5.07 4.24
CA VAL A 50 1.13 -5.96 3.04
C VAL A 50 0.72 -7.38 3.45
N MET A 51 0.96 -7.76 4.67
CA MET A 51 0.60 -9.14 5.11
C MET A 51 -0.91 -9.27 5.23
N SER A 52 -1.65 -8.28 4.81
CA SER A 52 -3.16 -8.34 4.89
C SER A 52 -3.75 -8.37 3.48
N MET A 53 -2.99 -8.00 2.49
CA MET A 53 -3.52 -8.00 1.09
C MET A 53 -3.52 -9.43 0.50
N PRO A 54 -4.48 -9.77 -0.33
CA PRO A 54 -4.53 -11.12 -0.98
C PRO A 54 -3.14 -11.58 -1.47
N THR A 55 -2.98 -12.85 -1.71
CA THR A 55 -1.65 -13.36 -2.19
C THR A 55 -1.29 -12.71 -3.53
N LYS A 56 -2.23 -12.55 -4.41
CA LYS A 56 -1.92 -11.97 -5.75
C LYS A 56 -1.31 -10.57 -5.58
N GLU A 57 -1.91 -9.73 -4.77
CA GLU A 57 -1.34 -8.37 -4.59
C GLU A 57 0.01 -8.48 -3.88
N ARG A 58 0.12 -9.33 -2.90
CA ARG A 58 1.42 -9.49 -2.18
C ARG A 58 2.50 -9.93 -3.16
N GLU A 59 2.18 -10.81 -4.07
CA GLU A 59 3.19 -11.28 -5.05
C GLU A 59 3.70 -10.10 -5.87
N GLN A 60 2.83 -9.20 -6.23
CA GLN A 60 3.27 -8.03 -7.04
C GLN A 60 4.20 -7.12 -6.23
N VAL A 61 3.97 -7.01 -4.95
CA VAL A 61 4.85 -6.12 -4.13
C VAL A 61 6.26 -6.72 -4.03
N ILE A 62 6.36 -7.97 -3.67
CA ILE A 62 7.71 -8.60 -3.58
C ILE A 62 8.37 -8.58 -4.96
N ALA A 63 7.63 -8.86 -5.98
CA ALA A 63 8.21 -8.84 -7.35
C ALA A 63 8.74 -7.45 -7.67
N HIS A 64 8.04 -6.43 -7.27
CA HIS A 64 8.51 -5.05 -7.56
C HIS A 64 9.87 -4.85 -6.92
N LEU A 65 10.00 -5.20 -5.67
CA LEU A 65 11.32 -5.07 -5.00
C LEU A 65 12.32 -5.94 -5.76
N GLY A 66 11.89 -7.10 -6.18
CA GLY A 66 12.80 -8.01 -6.94
C GLY A 66 13.37 -7.28 -8.15
N LEU A 67 12.81 -6.17 -8.52
CA LEU A 67 13.33 -5.43 -9.70
C LEU A 67 14.56 -4.62 -9.27
N SER A 68 14.82 -4.56 -7.99
CA SER A 68 16.00 -3.80 -7.48
C SER A 68 16.69 -4.61 -6.38
N THR A 69 15.96 -5.48 -5.73
CA THR A 69 16.58 -6.30 -4.64
C THR A 69 15.75 -7.57 -4.43
N LYS A 1 9.20 -8.66 11.71
CA LYS A 1 7.93 -9.16 12.30
C LYS A 1 6.75 -8.69 11.44
N SER A 2 6.11 -7.63 11.83
CA SER A 2 4.96 -7.13 11.04
C SER A 2 5.47 -6.31 9.84
N ILE A 3 4.63 -6.05 8.87
CA ILE A 3 5.06 -5.25 7.68
C ILE A 3 4.03 -4.16 7.42
N TRP A 4 4.46 -2.93 7.26
CA TRP A 4 3.50 -1.81 7.01
C TRP A 4 4.12 -0.85 5.99
N CYS A 5 3.36 -0.43 4.99
CA CYS A 5 3.92 0.51 3.96
C CYS A 5 2.92 1.63 3.67
N SER A 6 3.42 2.80 3.34
CA SER A 6 2.53 3.96 3.03
C SER A 6 1.96 3.77 1.62
N PRO A 7 0.99 4.58 1.23
CA PRO A 7 0.38 4.47 -0.12
C PRO A 7 1.34 4.94 -1.21
N GLN A 8 2.22 5.86 -0.90
CA GLN A 8 3.19 6.33 -1.93
C GLN A 8 4.01 5.12 -2.36
N GLU A 9 4.49 4.35 -1.42
CA GLU A 9 5.27 3.14 -1.78
C GLU A 9 4.38 2.21 -2.61
N ILE A 10 3.14 2.07 -2.24
CA ILE A 10 2.23 1.19 -3.02
C ILE A 10 1.97 1.84 -4.36
N MET A 11 1.75 3.14 -4.38
CA MET A 11 1.49 3.84 -5.66
C MET A 11 2.56 3.47 -6.69
N ALA A 12 3.69 2.99 -6.24
CA ALA A 12 4.75 2.61 -7.20
C ALA A 12 4.44 1.23 -7.79
N ALA A 13 3.47 0.54 -7.24
CA ALA A 13 3.11 -0.81 -7.78
C ALA A 13 2.11 -0.65 -8.92
N ASP A 14 2.47 -1.10 -10.10
CA ASP A 14 1.53 -0.98 -11.26
C ASP A 14 0.25 -1.75 -10.96
N GLY A 15 0.36 -2.89 -10.35
CA GLY A 15 -0.85 -3.70 -10.04
C GLY A 15 -1.92 -2.85 -9.34
N MET A 16 -1.55 -1.68 -8.89
CA MET A 16 -2.54 -0.79 -8.17
C MET A 16 -2.49 0.62 -8.79
N PRO A 17 -3.18 0.84 -9.88
CA PRO A 17 -3.19 2.17 -10.58
C PRO A 17 -4.13 3.18 -9.93
N GLY A 18 -4.02 4.43 -10.31
CA GLY A 18 -4.88 5.50 -9.73
C GLY A 18 -4.05 6.31 -8.75
N SER A 19 -4.46 7.50 -8.43
CA SER A 19 -3.67 8.33 -7.48
C SER A 19 -3.80 7.73 -6.09
N VAL A 20 -3.41 8.44 -5.07
CA VAL A 20 -3.52 7.87 -3.71
C VAL A 20 -4.99 7.52 -3.45
N ALA A 21 -5.89 8.42 -3.70
CA ALA A 21 -7.33 8.11 -3.48
C ALA A 21 -7.73 6.91 -4.36
N GLY A 22 -7.23 6.85 -5.57
CA GLY A 22 -7.61 5.72 -6.46
C GLY A 22 -7.25 4.40 -5.78
N VAL A 23 -6.14 4.35 -5.11
CA VAL A 23 -5.75 3.10 -4.39
C VAL A 23 -6.80 2.83 -3.30
N HIS A 24 -7.22 3.86 -2.62
CA HIS A 24 -8.23 3.69 -1.54
C HIS A 24 -9.52 3.12 -2.14
N TYR A 25 -9.86 3.52 -3.33
CA TYR A 25 -11.11 3.01 -3.95
C TYR A 25 -11.04 1.49 -4.03
N ARG A 26 -9.96 0.94 -4.50
CA ARG A 26 -9.85 -0.54 -4.57
C ARG A 26 -9.89 -1.09 -3.14
N ALA A 27 -9.14 -0.48 -2.25
CA ALA A 27 -9.11 -0.97 -0.83
C ALA A 27 -10.42 -0.56 -0.13
N ASN A 28 -11.31 0.08 -0.84
CA ASN A 28 -12.60 0.48 -0.21
C ASN A 28 -13.49 -0.77 -0.09
N VAL A 29 -13.59 -1.53 -1.15
CA VAL A 29 -14.42 -2.76 -1.12
C VAL A 29 -13.76 -3.81 -0.23
N GLN A 30 -12.47 -3.96 -0.31
CA GLN A 30 -11.78 -4.97 0.53
C GLN A 30 -11.58 -4.42 1.95
N GLY A 31 -11.37 -5.30 2.90
CA GLY A 31 -11.19 -4.85 4.31
C GLY A 31 -9.69 -4.78 4.63
N TRP A 32 -8.97 -3.93 3.94
CA TRP A 32 -7.51 -3.81 4.19
C TRP A 32 -7.29 -3.21 5.58
N THR A 33 -6.23 -3.59 6.24
CA THR A 33 -5.93 -3.00 7.57
C THR A 33 -5.36 -1.60 7.32
N LYS A 34 -5.97 -0.59 7.89
CA LYS A 34 -5.49 0.81 7.67
C LYS A 34 -5.36 1.53 9.01
N ARG A 35 -4.46 2.49 9.09
CA ARG A 35 -4.29 3.24 10.37
C ARG A 35 -3.89 4.69 10.06
N LYS A 36 -4.53 5.63 10.71
CA LYS A 36 -4.24 7.08 10.45
C LYS A 36 -3.21 7.61 11.46
N LYS A 37 -2.31 8.47 11.02
CA LYS A 37 -1.28 9.04 11.96
C LYS A 37 -0.94 10.48 11.56
N GLU A 38 -0.53 11.27 12.53
CA GLU A 38 -0.17 12.70 12.27
C GLU A 38 -1.37 13.45 11.70
N GLY A 39 -2.55 13.18 12.21
CA GLY A 39 -3.77 13.88 11.69
C GLY A 39 -3.74 13.94 10.17
N VAL A 40 -3.97 12.84 9.52
CA VAL A 40 -3.92 12.82 8.03
C VAL A 40 -5.16 13.48 7.44
N LYS A 41 -4.96 14.54 6.71
CA LYS A 41 -6.09 15.24 6.04
C LYS A 41 -6.15 14.76 4.58
N GLY A 42 -5.13 14.05 4.16
CA GLY A 42 -5.11 13.52 2.76
C GLY A 42 -3.73 12.94 2.46
N GLY A 43 -2.83 13.01 3.40
CA GLY A 43 -1.44 12.46 3.18
C GLY A 43 -0.76 12.28 4.53
N LYS A 44 0.29 13.01 4.78
CA LYS A 44 1.00 12.88 6.09
C LYS A 44 1.30 11.41 6.40
N ALA A 45 1.12 10.98 7.62
CA ALA A 45 1.46 9.56 7.96
C ALA A 45 0.28 8.62 7.71
N VAL A 46 0.47 7.65 6.85
CA VAL A 46 -0.59 6.64 6.54
C VAL A 46 0.09 5.28 6.37
N GLU A 47 -0.47 4.22 6.91
CA GLU A 47 0.20 2.87 6.77
C GLU A 47 -0.82 1.79 6.40
N TYR A 48 -0.37 0.83 5.61
CA TYR A 48 -1.23 -0.32 5.18
C TYR A 48 -0.48 -1.62 5.50
N ASP A 49 -1.14 -2.64 5.99
CA ASP A 49 -0.42 -3.92 6.28
C ASP A 49 -0.50 -4.83 5.06
N VAL A 50 0.60 -5.04 4.38
CA VAL A 50 0.59 -5.91 3.16
C VAL A 50 0.32 -7.37 3.55
N MET A 51 0.62 -7.73 4.77
CA MET A 51 0.41 -9.15 5.20
C MET A 51 -1.08 -9.48 5.31
N SER A 52 -1.93 -8.49 5.25
CA SER A 52 -3.41 -8.77 5.35
C SER A 52 -4.01 -8.77 3.95
N MET A 53 -3.28 -8.31 2.98
CA MET A 53 -3.79 -8.29 1.58
C MET A 53 -3.58 -9.69 0.97
N PRO A 54 -4.59 -10.28 0.35
CA PRO A 54 -4.45 -11.64 -0.26
C PRO A 54 -3.07 -11.87 -0.90
N THR A 55 -2.70 -13.12 -1.05
CA THR A 55 -1.36 -13.44 -1.63
C THR A 55 -1.22 -12.94 -3.07
N LYS A 56 -2.24 -13.04 -3.88
CA LYS A 56 -2.10 -12.59 -5.30
C LYS A 56 -1.54 -11.16 -5.37
N GLU A 57 -2.20 -10.20 -4.79
CA GLU A 57 -1.68 -8.80 -4.86
C GLU A 57 -0.31 -8.71 -4.16
N ARG A 58 -0.14 -9.42 -3.07
CA ARG A 58 1.16 -9.35 -2.35
C ARG A 58 2.29 -9.79 -3.28
N GLU A 59 2.08 -10.81 -4.07
CA GLU A 59 3.13 -11.29 -4.99
C GLU A 59 3.52 -10.16 -5.94
N GLN A 60 2.57 -9.42 -6.43
CA GLN A 60 2.89 -8.32 -7.38
C GLN A 60 3.73 -7.25 -6.68
N VAL A 61 3.44 -6.95 -5.45
CA VAL A 61 4.23 -5.91 -4.73
C VAL A 61 5.66 -6.42 -4.55
N ILE A 62 5.82 -7.67 -4.18
CA ILE A 62 7.20 -8.21 -4.00
C ILE A 62 7.95 -8.11 -5.32
N ALA A 63 7.29 -8.38 -6.42
CA ALA A 63 7.98 -8.29 -7.74
C ALA A 63 8.62 -6.92 -7.87
N HIS A 64 7.95 -5.89 -7.43
CA HIS A 64 8.53 -4.53 -7.52
C HIS A 64 9.77 -4.45 -6.64
N LEU A 65 9.77 -5.13 -5.51
CA LEU A 65 10.96 -5.08 -4.62
C LEU A 65 12.14 -5.64 -5.40
N GLY A 66 11.93 -6.68 -6.17
CA GLY A 66 13.04 -7.25 -6.98
C GLY A 66 13.63 -6.15 -7.84
N LEU A 67 12.82 -5.25 -8.30
CA LEU A 67 13.33 -4.13 -9.14
C LEU A 67 13.82 -3.01 -8.22
N SER A 68 14.49 -2.03 -8.76
CA SER A 68 14.98 -0.91 -7.90
C SER A 68 13.78 -0.26 -7.21
N THR A 69 13.85 -0.06 -5.93
CA THR A 69 12.71 0.57 -5.20
C THR A 69 12.81 2.09 -5.32
N LYS A 1 7.03 -9.18 14.38
CA LYS A 1 7.31 -9.21 12.92
C LYS A 1 6.12 -8.62 12.16
N SER A 2 6.34 -7.60 11.37
CA SER A 2 5.22 -6.99 10.61
C SER A 2 5.79 -6.21 9.43
N ILE A 3 4.96 -5.86 8.48
CA ILE A 3 5.44 -5.09 7.29
C ILE A 3 4.47 -3.94 7.03
N TRP A 4 4.99 -2.75 6.79
CA TRP A 4 4.10 -1.58 6.53
C TRP A 4 4.79 -0.65 5.53
N CYS A 5 4.09 -0.22 4.51
CA CYS A 5 4.71 0.68 3.49
C CYS A 5 3.78 1.86 3.19
N SER A 6 4.35 2.99 2.88
CA SER A 6 3.52 4.19 2.56
C SER A 6 2.88 3.99 1.19
N PRO A 7 1.92 4.81 0.82
CA PRO A 7 1.23 4.67 -0.49
C PRO A 7 2.16 5.04 -1.65
N GLN A 8 3.16 5.82 -1.39
CA GLN A 8 4.10 6.19 -2.47
C GLN A 8 4.75 4.91 -3.00
N GLU A 9 5.09 4.00 -2.13
CA GLU A 9 5.69 2.73 -2.60
C GLU A 9 4.63 1.93 -3.35
N ILE A 10 3.43 1.91 -2.83
CA ILE A 10 2.34 1.16 -3.52
C ILE A 10 1.95 1.88 -4.81
N MET A 11 1.73 3.17 -4.75
CA MET A 11 1.33 3.93 -5.97
C MET A 11 2.29 3.66 -7.13
N ALA A 12 3.51 3.33 -6.85
CA ALA A 12 4.47 3.06 -7.96
C ALA A 12 4.22 1.64 -8.50
N ALA A 13 3.39 0.88 -7.84
CA ALA A 13 3.11 -0.51 -8.32
C ALA A 13 2.06 -0.47 -9.42
N ASP A 14 2.36 -1.03 -10.56
CA ASP A 14 1.37 -1.02 -11.68
C ASP A 14 0.13 -1.81 -11.26
N GLY A 15 0.30 -2.75 -10.36
CA GLY A 15 -0.87 -3.57 -9.90
C GLY A 15 -1.87 -2.66 -9.17
N MET A 16 -1.47 -1.46 -8.85
CA MET A 16 -2.38 -0.51 -8.14
C MET A 16 -2.35 0.84 -8.87
N PRO A 17 -3.07 0.98 -9.95
CA PRO A 17 -3.09 2.25 -10.74
C PRO A 17 -3.92 3.34 -10.07
N GLY A 18 -3.62 4.58 -10.38
CA GLY A 18 -4.37 5.72 -9.78
C GLY A 18 -3.36 6.55 -8.99
N SER A 19 -3.67 7.78 -8.72
CA SER A 19 -2.71 8.62 -7.95
C SER A 19 -2.68 8.14 -6.51
N VAL A 20 -2.15 8.94 -5.63
CA VAL A 20 -2.08 8.51 -4.21
C VAL A 20 -3.50 8.18 -3.73
N ALA A 21 -4.41 9.11 -3.87
CA ALA A 21 -5.82 8.86 -3.45
C ALA A 21 -6.41 7.73 -4.29
N GLY A 22 -6.11 7.69 -5.57
CA GLY A 22 -6.66 6.61 -6.41
C GLY A 22 -6.40 5.25 -5.75
N VAL A 23 -5.23 5.07 -5.21
CA VAL A 23 -4.93 3.80 -4.51
C VAL A 23 -5.86 3.68 -3.30
N HIS A 24 -6.04 4.76 -2.60
CA HIS A 24 -6.95 4.74 -1.40
C HIS A 24 -8.37 4.38 -1.83
N TYR A 25 -8.78 4.83 -2.98
CA TYR A 25 -10.17 4.54 -3.43
C TYR A 25 -10.38 3.02 -3.54
N ARG A 26 -9.51 2.33 -4.20
CA ARG A 26 -9.68 0.85 -4.33
C ARG A 26 -9.65 0.23 -2.92
N ALA A 27 -8.78 0.71 -2.08
CA ALA A 27 -8.67 0.16 -0.70
C ALA A 27 -9.87 0.66 0.12
N ASN A 28 -10.72 1.45 -0.47
CA ASN A 28 -11.90 1.95 0.28
C ASN A 28 -12.94 0.82 0.40
N VAL A 29 -13.30 0.22 -0.71
CA VAL A 29 -14.32 -0.88 -0.65
C VAL A 29 -13.70 -2.10 0.03
N GLN A 30 -12.46 -2.38 -0.26
CA GLN A 30 -11.80 -3.56 0.36
C GLN A 30 -11.43 -3.21 1.81
N GLY A 31 -11.31 -4.20 2.65
CA GLY A 31 -10.96 -3.94 4.08
C GLY A 31 -9.45 -4.07 4.29
N TRP A 32 -8.67 -3.23 3.66
CA TRP A 32 -7.19 -3.30 3.82
C TRP A 32 -6.82 -2.86 5.23
N THR A 33 -5.75 -3.38 5.77
CA THR A 33 -5.32 -2.95 7.14
C THR A 33 -4.70 -1.57 7.00
N LYS A 34 -5.18 -0.61 7.78
CA LYS A 34 -4.64 0.79 7.65
C LYS A 34 -4.37 1.38 9.04
N ARG A 35 -3.41 2.26 9.13
CA ARG A 35 -3.10 2.90 10.45
C ARG A 35 -2.70 4.36 10.21
N LYS A 36 -3.26 5.26 10.98
CA LYS A 36 -2.93 6.71 10.82
C LYS A 36 -1.73 7.07 11.71
N LYS A 37 -0.59 7.33 11.10
CA LYS A 37 0.61 7.69 11.91
C LYS A 37 0.64 9.21 12.15
N GLU A 38 0.41 9.64 13.36
CA GLU A 38 0.44 11.10 13.65
C GLU A 38 1.90 11.58 13.76
N GLY A 39 2.14 12.80 13.40
CA GLY A 39 3.53 13.34 13.49
C GLY A 39 4.46 12.61 12.51
N VAL A 40 4.96 13.31 11.53
CA VAL A 40 5.88 12.68 10.55
C VAL A 40 6.44 13.76 9.62
N LYS A 41 6.63 14.95 10.14
CA LYS A 41 7.15 16.07 9.30
C LYS A 41 6.19 16.28 8.13
N GLY A 42 4.98 15.79 8.26
CA GLY A 42 3.98 15.94 7.18
C GLY A 42 2.59 15.87 7.80
N GLY A 43 2.36 14.89 8.64
CA GLY A 43 1.03 14.74 9.31
C GLY A 43 0.10 13.91 8.43
N LYS A 44 -0.93 13.35 9.02
CA LYS A 44 -1.90 12.53 8.22
C LYS A 44 -1.17 11.41 7.48
N ALA A 45 -0.24 10.76 8.11
CA ALA A 45 0.49 9.65 7.43
C ALA A 45 -0.44 8.43 7.33
N VAL A 46 -0.27 7.64 6.30
CA VAL A 46 -1.13 6.42 6.13
C VAL A 46 -0.27 5.26 5.64
N GLU A 47 -0.42 4.09 6.24
CA GLU A 47 0.39 2.91 5.83
C GLU A 47 -0.52 1.69 5.65
N TYR A 48 -0.13 0.76 4.82
CA TYR A 48 -0.96 -0.46 4.57
C TYR A 48 -0.13 -1.71 4.86
N ASP A 49 -0.72 -2.71 5.47
CA ASP A 49 0.04 -3.97 5.77
C ASP A 49 -0.23 -5.00 4.67
N VAL A 50 0.76 -5.31 3.87
CA VAL A 50 0.58 -6.31 2.78
C VAL A 50 0.30 -7.69 3.39
N MET A 51 0.65 -7.87 4.64
CA MET A 51 0.41 -9.20 5.29
C MET A 51 -1.09 -9.40 5.50
N SER A 52 -1.88 -8.41 5.18
CA SER A 52 -3.36 -8.52 5.34
C SER A 52 -4.01 -8.59 3.95
N MET A 53 -3.29 -8.20 2.93
CA MET A 53 -3.86 -8.24 1.55
C MET A 53 -3.74 -9.67 1.00
N PRO A 54 -4.64 -10.09 0.13
CA PRO A 54 -4.60 -11.46 -0.47
C PRO A 54 -3.16 -11.84 -0.90
N THR A 55 -2.89 -13.11 -1.03
CA THR A 55 -1.53 -13.54 -1.44
C THR A 55 -1.23 -13.02 -2.86
N LYS A 56 -2.20 -13.07 -3.73
CA LYS A 56 -1.96 -12.59 -5.13
C LYS A 56 -1.49 -11.13 -5.08
N GLU A 57 -2.08 -10.32 -4.25
CA GLU A 57 -1.64 -8.90 -4.15
C GLU A 57 -0.21 -8.87 -3.60
N ARG A 58 0.06 -9.71 -2.64
CA ARG A 58 1.41 -9.74 -2.02
C ARG A 58 2.45 -10.07 -3.10
N GLU A 59 2.17 -11.04 -3.92
CA GLU A 59 3.13 -11.42 -4.98
C GLU A 59 3.38 -10.22 -5.90
N GLN A 60 2.36 -9.47 -6.22
CA GLN A 60 2.54 -8.31 -7.12
C GLN A 60 3.48 -7.30 -6.47
N VAL A 61 3.35 -7.10 -5.18
CA VAL A 61 4.24 -6.12 -4.49
C VAL A 61 5.68 -6.67 -4.49
N ILE A 62 5.83 -7.92 -4.17
CA ILE A 62 7.20 -8.52 -4.15
C ILE A 62 7.81 -8.44 -5.55
N ALA A 63 7.03 -8.67 -6.57
CA ALA A 63 7.60 -8.59 -7.94
C ALA A 63 8.25 -7.21 -8.10
N HIS A 64 7.63 -6.18 -7.59
CA HIS A 64 8.24 -4.83 -7.70
C HIS A 64 9.56 -4.87 -6.93
N LEU A 65 9.58 -5.50 -5.79
CA LEU A 65 10.84 -5.60 -5.02
C LEU A 65 11.81 -6.40 -5.88
N GLY A 66 11.31 -7.42 -6.55
CA GLY A 66 12.18 -8.25 -7.43
C GLY A 66 12.92 -7.36 -8.43
N LEU A 67 12.39 -6.20 -8.70
CA LEU A 67 13.08 -5.28 -9.66
C LEU A 67 14.14 -4.49 -8.90
N SER A 68 14.15 -4.61 -7.59
CA SER A 68 15.15 -3.87 -6.76
C SER A 68 16.27 -4.84 -6.35
N THR A 69 16.18 -6.07 -6.75
CA THR A 69 17.23 -7.06 -6.37
C THR A 69 17.30 -8.15 -7.44
N LYS A 1 9.60 -9.40 10.41
CA LYS A 1 9.27 -7.99 10.76
C LYS A 1 7.96 -7.58 10.08
N SER A 2 7.29 -6.57 10.57
CA SER A 2 6.01 -6.15 9.96
C SER A 2 6.30 -5.31 8.71
N ILE A 3 5.31 -5.10 7.88
CA ILE A 3 5.52 -4.27 6.64
C ILE A 3 4.40 -3.23 6.52
N TRP A 4 4.77 -2.00 6.31
CA TRP A 4 3.76 -0.91 6.15
C TRP A 4 4.33 0.06 5.11
N CYS A 5 3.57 0.42 4.11
CA CYS A 5 4.10 1.35 3.04
C CYS A 5 3.11 2.46 2.73
N SER A 6 3.62 3.65 2.46
CA SER A 6 2.73 4.81 2.14
C SER A 6 2.23 4.71 0.69
N PRO A 7 1.08 5.27 0.38
CA PRO A 7 0.51 5.25 -1.01
C PRO A 7 1.56 5.51 -2.10
N GLN A 8 2.55 6.33 -1.83
CA GLN A 8 3.58 6.60 -2.87
C GLN A 8 4.24 5.29 -3.24
N GLU A 9 4.60 4.51 -2.26
CA GLU A 9 5.24 3.21 -2.55
C GLU A 9 4.26 2.31 -3.29
N ILE A 10 3.01 2.28 -2.88
CA ILE A 10 2.03 1.42 -3.61
C ILE A 10 1.80 1.99 -5.00
N MET A 11 1.55 3.27 -5.12
CA MET A 11 1.32 3.87 -6.46
C MET A 11 2.45 3.47 -7.40
N ALA A 12 3.58 3.07 -6.87
CA ALA A 12 4.71 2.67 -7.75
C ALA A 12 4.48 1.24 -8.24
N ALA A 13 3.51 0.56 -7.69
CA ALA A 13 3.23 -0.84 -8.14
C ALA A 13 2.30 -0.80 -9.36
N ASP A 14 2.73 -1.35 -10.46
CA ASP A 14 1.88 -1.33 -11.68
C ASP A 14 0.54 -2.04 -11.41
N GLY A 15 0.58 -3.14 -10.69
CA GLY A 15 -0.69 -3.88 -10.40
C GLY A 15 -1.69 -2.95 -9.69
N MET A 16 -1.21 -1.85 -9.16
CA MET A 16 -2.12 -0.88 -8.46
C MET A 16 -1.94 0.51 -9.08
N PRO A 17 -2.51 0.72 -10.25
CA PRO A 17 -2.39 2.00 -10.99
C PRO A 17 -3.41 3.06 -10.55
N GLY A 18 -3.30 4.25 -11.10
CA GLY A 18 -4.25 5.34 -10.73
C GLY A 18 -3.62 6.16 -9.60
N SER A 19 -4.14 7.31 -9.33
CA SER A 19 -3.56 8.13 -8.24
C SER A 19 -3.90 7.49 -6.91
N VAL A 20 -3.63 8.14 -5.82
CA VAL A 20 -3.91 7.51 -4.50
C VAL A 20 -5.38 7.09 -4.45
N ALA A 21 -6.28 7.90 -4.94
CA ALA A 21 -7.72 7.50 -4.91
C ALA A 21 -7.90 6.18 -5.68
N GLY A 22 -7.24 6.04 -6.79
CA GLY A 22 -7.38 4.78 -7.58
C GLY A 22 -6.96 3.60 -6.71
N VAL A 23 -5.90 3.75 -5.96
CA VAL A 23 -5.45 2.65 -5.07
C VAL A 23 -6.57 2.39 -4.06
N HIS A 24 -7.13 3.43 -3.53
CA HIS A 24 -8.24 3.30 -2.54
C HIS A 24 -9.42 2.58 -3.19
N TYR A 25 -9.64 2.77 -4.46
CA TYR A 25 -10.80 2.11 -5.12
C TYR A 25 -10.69 0.59 -4.96
N ARG A 26 -9.55 0.02 -5.27
CA ARG A 26 -9.42 -1.45 -5.09
C ARG A 26 -9.51 -1.75 -3.59
N ALA A 27 -8.89 -0.92 -2.79
CA ALA A 27 -8.93 -1.13 -1.32
C ALA A 27 -10.30 -0.73 -0.77
N ASN A 28 -11.18 -0.28 -1.63
CA ASN A 28 -12.54 0.10 -1.16
C ASN A 28 -13.33 -1.18 -0.90
N VAL A 29 -13.38 -2.05 -1.86
CA VAL A 29 -14.12 -3.33 -1.69
C VAL A 29 -13.36 -4.22 -0.69
N GLN A 30 -12.06 -4.26 -0.78
CA GLN A 30 -11.26 -5.10 0.15
C GLN A 30 -11.00 -4.32 1.44
N GLY A 31 -10.82 -5.01 2.54
CA GLY A 31 -10.57 -4.32 3.84
C GLY A 31 -9.18 -4.70 4.38
N TRP A 32 -8.14 -4.22 3.76
CA TRP A 32 -6.77 -4.55 4.27
C TRP A 32 -6.60 -3.86 5.63
N THR A 33 -5.54 -4.16 6.33
CA THR A 33 -5.32 -3.48 7.64
C THR A 33 -4.86 -2.05 7.32
N LYS A 34 -5.46 -1.06 7.95
CA LYS A 34 -5.08 0.35 7.64
C LYS A 34 -4.92 1.16 8.93
N ARG A 35 -4.22 2.26 8.85
CA ARG A 35 -4.05 3.14 10.04
C ARG A 35 -4.05 4.59 9.54
N LYS A 36 -5.15 5.27 9.71
CA LYS A 36 -5.25 6.67 9.23
C LYS A 36 -4.77 7.64 10.32
N LYS A 37 -4.09 8.68 9.92
CA LYS A 37 -3.61 9.70 10.90
C LYS A 37 -3.59 11.03 10.16
N GLU A 38 -4.68 11.75 10.17
CA GLU A 38 -4.74 13.05 9.42
C GLU A 38 -4.12 12.86 8.02
N GLY A 39 -3.75 13.93 7.38
CA GLY A 39 -3.13 13.81 6.03
C GLY A 39 -1.63 13.55 6.17
N VAL A 40 -1.00 13.05 5.14
CA VAL A 40 0.46 12.79 5.22
C VAL A 40 1.22 14.09 4.98
N LYS A 41 2.31 14.28 5.70
CA LYS A 41 3.16 15.52 5.60
C LYS A 41 2.79 16.45 6.76
N GLY A 42 3.72 17.24 7.22
CA GLY A 42 3.41 18.16 8.36
C GLY A 42 3.15 17.32 9.61
N GLY A 43 3.71 16.14 9.68
CA GLY A 43 3.50 15.26 10.86
C GLY A 43 2.39 14.25 10.53
N LYS A 44 2.09 13.37 11.45
CA LYS A 44 1.02 12.36 11.20
C LYS A 44 1.38 11.54 9.95
N ALA A 45 0.49 10.68 9.50
CA ALA A 45 0.82 9.85 8.29
C ALA A 45 -0.37 8.93 7.91
N VAL A 46 -0.24 8.26 6.80
CA VAL A 46 -1.29 7.31 6.33
C VAL A 46 -0.57 6.07 5.75
N GLU A 47 -0.83 4.89 6.25
CA GLU A 47 -0.10 3.68 5.72
C GLU A 47 -1.02 2.46 5.56
N TYR A 48 -0.58 1.51 4.76
CA TYR A 48 -1.35 0.25 4.51
C TYR A 48 -0.43 -0.95 4.76
N ASP A 49 -0.93 -2.03 5.31
CA ASP A 49 -0.06 -3.23 5.58
C ASP A 49 -0.27 -4.28 4.47
N VAL A 50 0.78 -4.68 3.82
CA VAL A 50 0.67 -5.70 2.72
C VAL A 50 0.27 -7.08 3.26
N MET A 51 0.66 -7.41 4.47
CA MET A 51 0.35 -8.75 5.02
C MET A 51 -1.15 -8.91 5.31
N SER A 52 -1.99 -8.04 4.80
CA SER A 52 -3.46 -8.16 5.06
C SER A 52 -4.20 -8.36 3.73
N MET A 53 -3.63 -7.93 2.64
CA MET A 53 -4.31 -8.11 1.32
C MET A 53 -4.07 -9.55 0.81
N PRO A 54 -4.98 -10.08 0.02
CA PRO A 54 -4.83 -11.46 -0.52
C PRO A 54 -3.38 -11.75 -0.95
N THR A 55 -3.07 -12.99 -1.21
CA THR A 55 -1.68 -13.35 -1.63
C THR A 55 -1.41 -12.82 -3.04
N LYS A 56 -2.42 -12.72 -3.86
CA LYS A 56 -2.19 -12.24 -5.26
C LYS A 56 -1.52 -10.88 -5.24
N GLU A 57 -2.04 -9.94 -4.50
CA GLU A 57 -1.41 -8.59 -4.45
C GLU A 57 -0.07 -8.68 -3.73
N ARG A 58 0.06 -9.56 -2.78
CA ARG A 58 1.35 -9.70 -2.06
C ARG A 58 2.46 -10.06 -3.05
N GLU A 59 2.18 -10.92 -3.99
CA GLU A 59 3.22 -11.30 -4.98
C GLU A 59 3.62 -10.07 -5.80
N GLN A 60 2.66 -9.25 -6.15
CA GLN A 60 2.97 -8.03 -6.95
C GLN A 60 3.95 -7.15 -6.18
N VAL A 61 3.79 -7.04 -4.90
CA VAL A 61 4.71 -6.18 -4.10
C VAL A 61 6.12 -6.79 -4.10
N ILE A 62 6.22 -8.07 -3.86
CA ILE A 62 7.55 -8.73 -3.81
C ILE A 62 8.22 -8.67 -5.20
N ALA A 63 7.47 -8.87 -6.25
CA ALA A 63 8.08 -8.85 -7.61
C ALA A 63 8.73 -7.49 -7.89
N HIS A 64 8.09 -6.41 -7.52
CA HIS A 64 8.71 -5.09 -7.77
C HIS A 64 10.01 -5.00 -7.00
N LEU A 65 9.99 -5.41 -5.76
CA LEU A 65 11.23 -5.38 -4.94
C LEU A 65 12.24 -6.37 -5.53
N GLY A 66 11.77 -7.51 -5.95
CA GLY A 66 12.68 -8.52 -6.56
C GLY A 66 13.27 -7.94 -7.84
N LEU A 67 12.77 -6.82 -8.26
CA LEU A 67 13.28 -6.17 -9.50
C LEU A 67 14.52 -5.34 -9.14
N SER A 68 14.34 -4.25 -8.44
CA SER A 68 15.50 -3.40 -8.07
C SER A 68 16.26 -4.01 -6.88
N THR A 69 15.59 -4.31 -5.80
CA THR A 69 16.28 -4.89 -4.61
C THR A 69 15.35 -5.88 -3.91
N LYS A 1 8.06 -8.96 12.79
CA LYS A 1 7.74 -9.88 11.68
C LYS A 1 6.55 -9.32 10.89
N SER A 2 5.98 -8.23 11.34
CA SER A 2 4.83 -7.63 10.61
C SER A 2 5.34 -6.78 9.44
N ILE A 3 4.47 -6.38 8.55
CA ILE A 3 4.89 -5.53 7.39
C ILE A 3 3.90 -4.37 7.23
N TRP A 4 4.40 -3.16 7.10
CA TRP A 4 3.50 -1.98 6.94
C TRP A 4 4.18 -0.98 6.02
N CYS A 5 3.50 -0.48 5.01
CA CYS A 5 4.14 0.50 4.08
C CYS A 5 3.17 1.62 3.70
N SER A 6 3.71 2.77 3.39
CA SER A 6 2.86 3.93 2.99
C SER A 6 2.39 3.71 1.54
N PRO A 7 1.35 4.40 1.15
CA PRO A 7 0.79 4.28 -0.22
C PRO A 7 1.81 4.62 -1.32
N GLN A 8 2.80 5.42 -1.01
CA GLN A 8 3.81 5.75 -2.07
C GLN A 8 4.46 4.45 -2.52
N GLU A 9 4.81 3.60 -1.58
CA GLU A 9 5.44 2.31 -1.95
C GLU A 9 4.44 1.54 -2.82
N ILE A 10 3.19 1.54 -2.45
CA ILE A 10 2.18 0.81 -3.28
C ILE A 10 2.04 1.50 -4.64
N MET A 11 1.87 2.80 -4.66
CA MET A 11 1.72 3.52 -5.96
C MET A 11 2.79 3.07 -6.97
N ALA A 12 3.89 2.56 -6.51
CA ALA A 12 4.96 2.15 -7.46
C ALA A 12 4.62 0.81 -8.10
N ALA A 13 3.62 0.13 -7.59
CA ALA A 13 3.23 -1.19 -8.17
C ALA A 13 2.28 -0.97 -9.35
N ASP A 14 2.58 -1.55 -10.48
CA ASP A 14 1.69 -1.38 -11.66
C ASP A 14 0.30 -1.94 -11.35
N GLY A 15 0.24 -3.06 -10.66
CA GLY A 15 -1.08 -3.68 -10.32
C GLY A 15 -1.96 -2.71 -9.53
N MET A 16 -1.40 -1.63 -9.05
CA MET A 16 -2.20 -0.62 -8.27
C MET A 16 -1.96 0.76 -8.86
N PRO A 17 -2.58 1.05 -9.97
CA PRO A 17 -2.42 2.34 -10.69
C PRO A 17 -3.33 3.46 -10.17
N GLY A 18 -3.09 4.66 -10.63
CA GLY A 18 -3.90 5.82 -10.17
C GLY A 18 -3.14 6.52 -9.06
N SER A 19 -3.50 7.73 -8.73
CA SER A 19 -2.77 8.44 -7.66
C SER A 19 -3.08 7.78 -6.33
N VAL A 20 -2.73 8.42 -5.25
CA VAL A 20 -2.98 7.80 -3.93
C VAL A 20 -4.46 7.46 -3.79
N ALA A 21 -5.34 8.33 -4.19
CA ALA A 21 -6.79 8.03 -4.07
C ALA A 21 -7.11 6.75 -4.87
N GLY A 22 -6.51 6.60 -6.03
CA GLY A 22 -6.78 5.37 -6.84
C GLY A 22 -6.39 4.12 -6.05
N VAL A 23 -5.28 4.15 -5.36
CA VAL A 23 -4.89 2.96 -4.56
C VAL A 23 -5.94 2.74 -3.48
N HIS A 24 -6.38 3.82 -2.89
CA HIS A 24 -7.41 3.72 -1.83
C HIS A 24 -8.69 3.13 -2.41
N TYR A 25 -8.95 3.36 -3.67
CA TYR A 25 -10.19 2.81 -4.26
C TYR A 25 -10.13 1.29 -4.10
N ARG A 26 -8.99 0.70 -4.31
CA ARG A 26 -8.87 -0.78 -4.14
C ARG A 26 -9.18 -1.15 -2.68
N ALA A 27 -8.65 -0.42 -1.74
CA ALA A 27 -8.91 -0.73 -0.29
C ALA A 27 -10.25 -0.16 0.13
N ASN A 28 -10.99 0.43 -0.77
CA ASN A 28 -12.31 1.00 -0.39
C ASN A 28 -13.33 -0.14 -0.29
N VAL A 29 -13.40 -0.96 -1.31
CA VAL A 29 -14.37 -2.09 -1.29
C VAL A 29 -13.94 -3.14 -0.27
N GLN A 30 -12.69 -3.54 -0.29
CA GLN A 30 -12.21 -4.57 0.67
C GLN A 30 -11.84 -3.90 2.00
N GLY A 31 -11.95 -4.62 3.08
CA GLY A 31 -11.61 -4.05 4.41
C GLY A 31 -10.13 -4.33 4.73
N TRP A 32 -9.23 -3.77 3.98
CA TRP A 32 -7.78 -4.00 4.24
C TRP A 32 -7.45 -3.53 5.65
N THR A 33 -6.37 -4.00 6.22
CA THR A 33 -5.97 -3.51 7.55
C THR A 33 -5.34 -2.13 7.33
N LYS A 34 -5.90 -1.10 7.89
CA LYS A 34 -5.39 0.28 7.66
C LYS A 34 -5.19 1.00 8.99
N ARG A 35 -4.26 1.90 9.05
CA ARG A 35 -4.02 2.69 10.29
C ARG A 35 -3.71 4.13 9.89
N LYS A 36 -4.47 5.06 10.36
CA LYS A 36 -4.24 6.49 9.99
C LYS A 36 -3.23 7.11 10.95
N LYS A 37 -2.10 7.54 10.44
CA LYS A 37 -1.09 8.17 11.33
C LYS A 37 -1.33 9.67 11.42
N GLU A 38 -1.64 10.15 12.60
CA GLU A 38 -1.89 11.60 12.80
C GLU A 38 -2.93 12.09 11.81
N GLY A 39 -3.93 11.29 11.55
CA GLY A 39 -4.97 11.72 10.57
C GLY A 39 -4.30 11.87 9.20
N VAL A 40 -5.05 12.19 8.19
CA VAL A 40 -4.42 12.33 6.85
C VAL A 40 -5.39 13.02 5.88
N LYS A 41 -5.00 14.14 5.34
CA LYS A 41 -5.88 14.87 4.38
C LYS A 41 -5.02 15.48 3.28
N GLY A 42 -3.81 15.87 3.61
CA GLY A 42 -2.91 16.47 2.61
C GLY A 42 -1.48 16.40 3.16
N GLY A 43 -1.32 15.76 4.28
CA GLY A 43 0.04 15.64 4.89
C GLY A 43 0.05 14.41 5.80
N LYS A 44 0.90 14.39 6.80
CA LYS A 44 0.95 13.19 7.68
C LYS A 44 1.06 11.95 6.82
N ALA A 45 0.46 10.86 7.20
CA ALA A 45 0.59 9.66 6.32
C ALA A 45 -0.33 8.52 6.79
N VAL A 46 -0.41 7.49 5.99
CA VAL A 46 -1.26 6.30 6.32
C VAL A 46 -0.48 5.05 5.89
N GLU A 47 -0.76 3.90 6.48
CA GLU A 47 -0.01 2.66 6.11
C GLU A 47 -0.97 1.49 5.83
N TYR A 48 -0.50 0.54 5.05
CA TYR A 48 -1.33 -0.66 4.70
C TYR A 48 -0.54 -1.93 5.03
N ASP A 49 -1.19 -2.96 5.52
CA ASP A 49 -0.47 -4.22 5.85
C ASP A 49 -0.68 -5.24 4.73
N VAL A 50 0.38 -5.61 4.05
CA VAL A 50 0.23 -6.58 2.93
C VAL A 50 -0.20 -7.96 3.47
N MET A 51 -0.12 -8.17 4.75
CA MET A 51 -0.51 -9.50 5.31
C MET A 51 -2.03 -9.67 5.28
N SER A 52 -2.76 -8.64 4.96
CA SER A 52 -4.26 -8.76 4.92
C SER A 52 -4.72 -8.76 3.46
N MET A 53 -3.90 -8.32 2.56
CA MET A 53 -4.27 -8.32 1.12
C MET A 53 -4.07 -9.72 0.53
N PRO A 54 -4.88 -10.13 -0.42
CA PRO A 54 -4.72 -11.48 -1.04
C PRO A 54 -3.26 -11.75 -1.41
N THR A 55 -2.95 -12.97 -1.79
CA THR A 55 -1.55 -13.32 -2.16
C THR A 55 -1.18 -12.69 -3.50
N LYS A 56 -2.11 -12.57 -4.41
CA LYS A 56 -1.78 -11.99 -5.75
C LYS A 56 -1.24 -10.56 -5.61
N GLU A 57 -1.91 -9.71 -4.87
CA GLU A 57 -1.38 -8.31 -4.72
C GLU A 57 -0.06 -8.31 -3.95
N ARG A 58 0.05 -9.13 -2.95
CA ARG A 58 1.32 -9.17 -2.15
C ARG A 58 2.49 -9.55 -3.07
N GLU A 59 2.34 -10.55 -3.87
CA GLU A 59 3.45 -10.96 -4.77
C GLU A 59 3.83 -9.79 -5.70
N GLN A 60 2.86 -9.03 -6.13
CA GLN A 60 3.15 -7.89 -7.06
C GLN A 60 4.01 -6.83 -6.38
N VAL A 61 3.77 -6.53 -5.12
CA VAL A 61 4.57 -5.48 -4.43
C VAL A 61 6.02 -5.96 -4.23
N ILE A 62 6.20 -7.12 -3.66
CA ILE A 62 7.59 -7.64 -3.46
C ILE A 62 8.27 -7.76 -4.83
N ALA A 63 7.54 -8.18 -5.83
CA ALA A 63 8.14 -8.32 -7.19
C ALA A 63 8.67 -6.97 -7.68
N HIS A 64 7.93 -5.91 -7.45
CA HIS A 64 8.41 -4.58 -7.91
C HIS A 64 9.68 -4.20 -7.16
N LEU A 65 9.73 -4.49 -5.89
CA LEU A 65 10.96 -4.15 -5.13
C LEU A 65 12.13 -4.93 -5.72
N GLY A 66 11.91 -6.17 -6.07
CA GLY A 66 13.01 -6.98 -6.67
C GLY A 66 13.37 -6.38 -8.04
N LEU A 67 12.52 -5.54 -8.57
CA LEU A 67 12.80 -4.91 -9.89
C LEU A 67 13.63 -3.62 -9.67
N SER A 68 14.91 -3.76 -9.50
CA SER A 68 15.78 -2.56 -9.28
C SER A 68 15.26 -1.77 -8.07
N THR A 69 14.42 -0.79 -8.30
CA THR A 69 13.88 0.01 -7.17
C THR A 69 15.03 0.51 -6.29
N LYS A 1 9.40 -9.16 10.89
CA LYS A 1 8.11 -9.30 11.63
C LYS A 1 6.98 -8.72 10.79
N SER A 2 6.39 -7.64 11.23
CA SER A 2 5.27 -7.02 10.45
C SER A 2 5.84 -6.21 9.29
N ILE A 3 5.04 -5.95 8.30
CA ILE A 3 5.49 -5.16 7.12
C ILE A 3 4.49 -4.04 6.84
N TRP A 4 4.95 -2.83 6.69
CA TRP A 4 4.03 -1.68 6.43
C TRP A 4 4.67 -0.75 5.40
N CYS A 5 3.92 -0.28 4.44
CA CYS A 5 4.49 0.63 3.40
C CYS A 5 3.53 1.80 3.16
N SER A 6 4.05 2.94 2.80
CA SER A 6 3.17 4.11 2.53
C SER A 6 2.47 3.90 1.18
N PRO A 7 1.44 4.65 0.91
CA PRO A 7 0.67 4.53 -0.36
C PRO A 7 1.54 4.81 -1.60
N GLN A 8 2.47 5.72 -1.50
CA GLN A 8 3.32 6.02 -2.68
C GLN A 8 4.06 4.74 -3.09
N GLU A 9 4.60 4.02 -2.14
CA GLU A 9 5.32 2.77 -2.50
C GLU A 9 4.33 1.79 -3.12
N ILE A 10 3.15 1.69 -2.57
CA ILE A 10 2.14 0.75 -3.14
C ILE A 10 1.64 1.29 -4.49
N MET A 11 1.23 2.52 -4.54
CA MET A 11 0.72 3.11 -5.81
C MET A 11 1.69 2.84 -6.95
N ALA A 12 2.93 2.56 -6.65
CA ALA A 12 3.91 2.28 -7.74
C ALA A 12 3.72 0.83 -8.21
N ALA A 13 2.86 0.10 -7.54
CA ALA A 13 2.62 -1.31 -7.94
C ALA A 13 1.60 -1.34 -9.09
N ASP A 14 1.93 -2.01 -10.15
CA ASP A 14 0.98 -2.09 -11.31
C ASP A 14 -0.35 -2.72 -10.88
N GLY A 15 -0.30 -3.73 -10.05
CA GLY A 15 -1.56 -4.40 -9.59
C GLY A 15 -2.49 -3.38 -8.94
N MET A 16 -2.00 -2.22 -8.61
CA MET A 16 -2.85 -1.17 -7.95
C MET A 16 -2.69 0.15 -8.72
N PRO A 17 -3.39 0.32 -9.81
CA PRO A 17 -3.30 1.54 -10.66
C PRO A 17 -4.16 2.70 -10.15
N GLY A 18 -3.93 3.87 -10.66
CA GLY A 18 -4.71 5.06 -10.21
C GLY A 18 -3.83 5.84 -9.23
N SER A 19 -4.14 7.08 -8.97
CA SER A 19 -3.30 7.84 -8.03
C SER A 19 -3.49 7.28 -6.63
N VAL A 20 -3.02 7.95 -5.63
CA VAL A 20 -3.18 7.40 -4.26
C VAL A 20 -4.67 7.16 -4.00
N ALA A 21 -5.52 8.08 -4.34
CA ALA A 21 -6.97 7.89 -4.12
C ALA A 21 -7.45 6.64 -4.86
N GLY A 22 -6.97 6.43 -6.06
CA GLY A 22 -7.41 5.23 -6.83
C GLY A 22 -7.12 3.96 -6.01
N VAL A 23 -5.99 3.92 -5.35
CA VAL A 23 -5.67 2.73 -4.52
C VAL A 23 -6.71 2.62 -3.41
N HIS A 24 -7.08 3.74 -2.84
CA HIS A 24 -8.09 3.74 -1.75
C HIS A 24 -9.44 3.23 -2.28
N TYR A 25 -9.82 3.59 -3.47
CA TYR A 25 -11.12 3.11 -4.00
C TYR A 25 -11.14 1.59 -3.94
N ARG A 26 -10.08 0.97 -4.36
CA ARG A 26 -10.02 -0.51 -4.30
C ARG A 26 -10.13 -0.96 -2.83
N ALA A 27 -9.34 -0.35 -1.97
CA ALA A 27 -9.37 -0.73 -0.53
C ALA A 27 -10.71 -0.34 0.10
N ASN A 28 -11.62 0.16 -0.68
CA ASN A 28 -12.95 0.53 -0.11
C ASN A 28 -13.73 -0.73 0.22
N VAL A 29 -13.77 -1.66 -0.68
CA VAL A 29 -14.51 -2.93 -0.43
C VAL A 29 -13.77 -3.76 0.62
N GLN A 30 -12.47 -3.86 0.50
CA GLN A 30 -11.67 -4.65 1.48
C GLN A 30 -11.34 -3.78 2.71
N GLY A 31 -11.17 -4.41 3.85
CA GLY A 31 -10.85 -3.64 5.09
C GLY A 31 -9.36 -3.78 5.43
N TRP A 32 -8.50 -3.25 4.60
CA TRP A 32 -7.04 -3.35 4.89
C TRP A 32 -6.77 -2.70 6.24
N THR A 33 -5.76 -3.14 6.96
CA THR A 33 -5.46 -2.49 8.26
C THR A 33 -4.69 -1.20 7.98
N LYS A 34 -5.15 -0.10 8.54
CA LYS A 34 -4.49 1.21 8.31
C LYS A 34 -4.14 1.87 9.63
N ARG A 35 -3.11 2.69 9.65
CA ARG A 35 -2.72 3.39 10.90
C ARG A 35 -2.29 4.82 10.56
N LYS A 36 -2.82 5.79 11.26
CA LYS A 36 -2.46 7.21 10.97
C LYS A 36 -1.23 7.61 11.80
N LYS A 37 -0.10 7.76 11.16
CA LYS A 37 1.12 8.18 11.92
C LYS A 37 1.19 9.70 11.94
N GLU A 38 1.36 10.29 13.10
CA GLU A 38 1.43 11.77 13.18
C GLU A 38 2.81 12.27 12.73
N GLY A 39 2.91 13.51 12.33
CA GLY A 39 4.23 14.05 11.91
C GLY A 39 4.57 13.54 10.50
N VAL A 40 5.84 13.33 10.23
CA VAL A 40 6.25 12.84 8.89
C VAL A 40 5.80 13.84 7.83
N LYS A 41 5.91 13.51 6.58
CA LYS A 41 5.48 14.46 5.51
C LYS A 41 3.98 14.76 5.65
N GLY A 42 3.59 15.98 5.46
CA GLY A 42 2.14 16.33 5.58
C GLY A 42 1.76 16.51 7.03
N GLY A 43 0.84 15.72 7.52
CA GLY A 43 0.42 15.85 8.95
C GLY A 43 -0.44 14.64 9.31
N LYS A 44 -0.75 13.80 8.36
CA LYS A 44 -1.59 12.60 8.64
C LYS A 44 -1.13 11.45 7.74
N ALA A 45 0.06 10.96 7.96
CA ALA A 45 0.57 9.83 7.12
C ALA A 45 -0.22 8.56 7.40
N VAL A 46 -0.46 7.76 6.40
CA VAL A 46 -1.22 6.49 6.58
C VAL A 46 -0.44 5.33 5.95
N GLU A 47 -0.48 4.17 6.56
CA GLU A 47 0.28 2.99 6.01
C GLU A 47 -0.65 1.77 5.93
N TYR A 48 -0.30 0.80 5.12
CA TYR A 48 -1.14 -0.43 4.98
C TYR A 48 -0.26 -1.65 5.24
N ASP A 49 -0.76 -2.65 5.91
CA ASP A 49 0.08 -3.87 6.17
C ASP A 49 0.10 -4.74 4.92
N VAL A 50 1.26 -5.02 4.40
CA VAL A 50 1.35 -5.87 3.18
C VAL A 50 0.85 -7.29 3.48
N MET A 51 1.11 -7.78 4.66
CA MET A 51 0.68 -9.17 5.01
C MET A 51 -0.85 -9.22 5.20
N SER A 52 -1.53 -8.14 4.94
CA SER A 52 -3.02 -8.13 5.11
C SER A 52 -3.71 -8.19 3.73
N MET A 53 -3.03 -7.81 2.69
CA MET A 53 -3.65 -7.86 1.33
C MET A 53 -3.59 -9.31 0.80
N PRO A 54 -4.51 -9.71 -0.04
CA PRO A 54 -4.53 -11.10 -0.59
C PRO A 54 -3.17 -11.51 -1.18
N THR A 55 -3.00 -12.77 -1.49
CA THR A 55 -1.70 -13.24 -2.04
C THR A 55 -1.43 -12.69 -3.45
N LYS A 56 -2.45 -12.57 -4.25
CA LYS A 56 -2.22 -12.06 -5.65
C LYS A 56 -1.57 -10.68 -5.59
N GLU A 57 -2.10 -9.78 -4.81
CA GLU A 57 -1.48 -8.43 -4.72
C GLU A 57 -0.10 -8.54 -4.06
N ARG A 58 0.02 -9.40 -3.08
CA ARG A 58 1.33 -9.55 -2.38
C ARG A 58 2.42 -9.95 -3.39
N GLU A 59 2.12 -10.85 -4.28
CA GLU A 59 3.14 -11.25 -5.27
C GLU A 59 3.56 -10.03 -6.09
N GLN A 60 2.62 -9.20 -6.43
CA GLN A 60 2.93 -7.98 -7.22
C GLN A 60 3.83 -7.06 -6.39
N VAL A 61 3.57 -6.95 -5.11
CA VAL A 61 4.40 -6.07 -4.25
C VAL A 61 5.80 -6.67 -4.10
N ILE A 62 5.90 -7.93 -3.79
CA ILE A 62 7.23 -8.56 -3.65
C ILE A 62 7.99 -8.46 -4.98
N ALA A 63 7.32 -8.64 -6.08
CA ALA A 63 8.01 -8.54 -7.39
C ALA A 63 8.64 -7.16 -7.52
N HIS A 64 7.96 -6.13 -7.10
CA HIS A 64 8.55 -4.76 -7.20
C HIS A 64 9.86 -4.71 -6.41
N LEU A 65 9.84 -5.15 -5.17
CA LEU A 65 11.09 -5.15 -4.36
C LEU A 65 12.05 -6.20 -4.91
N GLY A 66 11.51 -7.26 -5.47
CA GLY A 66 12.37 -8.35 -6.01
C GLY A 66 13.30 -7.81 -7.10
N LEU A 67 12.82 -6.91 -7.92
CA LEU A 67 13.68 -6.38 -9.01
C LEU A 67 14.49 -5.18 -8.50
N SER A 68 14.15 -4.68 -7.33
CA SER A 68 14.91 -3.51 -6.78
C SER A 68 16.00 -4.02 -5.84
N THR A 69 16.08 -5.31 -5.68
CA THR A 69 17.12 -5.89 -4.80
C THR A 69 18.49 -5.32 -5.17
N LYS A 1 6.89 -9.99 13.80
CA LYS A 1 7.47 -9.23 12.65
C LYS A 1 6.33 -8.74 11.77
N SER A 2 5.66 -7.70 12.17
CA SER A 2 4.53 -7.17 11.35
C SER A 2 5.08 -6.34 10.19
N ILE A 3 4.30 -6.15 9.17
CA ILE A 3 4.76 -5.35 7.98
C ILE A 3 3.81 -4.17 7.76
N TRP A 4 4.34 -2.99 7.58
CA TRP A 4 3.47 -1.79 7.35
C TRP A 4 4.17 -0.88 6.34
N CYS A 5 3.47 -0.45 5.31
CA CYS A 5 4.10 0.42 4.27
C CYS A 5 3.18 1.58 3.88
N SER A 6 3.75 2.70 3.53
CA SER A 6 2.93 3.89 3.12
C SER A 6 2.40 3.65 1.69
N PRO A 7 1.35 4.33 1.30
CA PRO A 7 0.76 4.17 -0.06
C PRO A 7 1.78 4.46 -1.16
N GLN A 8 2.78 5.24 -0.86
CA GLN A 8 3.81 5.55 -1.89
C GLN A 8 4.45 4.24 -2.33
N GLU A 9 4.78 3.40 -1.39
CA GLU A 9 5.40 2.09 -1.74
C GLU A 9 4.40 1.30 -2.58
N ILE A 10 3.15 1.32 -2.20
CA ILE A 10 2.14 0.60 -2.99
C ILE A 10 2.03 1.28 -4.37
N MET A 11 1.96 2.59 -4.38
CA MET A 11 1.85 3.32 -5.67
C MET A 11 2.94 2.87 -6.64
N ALA A 12 4.00 2.28 -6.16
CA ALA A 12 5.10 1.85 -7.09
C ALA A 12 4.70 0.54 -7.75
N ALA A 13 3.65 -0.09 -7.29
CA ALA A 13 3.21 -1.37 -7.92
C ALA A 13 2.28 -1.06 -9.10
N ASP A 14 2.63 -1.52 -10.27
CA ASP A 14 1.77 -1.26 -11.46
C ASP A 14 0.37 -1.86 -11.22
N GLY A 15 0.32 -3.02 -10.62
CA GLY A 15 -0.99 -3.69 -10.37
C GLY A 15 -1.97 -2.74 -9.69
N MET A 16 -1.48 -1.69 -9.05
CA MET A 16 -2.40 -0.72 -8.35
C MET A 16 -2.20 0.68 -8.94
N PRO A 17 -2.79 0.94 -10.10
CA PRO A 17 -2.66 2.26 -10.79
C PRO A 17 -3.56 3.35 -10.19
N GLY A 18 -3.33 4.58 -10.56
CA GLY A 18 -4.15 5.70 -10.03
C GLY A 18 -3.31 6.46 -9.02
N SER A 19 -3.65 7.68 -8.71
CA SER A 19 -2.84 8.45 -7.72
C SER A 19 -3.09 7.85 -6.34
N VAL A 20 -2.71 8.54 -5.30
CA VAL A 20 -2.90 7.97 -3.95
C VAL A 20 -4.39 7.66 -3.72
N ALA A 21 -5.26 8.59 -4.01
CA ALA A 21 -6.72 8.35 -3.81
C ALA A 21 -7.19 7.15 -4.65
N GLY A 22 -6.72 7.03 -5.87
CA GLY A 22 -7.16 5.89 -6.73
C GLY A 22 -6.84 4.57 -6.00
N VAL A 23 -5.70 4.49 -5.40
CA VAL A 23 -5.33 3.25 -4.66
C VAL A 23 -6.37 3.05 -3.55
N HIS A 24 -6.77 4.12 -2.93
CA HIS A 24 -7.78 4.04 -1.84
C HIS A 24 -9.14 3.67 -2.42
N TYR A 25 -9.38 3.97 -3.67
CA TYR A 25 -10.71 3.64 -4.26
C TYR A 25 -10.97 2.14 -4.17
N ARG A 26 -10.05 1.34 -4.65
CA ARG A 26 -10.26 -0.13 -4.59
C ARG A 26 -10.17 -0.64 -3.14
N ALA A 27 -9.33 -0.04 -2.35
CA ALA A 27 -9.18 -0.50 -0.93
C ALA A 27 -10.39 -0.02 -0.11
N ASN A 28 -11.23 0.80 -0.66
CA ASN A 28 -12.42 1.28 0.09
C ASN A 28 -13.45 0.14 0.20
N VAL A 29 -13.68 -0.55 -0.87
CA VAL A 29 -14.67 -1.67 -0.83
C VAL A 29 -14.15 -2.80 0.05
N GLN A 30 -12.90 -3.15 -0.08
CA GLN A 30 -12.33 -4.26 0.74
C GLN A 30 -11.94 -3.71 2.11
N GLY A 31 -11.97 -4.54 3.12
CA GLY A 31 -11.59 -4.08 4.49
C GLY A 31 -10.08 -4.28 4.69
N TRP A 32 -9.27 -3.63 3.90
CA TRP A 32 -7.80 -3.79 4.05
C TRP A 32 -7.38 -3.39 5.47
N THR A 33 -6.27 -3.89 5.93
CA THR A 33 -5.80 -3.48 7.28
C THR A 33 -5.17 -2.10 7.13
N LYS A 34 -5.75 -1.09 7.73
CA LYS A 34 -5.21 0.30 7.58
C LYS A 34 -5.10 0.96 8.95
N ARG A 35 -4.25 1.95 9.07
CA ARG A 35 -4.12 2.68 10.37
C ARG A 35 -3.85 4.16 10.09
N LYS A 36 -4.67 5.03 10.62
CA LYS A 36 -4.47 6.49 10.36
C LYS A 36 -3.57 7.09 11.43
N LYS A 37 -2.31 7.28 11.14
CA LYS A 37 -1.39 7.88 12.16
C LYS A 37 -1.43 9.41 12.03
N GLU A 38 -1.52 10.09 13.15
CA GLU A 38 -1.57 11.59 13.16
C GLU A 38 -2.87 12.07 12.48
N GLY A 39 -3.95 11.37 12.70
CA GLY A 39 -5.26 11.78 12.11
C GLY A 39 -5.10 12.20 10.65
N VAL A 40 -4.99 11.25 9.75
CA VAL A 40 -4.80 11.59 8.32
C VAL A 40 -6.15 11.89 7.65
N LYS A 41 -6.22 12.99 6.93
CA LYS A 41 -7.49 13.35 6.20
C LYS A 41 -7.25 13.19 4.71
N GLY A 42 -6.06 12.81 4.35
CA GLY A 42 -5.70 12.64 2.92
C GLY A 42 -4.18 12.75 2.76
N GLY A 43 -3.47 12.60 3.85
CA GLY A 43 -1.99 12.69 3.79
C GLY A 43 -1.38 12.35 5.16
N LYS A 44 -0.56 13.22 5.70
CA LYS A 44 0.06 12.94 7.03
C LYS A 44 0.67 11.53 7.05
N ALA A 45 0.54 10.81 8.15
CA ALA A 45 1.14 9.44 8.22
C ALA A 45 0.06 8.36 8.05
N VAL A 46 0.03 7.72 6.90
CA VAL A 46 -0.95 6.63 6.64
C VAL A 46 -0.17 5.39 6.22
N GLU A 47 -0.48 4.24 6.79
CA GLU A 47 0.28 2.98 6.43
C GLU A 47 -0.66 1.84 6.07
N TYR A 48 -0.19 0.95 5.21
CA TYR A 48 -0.99 -0.22 4.76
C TYR A 48 -0.20 -1.50 5.05
N ASP A 49 -0.84 -2.53 5.54
CA ASP A 49 -0.10 -3.81 5.83
C ASP A 49 -0.21 -4.71 4.61
N VAL A 50 0.88 -4.93 3.90
CA VAL A 50 0.83 -5.81 2.69
C VAL A 50 0.48 -7.25 3.09
N MET A 51 0.92 -7.70 4.23
CA MET A 51 0.63 -9.11 4.63
C MET A 51 -0.86 -9.28 4.93
N SER A 52 -1.68 -8.33 4.54
CA SER A 52 -3.15 -8.43 4.80
C SER A 52 -3.90 -8.57 3.46
N MET A 53 -3.32 -8.11 2.39
CA MET A 53 -3.99 -8.23 1.06
C MET A 53 -3.79 -9.65 0.52
N PRO A 54 -4.70 -10.16 -0.28
CA PRO A 54 -4.56 -11.52 -0.87
C PRO A 54 -3.12 -11.81 -1.30
N THR A 55 -2.80 -13.04 -1.57
CA THR A 55 -1.42 -13.37 -1.97
C THR A 55 -1.12 -12.80 -3.37
N LYS A 56 -2.09 -12.71 -4.23
CA LYS A 56 -1.83 -12.16 -5.60
C LYS A 56 -1.25 -10.74 -5.51
N GLU A 57 -1.89 -9.86 -4.78
CA GLU A 57 -1.33 -8.47 -4.68
C GLU A 57 -0.02 -8.48 -3.90
N ARG A 58 0.06 -9.27 -2.86
CA ARG A 58 1.32 -9.31 -2.05
C ARG A 58 2.48 -9.76 -2.95
N GLU A 59 2.28 -10.77 -3.74
CA GLU A 59 3.38 -11.24 -4.64
C GLU A 59 3.77 -10.12 -5.60
N GLN A 60 2.82 -9.38 -6.09
CA GLN A 60 3.15 -8.28 -7.05
C GLN A 60 4.02 -7.23 -6.37
N VAL A 61 3.79 -6.95 -5.12
CA VAL A 61 4.62 -5.92 -4.42
C VAL A 61 6.06 -6.42 -4.31
N ILE A 62 6.25 -7.64 -3.85
CA ILE A 62 7.63 -8.16 -3.71
C ILE A 62 8.29 -8.22 -5.10
N ALA A 63 7.55 -8.62 -6.11
CA ALA A 63 8.14 -8.71 -7.48
C ALA A 63 8.63 -7.32 -7.91
N HIS A 64 7.90 -6.29 -7.58
CA HIS A 64 8.34 -4.92 -7.96
C HIS A 64 9.70 -4.64 -7.33
N LEU A 65 9.90 -5.08 -6.11
CA LEU A 65 11.20 -4.85 -5.44
C LEU A 65 12.18 -5.96 -5.85
N GLY A 66 11.67 -7.04 -6.41
CA GLY A 66 12.56 -8.17 -6.82
C GLY A 66 12.26 -8.60 -8.27
N LEU A 67 12.09 -7.66 -9.15
CA LEU A 67 11.80 -8.00 -10.58
C LEU A 67 13.13 -8.16 -11.34
N SER A 68 14.22 -7.88 -10.69
CA SER A 68 15.55 -8.02 -11.37
C SER A 68 16.65 -7.81 -10.34
N THR A 69 16.31 -7.82 -9.09
CA THR A 69 17.33 -7.64 -8.03
C THR A 69 18.48 -8.63 -8.26
N LYS A 1 8.33 -7.31 13.70
CA LYS A 1 8.72 -7.72 12.32
C LYS A 1 7.51 -7.64 11.39
N SER A 2 6.63 -6.70 11.62
CA SER A 2 5.44 -6.55 10.74
C SER A 2 5.85 -5.81 9.46
N ILE A 3 5.01 -5.82 8.46
CA ILE A 3 5.35 -5.13 7.17
C ILE A 3 4.40 -3.95 6.98
N TRP A 4 4.92 -2.78 6.69
CA TRP A 4 4.06 -1.59 6.47
C TRP A 4 4.67 -0.73 5.37
N CYS A 5 3.90 -0.34 4.39
CA CYS A 5 4.43 0.50 3.27
C CYS A 5 3.52 1.70 3.06
N SER A 6 4.09 2.85 2.80
CA SER A 6 3.26 4.07 2.58
C SER A 6 2.66 4.00 1.16
N PRO A 7 1.84 4.96 0.79
CA PRO A 7 1.21 4.98 -0.57
C PRO A 7 2.23 5.18 -1.70
N GLN A 8 3.31 5.87 -1.44
CA GLN A 8 4.31 6.10 -2.50
C GLN A 8 4.85 4.75 -3.00
N GLU A 9 5.10 3.84 -2.11
CA GLU A 9 5.61 2.51 -2.55
C GLU A 9 4.50 1.80 -3.33
N ILE A 10 3.29 1.91 -2.87
CA ILE A 10 2.17 1.25 -3.57
C ILE A 10 1.90 1.93 -4.92
N MET A 11 1.74 3.23 -4.93
CA MET A 11 1.45 3.91 -6.23
C MET A 11 2.51 3.55 -7.27
N ALA A 12 3.67 3.14 -6.84
CA ALA A 12 4.74 2.76 -7.82
C ALA A 12 4.48 1.34 -8.31
N ALA A 13 3.56 0.63 -7.70
CA ALA A 13 3.27 -0.76 -8.12
C ALA A 13 2.29 -0.76 -9.29
N ASP A 14 2.63 -1.43 -10.36
CA ASP A 14 1.71 -1.49 -11.53
C ASP A 14 0.39 -2.15 -11.12
N GLY A 15 0.46 -3.12 -10.25
CA GLY A 15 -0.78 -3.83 -9.81
C GLY A 15 -1.76 -2.83 -9.20
N MET A 16 -1.28 -1.75 -8.65
CA MET A 16 -2.18 -0.72 -8.02
C MET A 16 -1.84 0.66 -8.61
N PRO A 17 -2.37 0.97 -9.76
CA PRO A 17 -2.10 2.28 -10.46
C PRO A 17 -2.99 3.40 -9.96
N GLY A 18 -2.75 4.61 -10.42
CA GLY A 18 -3.57 5.77 -9.98
C GLY A 18 -2.84 6.48 -8.84
N SER A 19 -3.21 7.69 -8.55
CA SER A 19 -2.52 8.43 -7.46
C SER A 19 -2.92 7.81 -6.13
N VAL A 20 -2.61 8.48 -5.05
CA VAL A 20 -2.93 7.91 -3.72
C VAL A 20 -4.43 7.61 -3.65
N ALA A 21 -5.28 8.52 -4.03
CA ALA A 21 -6.75 8.25 -3.97
C ALA A 21 -7.07 7.02 -4.84
N GLY A 22 -6.45 6.90 -5.99
CA GLY A 22 -6.74 5.73 -6.86
C GLY A 22 -6.47 4.44 -6.08
N VAL A 23 -5.39 4.40 -5.36
CA VAL A 23 -5.07 3.19 -4.56
C VAL A 23 -6.19 2.99 -3.53
N HIS A 24 -6.66 4.06 -2.96
CA HIS A 24 -7.75 3.97 -1.95
C HIS A 24 -9.02 3.45 -2.61
N TYR A 25 -9.22 3.74 -3.86
CA TYR A 25 -10.47 3.27 -4.54
C TYR A 25 -10.53 1.75 -4.47
N ARG A 26 -9.44 1.08 -4.81
CA ARG A 26 -9.47 -0.40 -4.75
C ARG A 26 -9.68 -0.84 -3.30
N ALA A 27 -9.01 -0.21 -2.37
CA ALA A 27 -9.17 -0.58 -0.93
C ALA A 27 -10.52 -0.10 -0.40
N ASN A 28 -11.32 0.49 -1.25
CA ASN A 28 -12.66 0.97 -0.78
C ASN A 28 -13.59 -0.23 -0.60
N VAL A 29 -13.57 -1.14 -1.53
CA VAL A 29 -14.45 -2.34 -1.43
C VAL A 29 -13.96 -3.25 -0.29
N GLN A 30 -12.68 -3.42 -0.17
CA GLN A 30 -12.12 -4.31 0.91
C GLN A 30 -11.73 -3.46 2.13
N GLY A 31 -11.62 -4.09 3.28
CA GLY A 31 -11.23 -3.35 4.51
C GLY A 31 -9.73 -3.52 4.74
N TRP A 32 -8.94 -2.90 3.91
CA TRP A 32 -7.46 -3.01 4.04
C TRP A 32 -7.03 -2.59 5.45
N THR A 33 -5.93 -3.13 5.92
CA THR A 33 -5.42 -2.75 7.26
C THR A 33 -4.76 -1.37 7.14
N LYS A 34 -5.16 -0.42 7.95
CA LYS A 34 -4.58 0.96 7.87
C LYS A 34 -4.22 1.47 9.25
N ARG A 35 -3.23 2.33 9.32
CA ARG A 35 -2.82 2.92 10.64
C ARG A 35 -2.49 4.39 10.44
N LYS A 36 -2.89 5.24 11.34
CA LYS A 36 -2.58 6.69 11.19
C LYS A 36 -1.19 6.96 11.76
N LYS A 37 -0.44 7.81 11.13
CA LYS A 37 0.92 8.12 11.66
C LYS A 37 1.37 9.49 11.15
N GLU A 38 1.50 10.45 12.03
CA GLU A 38 1.93 11.79 11.60
C GLU A 38 3.41 11.74 11.24
N GLY A 39 3.82 12.37 10.18
CA GLY A 39 5.27 12.34 9.80
C GLY A 39 5.51 13.18 8.56
N VAL A 40 4.96 12.80 7.43
CA VAL A 40 5.17 13.60 6.19
C VAL A 40 4.77 15.05 6.45
N LYS A 41 5.14 15.94 5.57
CA LYS A 41 4.79 17.38 5.78
C LYS A 41 3.27 17.54 5.86
N GLY A 42 2.54 16.82 5.03
CA GLY A 42 1.06 16.93 5.07
C GLY A 42 0.53 16.47 6.42
N GLY A 43 1.10 15.43 6.97
CA GLY A 43 0.63 14.91 8.29
C GLY A 43 -0.44 13.84 8.05
N LYS A 44 -0.90 13.20 9.09
CA LYS A 44 -1.95 12.14 8.92
C LYS A 44 -1.45 11.09 7.93
N ALA A 45 -0.18 10.85 7.90
CA ALA A 45 0.36 9.84 6.95
C ALA A 45 -0.29 8.48 7.25
N VAL A 46 -0.62 7.73 6.23
CA VAL A 46 -1.28 6.40 6.44
C VAL A 46 -0.45 5.29 5.80
N GLU A 47 -0.44 4.11 6.39
CA GLU A 47 0.34 2.97 5.83
C GLU A 47 -0.57 1.76 5.70
N TYR A 48 -0.21 0.81 4.84
CA TYR A 48 -1.06 -0.41 4.63
C TYR A 48 -0.24 -1.66 4.97
N ASP A 49 -0.86 -2.64 5.58
CA ASP A 49 -0.11 -3.90 5.91
C ASP A 49 -0.34 -4.93 4.81
N VAL A 50 0.67 -5.28 4.07
CA VAL A 50 0.52 -6.28 2.98
C VAL A 50 0.19 -7.65 3.57
N MET A 51 0.49 -7.85 4.82
CA MET A 51 0.22 -9.18 5.46
C MET A 51 -1.29 -9.36 5.66
N SER A 52 -2.08 -8.37 5.30
CA SER A 52 -3.56 -8.48 5.46
C SER A 52 -4.23 -8.55 4.07
N MET A 53 -3.53 -8.12 3.05
CA MET A 53 -4.13 -8.16 1.68
C MET A 53 -4.01 -9.58 1.10
N PRO A 54 -4.91 -9.98 0.22
CA PRO A 54 -4.85 -11.33 -0.40
C PRO A 54 -3.42 -11.69 -0.84
N THR A 55 -3.21 -12.91 -1.26
CA THR A 55 -1.85 -13.34 -1.70
C THR A 55 -1.50 -12.70 -3.06
N LYS A 56 -2.48 -12.45 -3.88
CA LYS A 56 -2.20 -11.87 -5.23
C LYS A 56 -1.50 -10.51 -5.10
N GLU A 57 -2.00 -9.63 -4.28
CA GLU A 57 -1.34 -8.31 -4.11
C GLU A 57 0.02 -8.49 -3.46
N ARG A 58 0.14 -9.43 -2.57
CA ARG A 58 1.43 -9.64 -1.85
C ARG A 58 2.54 -9.97 -2.87
N GLU A 59 2.32 -10.91 -3.75
CA GLU A 59 3.40 -11.26 -4.73
C GLU A 59 3.74 -10.05 -5.60
N GLN A 60 2.79 -9.23 -5.92
CA GLN A 60 3.09 -8.05 -6.79
C GLN A 60 4.08 -7.13 -6.08
N VAL A 61 3.99 -7.01 -4.78
CA VAL A 61 4.93 -6.12 -4.05
C VAL A 61 6.34 -6.74 -4.08
N ILE A 62 6.48 -8.00 -3.75
CA ILE A 62 7.83 -8.63 -3.79
C ILE A 62 8.38 -8.54 -5.21
N ALA A 63 7.55 -8.75 -6.20
CA ALA A 63 8.04 -8.67 -7.61
C ALA A 63 8.58 -7.27 -7.88
N HIS A 64 7.92 -6.27 -7.36
CA HIS A 64 8.39 -4.87 -7.59
C HIS A 64 9.77 -4.69 -6.95
N LEU A 65 9.98 -5.25 -5.79
CA LEU A 65 11.31 -5.10 -5.13
C LEU A 65 12.35 -5.84 -5.97
N GLY A 66 11.98 -6.93 -6.57
CA GLY A 66 12.95 -7.71 -7.39
C GLY A 66 13.50 -6.83 -8.52
N LEU A 67 12.77 -6.71 -9.61
CA LEU A 67 13.24 -5.89 -10.77
C LEU A 67 14.74 -6.11 -11.00
N SER A 68 15.50 -5.05 -11.14
CA SER A 68 16.97 -5.21 -11.38
C SER A 68 17.64 -5.84 -10.15
N THR A 69 17.33 -5.34 -8.98
CA THR A 69 17.96 -5.91 -7.75
C THR A 69 17.26 -7.22 -7.36
N LYS A 1 8.94 -10.34 10.79
CA LYS A 1 8.83 -8.87 11.03
C LYS A 1 7.58 -8.34 10.29
N SER A 2 7.02 -7.27 10.77
CA SER A 2 5.81 -6.71 10.12
C SER A 2 6.21 -5.90 8.88
N ILE A 3 5.26 -5.57 8.04
CA ILE A 3 5.57 -4.78 6.82
C ILE A 3 4.55 -3.64 6.67
N TRP A 4 5.03 -2.43 6.50
CA TRP A 4 4.10 -1.28 6.33
C TRP A 4 4.75 -0.30 5.35
N CYS A 5 4.02 0.18 4.37
CA CYS A 5 4.61 1.13 3.38
C CYS A 5 3.65 2.29 3.10
N SER A 6 4.18 3.43 2.76
CA SER A 6 3.32 4.62 2.45
C SER A 6 2.64 4.40 1.09
N PRO A 7 1.50 4.98 0.85
CA PRO A 7 0.78 4.82 -0.45
C PRO A 7 1.67 5.16 -1.65
N GLN A 8 2.55 6.10 -1.52
CA GLN A 8 3.44 6.44 -2.66
C GLN A 8 4.23 5.19 -3.03
N GLU A 9 4.67 4.45 -2.05
CA GLU A 9 5.43 3.22 -2.37
C GLU A 9 4.51 2.33 -3.20
N ILE A 10 3.25 2.30 -2.86
CA ILE A 10 2.31 1.49 -3.66
C ILE A 10 2.17 2.13 -5.05
N MET A 11 2.10 3.44 -5.13
CA MET A 11 1.96 4.10 -6.46
C MET A 11 3.01 3.52 -7.42
N ALA A 12 4.12 3.05 -6.93
CA ALA A 12 5.15 2.49 -7.84
C ALA A 12 4.75 1.07 -8.25
N ALA A 13 3.77 0.50 -7.59
CA ALA A 13 3.34 -0.88 -7.95
C ALA A 13 2.31 -0.80 -9.08
N ASP A 14 2.66 -1.31 -10.24
CA ASP A 14 1.70 -1.28 -11.38
C ASP A 14 0.42 -2.04 -11.01
N GLY A 15 0.56 -3.08 -10.23
CA GLY A 15 -0.63 -3.89 -9.84
C GLY A 15 -1.75 -2.98 -9.31
N MET A 16 -1.41 -1.84 -8.76
CA MET A 16 -2.46 -0.91 -8.20
C MET A 16 -2.40 0.42 -8.98
N PRO A 17 -3.24 0.63 -9.98
CA PRO A 17 -3.25 1.87 -10.80
C PRO A 17 -4.07 3.00 -10.16
N GLY A 18 -3.83 4.22 -10.59
CA GLY A 18 -4.58 5.38 -10.04
C GLY A 18 -3.66 6.15 -9.10
N SER A 19 -3.96 7.39 -8.85
CA SER A 19 -3.09 8.19 -7.95
C SER A 19 -3.27 7.68 -6.52
N VAL A 20 -2.76 8.40 -5.56
CA VAL A 20 -2.89 7.94 -4.15
C VAL A 20 -4.37 7.74 -3.82
N ALA A 21 -5.22 8.67 -4.18
CA ALA A 21 -6.66 8.51 -3.89
C ALA A 21 -7.23 7.26 -4.57
N GLY A 22 -6.80 6.99 -5.78
CA GLY A 22 -7.33 5.79 -6.49
C GLY A 22 -7.07 4.52 -5.67
N VAL A 23 -5.89 4.36 -5.16
CA VAL A 23 -5.60 3.15 -4.34
C VAL A 23 -6.53 3.18 -3.12
N HIS A 24 -6.71 4.33 -2.54
CA HIS A 24 -7.61 4.45 -1.37
C HIS A 24 -9.03 4.02 -1.75
N TYR A 25 -9.47 4.38 -2.92
CA TYR A 25 -10.86 4.01 -3.34
C TYR A 25 -11.01 2.49 -3.34
N ARG A 26 -10.11 1.79 -3.96
CA ARG A 26 -10.21 0.31 -3.98
C ARG A 26 -10.00 -0.23 -2.55
N ALA A 27 -8.99 0.25 -1.88
CA ALA A 27 -8.69 -0.24 -0.50
C ALA A 27 -9.83 0.07 0.47
N ASN A 28 -10.58 1.11 0.26
CA ASN A 28 -11.69 1.44 1.21
C ASN A 28 -12.74 0.33 1.16
N VAL A 29 -13.05 -0.17 0.00
CA VAL A 29 -14.07 -1.24 -0.10
C VAL A 29 -13.55 -2.51 0.60
N GLN A 30 -12.30 -2.82 0.40
CA GLN A 30 -11.72 -4.03 1.05
C GLN A 30 -11.32 -3.67 2.49
N GLY A 31 -11.23 -4.65 3.35
CA GLY A 31 -10.84 -4.37 4.77
C GLY A 31 -9.32 -4.35 4.90
N TRP A 32 -8.65 -3.51 4.16
CA TRP A 32 -7.17 -3.43 4.26
C TRP A 32 -6.79 -2.97 5.67
N THR A 33 -5.76 -3.52 6.24
CA THR A 33 -5.35 -3.07 7.60
C THR A 33 -4.63 -1.71 7.43
N LYS A 34 -5.11 -0.69 8.11
CA LYS A 34 -4.52 0.68 7.97
C LYS A 34 -4.17 1.24 9.34
N ARG A 35 -3.28 2.22 9.37
CA ARG A 35 -2.90 2.85 10.66
C ARG A 35 -2.60 4.33 10.41
N LYS A 36 -2.67 5.14 11.44
CA LYS A 36 -2.43 6.60 11.25
C LYS A 36 -0.92 6.89 11.24
N LYS A 37 -0.53 8.01 10.70
CA LYS A 37 0.93 8.36 10.67
C LYS A 37 1.08 9.89 10.69
N GLU A 38 1.72 10.40 11.71
CA GLU A 38 1.96 11.87 11.88
C GLU A 38 0.86 12.70 11.18
N GLY A 39 1.21 13.80 10.59
CA GLY A 39 0.19 14.64 9.89
C GLY A 39 0.88 15.54 8.87
N VAL A 40 0.58 15.37 7.61
CA VAL A 40 1.22 16.21 6.55
C VAL A 40 0.22 17.26 6.05
N LYS A 41 0.47 18.51 6.36
CA LYS A 41 -0.43 19.63 5.91
C LYS A 41 -1.89 19.17 5.89
N GLY A 42 -2.35 18.64 4.77
CA GLY A 42 -3.75 18.16 4.66
C GLY A 42 -3.75 16.74 4.10
N GLY A 43 -4.75 15.97 4.40
CA GLY A 43 -4.80 14.56 3.89
C GLY A 43 -4.19 13.62 4.93
N LYS A 44 -3.35 14.14 5.78
CA LYS A 44 -2.72 13.28 6.83
C LYS A 44 -2.01 12.09 6.16
N ALA A 45 -1.07 11.45 6.84
CA ALA A 45 -0.36 10.30 6.21
C ALA A 45 -0.92 8.98 6.74
N VAL A 46 -1.11 8.02 5.88
CA VAL A 46 -1.66 6.69 6.30
C VAL A 46 -0.76 5.60 5.74
N GLU A 47 -0.69 4.46 6.39
CA GLU A 47 0.21 3.35 5.91
C GLU A 47 -0.61 2.06 5.75
N TYR A 48 -0.26 1.26 4.76
CA TYR A 48 -1.01 -0.01 4.50
C TYR A 48 -0.06 -1.20 4.69
N ASP A 49 -0.52 -2.28 5.26
CA ASP A 49 0.38 -3.47 5.45
C ASP A 49 0.15 -4.45 4.30
N VAL A 50 1.19 -4.80 3.59
CA VAL A 50 1.04 -5.74 2.45
C VAL A 50 0.69 -7.15 2.93
N MET A 51 0.88 -7.43 4.19
CA MET A 51 0.59 -8.80 4.70
C MET A 51 -0.92 -9.02 4.81
N SER A 52 -1.70 -7.98 4.66
CA SER A 52 -3.19 -8.13 4.75
C SER A 52 -3.82 -8.07 3.35
N MET A 53 -3.06 -7.67 2.36
CA MET A 53 -3.63 -7.60 0.98
C MET A 53 -3.71 -9.02 0.40
N PRO A 54 -4.70 -9.33 -0.41
CA PRO A 54 -4.84 -10.68 -1.03
C PRO A 54 -3.49 -11.26 -1.46
N THR A 55 -3.38 -12.56 -1.53
CA THR A 55 -2.08 -13.17 -1.95
C THR A 55 -1.69 -12.70 -3.34
N LYS A 56 -2.63 -12.59 -4.25
CA LYS A 56 -2.27 -12.13 -5.63
C LYS A 56 -1.63 -10.75 -5.57
N GLU A 57 -2.21 -9.84 -4.85
CA GLU A 57 -1.61 -8.48 -4.74
C GLU A 57 -0.27 -8.58 -3.99
N ARG A 58 -0.22 -9.40 -2.98
CA ARG A 58 1.04 -9.55 -2.20
C ARG A 58 2.16 -10.01 -3.14
N GLU A 59 1.85 -10.90 -4.03
CA GLU A 59 2.86 -11.40 -4.99
C GLU A 59 3.39 -10.24 -5.83
N GLN A 60 2.52 -9.35 -6.24
CA GLN A 60 2.94 -8.21 -7.09
C GLN A 60 3.93 -7.31 -6.33
N VAL A 61 3.69 -7.09 -5.07
CA VAL A 61 4.60 -6.20 -4.29
C VAL A 61 5.95 -6.89 -4.09
N ILE A 62 5.96 -8.15 -3.75
CA ILE A 62 7.25 -8.86 -3.54
C ILE A 62 8.07 -8.81 -4.84
N ALA A 63 7.42 -8.97 -5.95
CA ALA A 63 8.14 -8.94 -7.26
C ALA A 63 8.83 -7.58 -7.42
N HIS A 64 8.17 -6.53 -7.03
CA HIS A 64 8.77 -5.17 -7.17
C HIS A 64 10.00 -5.02 -6.26
N LEU A 65 9.97 -5.58 -5.09
CA LEU A 65 11.15 -5.45 -4.19
C LEU A 65 12.39 -6.05 -4.85
N GLY A 66 12.24 -7.17 -5.52
CA GLY A 66 13.42 -7.81 -6.19
C GLY A 66 13.41 -7.52 -7.69
N LEU A 67 12.29 -7.16 -8.24
CA LEU A 67 12.23 -6.86 -9.70
C LEU A 67 12.80 -8.05 -10.47
N SER A 68 12.96 -9.17 -9.82
CA SER A 68 13.51 -10.37 -10.52
C SER A 68 13.25 -11.61 -9.65
N THR A 69 12.91 -11.42 -8.40
CA THR A 69 12.66 -12.58 -7.51
C THR A 69 11.24 -13.12 -7.77
N LYS A 1 7.50 -11.08 12.92
CA LYS A 1 7.91 -10.23 11.77
C LYS A 1 6.66 -9.70 11.06
N SER A 2 6.77 -8.58 10.39
CA SER A 2 5.59 -8.03 9.68
C SER A 2 6.06 -7.06 8.59
N ILE A 3 5.18 -6.70 7.69
CA ILE A 3 5.54 -5.75 6.60
C ILE A 3 4.49 -4.65 6.51
N TRP A 4 4.91 -3.41 6.50
CA TRP A 4 3.93 -2.27 6.41
C TRP A 4 4.53 -1.21 5.46
N CYS A 5 3.73 -0.64 4.57
CA CYS A 5 4.28 0.38 3.61
C CYS A 5 3.29 1.53 3.41
N SER A 6 3.79 2.73 3.19
CA SER A 6 2.87 3.90 2.98
C SER A 6 2.39 3.96 1.51
N PRO A 7 1.40 4.78 1.20
CA PRO A 7 0.84 4.89 -0.18
C PRO A 7 1.92 5.08 -1.27
N GLN A 8 3.04 5.65 -0.93
CA GLN A 8 4.10 5.85 -1.97
C GLN A 8 4.50 4.49 -2.53
N GLU A 9 4.68 3.51 -1.69
CA GLU A 9 5.06 2.18 -2.20
C GLU A 9 3.88 1.57 -2.96
N ILE A 10 2.69 1.73 -2.45
CA ILE A 10 1.50 1.16 -3.14
C ILE A 10 1.23 1.92 -4.43
N MET A 11 1.10 3.23 -4.36
CA MET A 11 0.81 4.03 -5.59
C MET A 11 1.80 3.66 -6.69
N ALA A 12 2.97 3.18 -6.33
CA ALA A 12 3.97 2.80 -7.37
C ALA A 12 3.68 1.39 -7.88
N ALA A 13 2.79 0.68 -7.25
CA ALA A 13 2.49 -0.71 -7.70
C ALA A 13 1.47 -0.68 -8.85
N ASP A 14 1.77 -1.37 -9.92
CA ASP A 14 0.82 -1.41 -11.08
C ASP A 14 -0.51 -1.98 -10.62
N GLY A 15 -0.47 -3.00 -9.78
CA GLY A 15 -1.72 -3.63 -9.29
C GLY A 15 -2.62 -2.58 -8.62
N MET A 16 -2.04 -1.53 -8.08
CA MET A 16 -2.87 -0.48 -7.40
C MET A 16 -2.51 0.91 -7.97
N PRO A 17 -3.04 1.23 -9.12
CA PRO A 17 -2.79 2.52 -9.81
C PRO A 17 -3.74 3.64 -9.34
N GLY A 18 -3.53 4.85 -9.81
CA GLY A 18 -4.40 5.98 -9.39
C GLY A 18 -3.75 6.69 -8.21
N SER A 19 -4.17 7.88 -7.90
CA SER A 19 -3.54 8.61 -6.77
C SER A 19 -3.88 7.91 -5.45
N VAL A 20 -3.53 8.50 -4.34
CA VAL A 20 -3.80 7.83 -3.03
C VAL A 20 -5.27 7.46 -2.93
N ALA A 21 -6.16 8.38 -3.19
CA ALA A 21 -7.61 8.04 -3.10
C ALA A 21 -7.93 6.88 -4.04
N GLY A 22 -7.36 6.87 -5.22
CA GLY A 22 -7.63 5.73 -6.14
C GLY A 22 -7.14 4.45 -5.45
N VAL A 23 -5.96 4.51 -4.89
CA VAL A 23 -5.42 3.34 -4.16
C VAL A 23 -6.30 3.09 -2.94
N HIS A 24 -6.55 4.14 -2.22
CA HIS A 24 -7.36 4.03 -0.99
C HIS A 24 -8.80 3.64 -1.34
N TYR A 25 -9.25 4.00 -2.52
CA TYR A 25 -10.65 3.66 -2.91
C TYR A 25 -10.86 2.15 -2.92
N ARG A 26 -10.00 1.40 -3.57
CA ARG A 26 -10.17 -0.08 -3.58
C ARG A 26 -9.95 -0.62 -2.17
N ALA A 27 -8.98 -0.09 -1.47
CA ALA A 27 -8.71 -0.58 -0.10
C ALA A 27 -9.86 -0.15 0.82
N ASN A 28 -10.76 0.66 0.33
CA ASN A 28 -11.91 1.08 1.17
C ASN A 28 -12.92 -0.06 1.25
N VAL A 29 -13.18 -0.68 0.13
CA VAL A 29 -14.16 -1.81 0.10
C VAL A 29 -13.55 -2.99 0.85
N GLN A 30 -12.28 -3.23 0.68
CA GLN A 30 -11.63 -4.38 1.37
C GLN A 30 -11.32 -4.03 2.82
N GLY A 31 -11.23 -5.01 3.67
CA GLY A 31 -10.93 -4.77 5.12
C GLY A 31 -9.41 -4.78 5.34
N TRP A 32 -8.69 -3.93 4.65
CA TRP A 32 -7.21 -3.90 4.84
C TRP A 32 -6.88 -3.30 6.20
N THR A 33 -5.81 -3.72 6.81
CA THR A 33 -5.42 -3.12 8.12
C THR A 33 -4.74 -1.80 7.84
N LYS A 34 -5.17 -0.74 8.48
CA LYS A 34 -4.57 0.61 8.24
C LYS A 34 -4.23 1.28 9.57
N ARG A 35 -3.27 2.17 9.56
CA ARG A 35 -2.89 2.91 10.81
C ARG A 35 -2.47 4.33 10.44
N LYS A 36 -2.94 5.31 11.15
CA LYS A 36 -2.56 6.72 10.83
C LYS A 36 -1.26 7.09 11.51
N LYS A 37 -0.55 8.05 10.99
CA LYS A 37 0.72 8.49 11.62
C LYS A 37 0.98 9.96 11.29
N GLU A 38 1.70 10.64 12.15
CA GLU A 38 2.01 12.08 11.94
C GLU A 38 0.69 12.87 11.88
N GLY A 39 -0.33 12.34 12.49
CA GLY A 39 -1.66 13.03 12.49
C GLY A 39 -2.11 13.28 11.05
N VAL A 40 -1.37 12.76 10.09
CA VAL A 40 -1.74 12.93 8.66
C VAL A 40 -2.32 14.32 8.38
N LYS A 41 -2.01 15.30 9.20
CA LYS A 41 -2.54 16.67 8.95
C LYS A 41 -1.88 17.22 7.70
N GLY A 42 -0.61 16.96 7.54
CA GLY A 42 0.14 17.45 6.35
C GLY A 42 1.12 16.35 5.92
N GLY A 43 1.65 15.62 6.87
CA GLY A 43 2.60 14.52 6.54
C GLY A 43 1.85 13.46 5.75
N LYS A 44 0.61 13.21 6.08
CA LYS A 44 -0.19 12.18 5.37
C LYS A 44 0.51 10.83 5.51
N ALA A 45 0.89 10.46 6.71
CA ALA A 45 1.59 9.15 6.90
C ALA A 45 0.59 8.07 7.31
N VAL A 46 0.26 7.21 6.38
CA VAL A 46 -0.68 6.08 6.67
C VAL A 46 -0.03 4.81 6.13
N GLU A 47 -0.33 3.65 6.64
CA GLU A 47 0.32 2.41 6.11
C GLU A 47 -0.70 1.27 5.98
N TYR A 48 -0.40 0.32 5.14
CA TYR A 48 -1.29 -0.85 4.91
C TYR A 48 -0.44 -2.12 5.00
N ASP A 49 -0.91 -3.15 5.66
CA ASP A 49 -0.08 -4.40 5.79
C ASP A 49 -0.31 -5.34 4.59
N VAL A 50 0.70 -5.60 3.81
CA VAL A 50 0.55 -6.54 2.65
C VAL A 50 0.34 -7.97 3.14
N MET A 51 0.58 -8.22 4.39
CA MET A 51 0.41 -9.61 4.93
C MET A 51 -1.07 -9.98 4.95
N SER A 52 -1.94 -9.00 4.87
CA SER A 52 -3.41 -9.30 4.88
C SER A 52 -3.96 -9.21 3.45
N MET A 53 -3.17 -8.73 2.53
CA MET A 53 -3.67 -8.65 1.13
C MET A 53 -3.60 -10.06 0.50
N PRO A 54 -4.48 -10.38 -0.42
CA PRO A 54 -4.47 -11.73 -1.04
C PRO A 54 -3.06 -12.11 -1.52
N THR A 55 -2.84 -13.35 -1.80
CA THR A 55 -1.49 -13.79 -2.27
C THR A 55 -1.09 -13.07 -3.56
N LYS A 56 -2.03 -12.89 -4.46
CA LYS A 56 -1.71 -12.23 -5.76
C LYS A 56 -1.17 -10.81 -5.56
N GLU A 57 -1.82 -10.00 -4.77
CA GLU A 57 -1.35 -8.59 -4.60
C GLU A 57 0.02 -8.54 -3.89
N ARG A 58 0.18 -9.22 -2.79
CA ARG A 58 1.50 -9.16 -2.08
C ARG A 58 2.63 -9.66 -2.98
N GLU A 59 2.41 -10.71 -3.73
CA GLU A 59 3.49 -11.22 -4.60
C GLU A 59 3.88 -10.11 -5.59
N GLN A 60 2.91 -9.39 -6.09
CA GLN A 60 3.20 -8.30 -7.06
C GLN A 60 3.90 -7.13 -6.35
N VAL A 61 3.51 -6.79 -5.16
CA VAL A 61 4.17 -5.64 -4.45
C VAL A 61 5.60 -6.03 -4.07
N ILE A 62 5.78 -7.17 -3.46
CA ILE A 62 7.16 -7.60 -3.09
C ILE A 62 7.99 -7.73 -4.37
N ALA A 63 7.42 -8.24 -5.43
CA ALA A 63 8.19 -8.39 -6.68
C ALA A 63 8.69 -7.03 -7.17
N HIS A 64 7.87 -6.00 -7.07
CA HIS A 64 8.32 -4.66 -7.54
C HIS A 64 9.53 -4.23 -6.71
N LEU A 65 9.52 -4.47 -5.43
CA LEU A 65 10.68 -4.09 -4.58
C LEU A 65 11.68 -5.24 -4.59
N GLY A 66 11.29 -6.37 -5.10
CA GLY A 66 12.21 -7.55 -5.15
C GLY A 66 13.18 -7.42 -6.31
N LEU A 67 12.92 -6.55 -7.25
CA LEU A 67 13.85 -6.39 -8.41
C LEU A 67 14.91 -5.34 -8.07
N SER A 68 15.09 -5.08 -6.80
CA SER A 68 16.12 -4.07 -6.40
C SER A 68 15.86 -2.74 -7.11
N THR A 69 15.32 -1.79 -6.41
CA THR A 69 15.04 -0.46 -7.03
C THR A 69 16.35 0.21 -7.44
N LYS A 1 6.36 -7.58 15.12
CA LYS A 1 6.90 -7.73 13.74
C LYS A 1 5.78 -7.52 12.72
N SER A 2 5.90 -6.49 11.91
CA SER A 2 4.85 -6.23 10.89
C SER A 2 5.42 -5.34 9.78
N ILE A 3 4.72 -5.23 8.68
CA ILE A 3 5.19 -4.39 7.54
C ILE A 3 4.16 -3.29 7.26
N TRP A 4 4.61 -2.07 7.09
CA TRP A 4 3.67 -0.94 6.79
C TRP A 4 4.33 -0.03 5.74
N CYS A 5 3.61 0.34 4.70
CA CYS A 5 4.22 1.22 3.63
C CYS A 5 3.31 2.42 3.33
N SER A 6 3.90 3.57 3.12
CA SER A 6 3.11 4.80 2.80
C SER A 6 2.56 4.68 1.37
N PRO A 7 1.59 5.48 1.02
CA PRO A 7 0.97 5.45 -0.34
C PRO A 7 2.01 5.68 -1.45
N GLN A 8 2.92 6.59 -1.28
CA GLN A 8 3.92 6.81 -2.34
C GLN A 8 4.70 5.52 -2.55
N GLU A 9 5.06 4.85 -1.49
CA GLU A 9 5.79 3.56 -1.66
C GLU A 9 4.88 2.58 -2.39
N ILE A 10 3.63 2.57 -2.05
CA ILE A 10 2.69 1.65 -2.76
C ILE A 10 2.51 2.14 -4.20
N MET A 11 2.27 3.42 -4.39
CA MET A 11 2.06 3.96 -5.76
C MET A 11 3.09 3.38 -6.75
N ALA A 12 4.26 3.04 -6.30
CA ALA A 12 5.27 2.50 -7.25
C ALA A 12 4.96 1.04 -7.55
N ALA A 13 4.05 0.45 -6.82
CA ALA A 13 3.69 -0.98 -7.08
C ALA A 13 2.64 -1.04 -8.18
N ASP A 14 2.94 -1.72 -9.26
CA ASP A 14 1.97 -1.83 -10.39
C ASP A 14 0.68 -2.49 -9.89
N GLY A 15 0.80 -3.48 -9.05
CA GLY A 15 -0.41 -4.19 -8.54
C GLY A 15 -1.49 -3.19 -8.08
N MET A 16 -1.11 -1.98 -7.73
CA MET A 16 -2.13 -0.98 -7.26
C MET A 16 -2.08 0.26 -8.20
N PRO A 17 -2.83 0.25 -9.28
CA PRO A 17 -2.83 1.39 -10.23
C PRO A 17 -3.74 2.52 -9.75
N GLY A 18 -3.46 3.74 -10.15
CA GLY A 18 -4.28 4.91 -9.72
C GLY A 18 -3.40 5.79 -8.84
N SER A 19 -3.78 7.01 -8.64
CA SER A 19 -2.96 7.93 -7.80
C SER A 19 -3.11 7.55 -6.32
N VAL A 20 -2.64 8.38 -5.42
CA VAL A 20 -2.76 8.04 -3.98
C VAL A 20 -4.24 7.76 -3.67
N ALA A 21 -5.11 8.65 -4.05
CA ALA A 21 -6.56 8.43 -3.81
C ALA A 21 -7.01 7.19 -4.59
N GLY A 22 -6.50 7.01 -5.78
CA GLY A 22 -6.91 5.82 -6.60
C GLY A 22 -6.59 4.56 -5.80
N VAL A 23 -5.48 4.54 -5.13
CA VAL A 23 -5.12 3.36 -4.31
C VAL A 23 -6.18 3.20 -3.21
N HIS A 24 -6.60 4.30 -2.64
CA HIS A 24 -7.65 4.23 -1.59
C HIS A 24 -8.94 3.69 -2.21
N TYR A 25 -9.26 4.13 -3.40
CA TYR A 25 -10.51 3.66 -4.06
C TYR A 25 -10.48 2.14 -4.23
N ARG A 26 -9.41 1.59 -4.78
CA ARG A 26 -9.36 0.12 -4.96
C ARG A 26 -9.34 -0.58 -3.59
N ALA A 27 -8.45 -0.18 -2.74
CA ALA A 27 -8.34 -0.84 -1.41
C ALA A 27 -9.61 -0.60 -0.58
N ASN A 28 -10.51 0.24 -1.05
CA ASN A 28 -11.75 0.49 -0.25
C ASN A 28 -12.58 -0.79 -0.16
N VAL A 29 -12.67 -1.54 -1.24
CA VAL A 29 -13.47 -2.80 -1.21
C VAL A 29 -12.77 -3.83 -0.31
N GLN A 30 -11.48 -3.90 -0.37
CA GLN A 30 -10.74 -4.90 0.46
C GLN A 30 -10.66 -4.41 1.92
N GLY A 31 -10.44 -5.32 2.84
CA GLY A 31 -10.35 -4.95 4.28
C GLY A 31 -8.88 -4.75 4.68
N TRP A 32 -8.16 -3.93 3.96
CA TRP A 32 -6.73 -3.69 4.30
C TRP A 32 -6.64 -3.01 5.67
N THR A 33 -5.68 -3.38 6.47
CA THR A 33 -5.53 -2.72 7.80
C THR A 33 -4.93 -1.34 7.56
N LYS A 34 -5.50 -0.31 8.13
CA LYS A 34 -4.99 1.08 7.91
C LYS A 34 -4.73 1.77 9.25
N ARG A 35 -3.75 2.63 9.30
CA ARG A 35 -3.44 3.35 10.58
C ARG A 35 -2.99 4.78 10.25
N LYS A 36 -3.56 5.76 10.90
CA LYS A 36 -3.19 7.18 10.62
C LYS A 36 -2.02 7.61 11.52
N LYS A 37 -0.85 7.73 10.94
CA LYS A 37 0.34 8.15 11.75
C LYS A 37 0.50 9.68 11.66
N GLU A 38 0.16 10.39 12.71
CA GLU A 38 0.29 11.87 12.68
C GLU A 38 1.76 12.26 12.83
N GLY A 39 2.22 13.18 12.01
CA GLY A 39 3.65 13.61 12.12
C GLY A 39 4.19 13.96 10.73
N VAL A 40 3.36 14.43 9.85
CA VAL A 40 3.84 14.80 8.48
C VAL A 40 3.11 16.04 7.98
N LYS A 41 3.69 17.20 8.17
CA LYS A 41 3.05 18.46 7.69
C LYS A 41 1.56 18.44 8.07
N GLY A 42 1.19 17.63 9.02
CA GLY A 42 -0.23 17.56 9.44
C GLY A 42 -1.03 16.89 8.32
N GLY A 43 -0.36 16.19 7.44
CA GLY A 43 -1.07 15.52 6.32
C GLY A 43 -1.69 14.21 6.81
N LYS A 44 -1.55 13.88 8.07
CA LYS A 44 -2.13 12.62 8.59
C LYS A 44 -1.65 11.44 7.72
N ALA A 45 -0.41 11.04 7.90
CA ALA A 45 0.11 9.91 7.08
C ALA A 45 -0.71 8.65 7.32
N VAL A 46 -0.88 7.85 6.29
CA VAL A 46 -1.66 6.58 6.42
C VAL A 46 -0.87 5.45 5.78
N GLU A 47 -0.93 4.26 6.34
CA GLU A 47 -0.14 3.12 5.79
C GLU A 47 -1.02 1.87 5.71
N TYR A 48 -0.65 0.93 4.87
CA TYR A 48 -1.43 -0.33 4.70
C TYR A 48 -0.47 -1.50 4.90
N ASP A 49 -0.89 -2.55 5.57
CA ASP A 49 0.05 -3.70 5.78
C ASP A 49 0.01 -4.64 4.56
N VAL A 50 1.15 -4.91 3.97
CA VAL A 50 1.19 -5.82 2.78
C VAL A 50 0.78 -7.24 3.17
N MET A 51 1.04 -7.63 4.39
CA MET A 51 0.70 -9.02 4.81
C MET A 51 -0.82 -9.20 4.92
N SER A 52 -1.57 -8.15 4.73
CA SER A 52 -3.06 -8.26 4.82
C SER A 52 -3.65 -8.30 3.41
N MET A 53 -2.86 -7.96 2.42
CA MET A 53 -3.37 -7.97 1.03
C MET A 53 -3.46 -9.42 0.50
N PRO A 54 -4.48 -9.77 -0.26
CA PRO A 54 -4.60 -11.14 -0.82
C PRO A 54 -3.25 -11.65 -1.36
N THR A 55 -3.10 -12.93 -1.53
CA THR A 55 -1.81 -13.47 -2.03
C THR A 55 -1.48 -12.92 -3.42
N LYS A 56 -2.46 -12.80 -4.28
CA LYS A 56 -2.17 -12.31 -5.66
C LYS A 56 -1.42 -10.98 -5.60
N GLU A 57 -1.91 -10.03 -4.87
CA GLU A 57 -1.19 -8.72 -4.79
C GLU A 57 0.11 -8.91 -4.02
N ARG A 58 0.15 -9.84 -3.10
CA ARG A 58 1.39 -10.05 -2.30
C ARG A 58 2.57 -10.41 -3.22
N GLU A 59 2.40 -11.35 -4.10
CA GLU A 59 3.54 -11.72 -4.99
C GLU A 59 3.88 -10.54 -5.90
N GLN A 60 2.90 -9.76 -6.25
CA GLN A 60 3.15 -8.59 -7.16
C GLN A 60 4.08 -7.58 -6.47
N VAL A 61 3.91 -7.38 -5.20
CA VAL A 61 4.77 -6.40 -4.48
C VAL A 61 6.19 -6.97 -4.39
N ILE A 62 6.33 -8.22 -4.02
CA ILE A 62 7.69 -8.82 -3.91
C ILE A 62 8.36 -8.78 -5.30
N ALA A 63 7.63 -9.11 -6.33
CA ALA A 63 8.21 -9.10 -7.70
C ALA A 63 8.73 -7.71 -8.06
N HIS A 64 8.00 -6.67 -7.73
CA HIS A 64 8.47 -5.30 -8.05
C HIS A 64 9.81 -5.03 -7.37
N LEU A 65 9.94 -5.47 -6.14
CA LEU A 65 11.20 -5.25 -5.40
C LEU A 65 12.33 -6.12 -5.99
N GLY A 66 11.99 -7.26 -6.51
CA GLY A 66 13.04 -8.15 -7.10
C GLY A 66 13.75 -7.44 -8.25
N LEU A 67 13.02 -6.77 -9.10
CA LEU A 67 13.68 -6.06 -10.24
C LEU A 67 14.15 -4.67 -9.77
N SER A 68 14.92 -3.98 -10.56
CA SER A 68 15.41 -2.64 -10.13
C SER A 68 14.22 -1.73 -9.80
N THR A 69 14.22 -1.11 -8.65
CA THR A 69 13.09 -0.22 -8.27
C THR A 69 13.29 1.16 -8.93
N LYS A 1 6.20 -10.21 14.47
CA LYS A 1 6.69 -9.00 13.77
C LYS A 1 5.62 -8.50 12.78
N SER A 2 5.91 -7.46 12.05
CA SER A 2 4.90 -6.95 11.07
C SER A 2 5.60 -6.10 10.01
N ILE A 3 4.93 -5.85 8.92
CA ILE A 3 5.52 -5.02 7.82
C ILE A 3 4.47 -3.98 7.39
N TRP A 4 4.88 -2.75 7.23
CA TRP A 4 3.92 -1.67 6.82
C TRP A 4 4.61 -0.77 5.81
N CYS A 5 3.90 -0.34 4.79
CA CYS A 5 4.52 0.53 3.74
C CYS A 5 3.62 1.74 3.44
N SER A 6 4.22 2.86 3.17
CA SER A 6 3.44 4.09 2.84
C SER A 6 2.84 3.93 1.43
N PRO A 7 1.76 4.60 1.14
CA PRO A 7 1.11 4.51 -0.21
C PRO A 7 2.09 4.82 -1.35
N GLN A 8 3.14 5.55 -1.06
CA GLN A 8 4.11 5.89 -2.14
C GLN A 8 4.69 4.58 -2.70
N GLU A 9 5.14 3.70 -1.86
CA GLU A 9 5.70 2.42 -2.34
C GLU A 9 4.60 1.60 -3.04
N ILE A 10 3.44 1.56 -2.45
CA ILE A 10 2.33 0.78 -3.06
C ILE A 10 1.84 1.46 -4.34
N MET A 11 1.50 2.72 -4.27
CA MET A 11 0.98 3.43 -5.49
C MET A 11 1.97 3.23 -6.64
N ALA A 12 3.22 2.98 -6.35
CA ALA A 12 4.20 2.77 -7.45
C ALA A 12 4.09 1.33 -7.93
N ALA A 13 3.36 0.51 -7.22
CA ALA A 13 3.21 -0.92 -7.63
C ALA A 13 2.15 -1.02 -8.74
N ASP A 14 2.44 -1.74 -9.78
CA ASP A 14 1.45 -1.88 -10.89
C ASP A 14 0.14 -2.49 -10.38
N GLY A 15 0.23 -3.45 -9.51
CA GLY A 15 -1.02 -4.09 -8.98
C GLY A 15 -1.95 -3.01 -8.44
N MET A 16 -1.39 -1.91 -8.00
CA MET A 16 -2.22 -0.79 -7.45
C MET A 16 -1.88 0.49 -8.22
N PRO A 17 -2.46 0.67 -9.38
CA PRO A 17 -2.19 1.85 -10.24
C PRO A 17 -3.10 3.03 -9.91
N GLY A 18 -2.77 4.19 -10.44
CA GLY A 18 -3.58 5.41 -10.14
C GLY A 18 -2.82 6.21 -9.12
N SER A 19 -3.20 7.43 -8.88
CA SER A 19 -2.46 8.25 -7.88
C SER A 19 -2.68 7.66 -6.50
N VAL A 20 -2.29 8.36 -5.47
CA VAL A 20 -2.46 7.81 -4.10
C VAL A 20 -3.94 7.52 -3.85
N ALA A 21 -4.81 8.44 -4.15
CA ALA A 21 -6.26 8.18 -3.92
C ALA A 21 -6.68 6.96 -4.75
N GLY A 22 -6.18 6.84 -5.94
CA GLY A 22 -6.57 5.66 -6.78
C GLY A 22 -6.34 4.38 -5.97
N VAL A 23 -5.28 4.32 -5.22
CA VAL A 23 -5.02 3.11 -4.39
C VAL A 23 -6.15 2.97 -3.37
N HIS A 24 -6.52 4.07 -2.76
CA HIS A 24 -7.61 4.05 -1.75
C HIS A 24 -8.89 3.54 -2.40
N TYR A 25 -9.12 3.90 -3.64
CA TYR A 25 -10.36 3.43 -4.32
C TYR A 25 -10.38 1.91 -4.32
N ARG A 26 -9.28 1.28 -4.66
CA ARG A 26 -9.26 -0.20 -4.66
C ARG A 26 -9.50 -0.69 -3.22
N ALA A 27 -8.85 -0.06 -2.27
CA ALA A 27 -9.00 -0.45 -0.85
C ALA A 27 -10.40 -0.07 -0.31
N ASN A 28 -11.24 0.50 -1.12
CA ASN A 28 -12.60 0.84 -0.62
C ASN A 28 -13.42 -0.45 -0.46
N VAL A 29 -13.35 -1.31 -1.42
CA VAL A 29 -14.11 -2.59 -1.33
C VAL A 29 -13.46 -3.49 -0.30
N GLN A 30 -12.16 -3.64 -0.37
CA GLN A 30 -11.45 -4.51 0.61
C GLN A 30 -11.24 -3.75 1.91
N GLY A 31 -11.10 -4.46 3.01
CA GLY A 31 -10.90 -3.79 4.33
C GLY A 31 -9.45 -3.98 4.79
N TRP A 32 -8.53 -3.33 4.13
CA TRP A 32 -7.10 -3.47 4.52
C TRP A 32 -6.89 -2.82 5.89
N THR A 33 -5.91 -3.27 6.64
CA THR A 33 -5.67 -2.63 7.96
C THR A 33 -4.94 -1.32 7.70
N LYS A 34 -5.45 -0.24 8.24
CA LYS A 34 -4.83 1.11 8.00
C LYS A 34 -4.54 1.78 9.34
N ARG A 35 -3.55 2.62 9.38
CA ARG A 35 -3.22 3.33 10.65
C ARG A 35 -2.70 4.73 10.32
N LYS A 36 -3.28 5.74 10.92
CA LYS A 36 -2.83 7.13 10.61
C LYS A 36 -1.64 7.48 11.51
N LYS A 37 -0.75 8.30 11.05
CA LYS A 37 0.44 8.68 11.89
C LYS A 37 0.82 10.12 11.58
N GLU A 38 0.70 11.00 12.54
CA GLU A 38 1.06 12.42 12.29
C GLU A 38 2.59 12.57 12.33
N GLY A 39 3.12 13.52 11.60
CA GLY A 39 4.60 13.74 11.57
C GLY A 39 5.13 13.52 10.15
N VAL A 40 6.37 13.10 10.03
CA VAL A 40 6.95 12.86 8.68
C VAL A 40 6.83 14.13 7.83
N LYS A 41 6.30 14.02 6.63
CA LYS A 41 6.17 15.22 5.77
C LYS A 41 4.94 16.03 6.18
N GLY A 42 4.13 15.50 7.06
CA GLY A 42 2.90 16.23 7.49
C GLY A 42 1.75 15.83 6.56
N GLY A 43 0.64 16.51 6.65
CA GLY A 43 -0.51 16.15 5.76
C GLY A 43 -1.07 14.81 6.23
N LYS A 44 -0.84 14.47 7.47
CA LYS A 44 -1.33 13.16 8.01
C LYS A 44 -0.77 12.00 7.20
N ALA A 45 -0.07 11.11 7.84
CA ALA A 45 0.51 9.95 7.11
C ALA A 45 -0.42 8.74 7.28
N VAL A 46 -0.45 7.88 6.30
CA VAL A 46 -1.32 6.66 6.37
C VAL A 46 -0.52 5.45 5.86
N GLU A 47 -0.67 4.30 6.48
CA GLU A 47 0.11 3.10 6.06
C GLU A 47 -0.81 1.90 5.86
N TYR A 48 -0.38 0.93 5.07
CA TYR A 48 -1.19 -0.29 4.81
C TYR A 48 -0.32 -1.52 5.08
N ASP A 49 -0.83 -2.51 5.75
CA ASP A 49 0.01 -3.72 6.02
C ASP A 49 -0.09 -4.68 4.83
N VAL A 50 1.02 -5.05 4.25
CA VAL A 50 0.99 -5.98 3.08
C VAL A 50 0.38 -7.32 3.46
N MET A 51 0.55 -7.74 4.69
CA MET A 51 -0.01 -9.06 5.11
C MET A 51 -1.54 -8.98 5.22
N SER A 52 -2.14 -8.00 4.62
CA SER A 52 -3.63 -7.86 4.71
C SER A 52 -4.30 -8.07 3.33
N MET A 53 -3.64 -7.73 2.25
CA MET A 53 -4.26 -7.93 0.91
C MET A 53 -4.08 -9.40 0.47
N PRO A 54 -4.96 -9.91 -0.37
CA PRO A 54 -4.86 -11.31 -0.89
C PRO A 54 -3.42 -11.69 -1.24
N THR A 55 -3.17 -12.94 -1.53
CA THR A 55 -1.78 -13.36 -1.88
C THR A 55 -1.35 -12.76 -3.23
N LYS A 56 -2.30 -12.44 -4.08
CA LYS A 56 -1.94 -11.88 -5.42
C LYS A 56 -1.15 -10.58 -5.26
N GLU A 57 -1.51 -9.74 -4.32
CA GLU A 57 -0.75 -8.46 -4.15
C GLU A 57 0.69 -8.75 -3.73
N ARG A 58 0.90 -9.73 -2.88
CA ARG A 58 2.29 -10.04 -2.44
C ARG A 58 3.15 -10.41 -3.64
N GLU A 59 2.65 -11.22 -4.53
CA GLU A 59 3.45 -11.62 -5.72
C GLU A 59 3.83 -10.38 -6.53
N GLN A 60 2.88 -9.53 -6.80
CA GLN A 60 3.18 -8.30 -7.59
C GLN A 60 4.05 -7.33 -6.79
N VAL A 61 3.81 -7.20 -5.52
CA VAL A 61 4.65 -6.28 -4.69
C VAL A 61 6.07 -6.85 -4.57
N ILE A 62 6.19 -8.11 -4.26
CA ILE A 62 7.54 -8.71 -4.16
C ILE A 62 8.25 -8.58 -5.51
N ALA A 63 7.52 -8.78 -6.59
CA ALA A 63 8.15 -8.64 -7.93
C ALA A 63 8.69 -7.22 -8.07
N HIS A 64 8.11 -6.28 -7.38
CA HIS A 64 8.61 -4.88 -7.47
C HIS A 64 10.04 -4.86 -6.96
N LEU A 65 10.31 -5.55 -5.88
CA LEU A 65 11.68 -5.59 -5.33
C LEU A 65 12.60 -6.27 -6.35
N GLY A 66 12.12 -7.30 -6.99
CA GLY A 66 12.95 -7.99 -8.01
C GLY A 66 13.47 -6.96 -9.01
N LEU A 67 12.73 -5.91 -9.21
CA LEU A 67 13.16 -4.84 -10.15
C LEU A 67 14.04 -3.86 -9.39
N SER A 68 13.45 -3.05 -8.57
CA SER A 68 14.25 -2.06 -7.79
C SER A 68 15.32 -2.83 -7.00
N THR A 69 16.27 -2.13 -6.45
CA THR A 69 17.34 -2.80 -5.67
C THR A 69 17.88 -4.00 -6.47
N LYS A 1 7.73 -9.90 12.85
CA LYS A 1 8.24 -9.31 11.58
C LYS A 1 7.07 -8.83 10.72
N SER A 2 6.39 -7.80 11.16
CA SER A 2 5.24 -7.29 10.37
C SER A 2 5.75 -6.43 9.22
N ILE A 3 4.91 -6.17 8.24
CA ILE A 3 5.33 -5.34 7.07
C ILE A 3 4.34 -4.19 6.89
N TRP A 4 4.83 -2.98 6.77
CA TRP A 4 3.93 -1.80 6.58
C TRP A 4 4.58 -0.84 5.58
N CYS A 5 3.84 -0.39 4.59
CA CYS A 5 4.44 0.54 3.57
C CYS A 5 3.46 1.65 3.21
N SER A 6 3.96 2.78 2.80
CA SER A 6 3.07 3.92 2.40
C SER A 6 2.43 3.59 1.06
N PRO A 7 1.26 4.14 0.77
CA PRO A 7 0.55 3.87 -0.52
C PRO A 7 1.38 4.31 -1.73
N GLN A 8 2.23 5.28 -1.56
CA GLN A 8 3.08 5.73 -2.70
C GLN A 8 3.91 4.54 -3.19
N GLU A 9 4.49 3.81 -2.28
CA GLU A 9 5.30 2.62 -2.68
C GLU A 9 4.38 1.60 -3.36
N ILE A 10 3.20 1.42 -2.84
CA ILE A 10 2.25 0.45 -3.46
C ILE A 10 1.79 1.01 -4.81
N MET A 11 1.47 2.28 -4.84
CA MET A 11 1.02 2.91 -6.12
C MET A 11 2.02 2.62 -7.22
N ALA A 12 3.25 2.32 -6.86
CA ALA A 12 4.28 2.02 -7.89
C ALA A 12 4.09 0.58 -8.39
N ALA A 13 3.20 -0.15 -7.79
CA ALA A 13 2.97 -1.55 -8.23
C ALA A 13 2.04 -1.58 -9.45
N ASP A 14 2.42 -2.25 -10.49
CA ASP A 14 1.55 -2.33 -11.69
C ASP A 14 0.21 -2.96 -11.29
N GLY A 15 0.27 -3.97 -10.46
CA GLY A 15 -0.99 -4.66 -10.03
C GLY A 15 -1.94 -3.65 -9.38
N MET A 16 -1.45 -2.49 -9.02
CA MET A 16 -2.34 -1.46 -8.38
C MET A 16 -2.17 -0.13 -9.12
N PRO A 17 -2.81 0.02 -10.26
CA PRO A 17 -2.71 1.25 -11.09
C PRO A 17 -3.59 2.39 -10.56
N GLY A 18 -3.37 3.58 -11.06
CA GLY A 18 -4.16 4.76 -10.60
C GLY A 18 -3.24 5.62 -9.75
N SER A 19 -3.60 6.84 -9.49
CA SER A 19 -2.71 7.69 -8.67
C SER A 19 -2.74 7.18 -7.23
N VAL A 20 -2.23 7.92 -6.30
CA VAL A 20 -2.23 7.43 -4.90
C VAL A 20 -3.68 7.14 -4.50
N ALA A 21 -4.57 8.06 -4.72
CA ALA A 21 -6.00 7.83 -4.37
C ALA A 21 -6.53 6.63 -5.15
N GLY A 22 -6.15 6.49 -6.39
CA GLY A 22 -6.65 5.34 -7.20
C GLY A 22 -6.46 4.04 -6.42
N VAL A 23 -5.35 3.89 -5.74
CA VAL A 23 -5.13 2.65 -4.95
C VAL A 23 -6.23 2.54 -3.89
N HIS A 24 -6.57 3.64 -3.27
CA HIS A 24 -7.63 3.61 -2.22
C HIS A 24 -8.94 3.15 -2.85
N TYR A 25 -9.14 3.41 -4.12
CA TYR A 25 -10.40 2.97 -4.76
C TYR A 25 -10.49 1.44 -4.66
N ARG A 26 -9.44 0.75 -5.02
CA ARG A 26 -9.48 -0.73 -4.89
C ARG A 26 -9.61 -1.08 -3.41
N ALA A 27 -8.92 -0.37 -2.57
CA ALA A 27 -8.99 -0.65 -1.11
C ALA A 27 -10.38 -0.29 -0.58
N ASN A 28 -11.25 0.16 -1.42
CA ASN A 28 -12.62 0.49 -0.96
C ASN A 28 -13.39 -0.80 -0.68
N VAL A 29 -13.43 -1.69 -1.64
CA VAL A 29 -14.16 -2.97 -1.45
C VAL A 29 -13.39 -3.83 -0.44
N GLN A 30 -12.09 -3.88 -0.56
CA GLN A 30 -11.28 -4.72 0.37
C GLN A 30 -11.02 -3.95 1.67
N GLY A 31 -10.90 -4.66 2.77
CA GLY A 31 -10.64 -3.99 4.09
C GLY A 31 -9.24 -4.37 4.58
N TRP A 32 -8.22 -3.87 3.95
CA TRP A 32 -6.84 -4.19 4.40
C TRP A 32 -6.60 -3.57 5.77
N THR A 33 -5.56 -3.99 6.45
CA THR A 33 -5.26 -3.37 7.77
C THR A 33 -4.69 -1.99 7.50
N LYS A 34 -5.21 -0.97 8.15
CA LYS A 34 -4.72 0.42 7.89
C LYS A 34 -4.43 1.15 9.20
N ARG A 35 -3.49 2.05 9.17
CA ARG A 35 -3.14 2.84 10.39
C ARG A 35 -2.65 4.22 9.95
N LYS A 36 -2.29 5.07 10.87
CA LYS A 36 -1.82 6.44 10.48
C LYS A 36 -0.73 6.92 11.45
N LYS A 37 0.40 7.33 10.91
CA LYS A 37 1.52 7.81 11.77
C LYS A 37 1.40 9.33 11.98
N GLU A 38 1.39 9.78 13.20
CA GLU A 38 1.28 11.24 13.46
C GLU A 38 2.63 11.92 13.18
N GLY A 39 2.62 13.14 12.71
CA GLY A 39 3.91 13.85 12.42
C GLY A 39 4.29 13.65 10.95
N VAL A 40 5.56 13.42 10.69
CA VAL A 40 6.02 13.22 9.29
C VAL A 40 5.70 14.45 8.45
N LYS A 41 6.51 15.47 8.56
CA LYS A 41 6.27 16.73 7.78
C LYS A 41 4.91 17.31 8.18
N GLY A 42 4.35 16.86 9.26
CA GLY A 42 3.03 17.38 9.71
C GLY A 42 1.98 17.16 8.62
N GLY A 43 2.31 16.41 7.60
CA GLY A 43 1.31 16.15 6.50
C GLY A 43 0.57 14.85 6.76
N LYS A 44 0.78 14.25 7.91
CA LYS A 44 0.09 12.97 8.25
C LYS A 44 0.41 11.90 7.19
N ALA A 45 0.81 10.74 7.63
CA ALA A 45 1.16 9.63 6.68
C ALA A 45 0.24 8.43 6.90
N VAL A 46 -0.15 7.77 5.83
CA VAL A 46 -1.04 6.56 5.95
C VAL A 46 -0.26 5.34 5.45
N GLU A 47 -0.42 4.21 6.08
CA GLU A 47 0.32 2.98 5.64
C GLU A 47 -0.63 1.79 5.51
N TYR A 48 -0.26 0.83 4.69
CA TYR A 48 -1.10 -0.39 4.48
C TYR A 48 -0.22 -1.62 4.72
N ASP A 49 -0.74 -2.60 5.40
CA ASP A 49 0.08 -3.84 5.67
C ASP A 49 -0.11 -4.84 4.53
N VAL A 50 0.94 -5.13 3.81
CA VAL A 50 0.83 -6.10 2.68
C VAL A 50 0.50 -7.50 3.24
N MET A 51 0.79 -7.72 4.49
CA MET A 51 0.52 -9.06 5.08
C MET A 51 -1.00 -9.24 5.25
N SER A 52 -1.77 -8.23 4.97
CA SER A 52 -3.26 -8.33 5.12
C SER A 52 -3.92 -8.43 3.74
N MET A 53 -3.23 -8.04 2.70
CA MET A 53 -3.84 -8.13 1.33
C MET A 53 -3.76 -9.57 0.81
N PRO A 54 -4.70 -10.00 0.00
CA PRO A 54 -4.68 -11.38 -0.58
C PRO A 54 -3.28 -11.76 -1.08
N THR A 55 -3.03 -13.02 -1.30
CA THR A 55 -1.69 -13.45 -1.79
C THR A 55 -1.41 -12.84 -3.17
N LYS A 56 -2.40 -12.78 -4.03
CA LYS A 56 -2.17 -12.22 -5.40
C LYS A 56 -1.59 -10.81 -5.33
N GLU A 57 -2.18 -9.94 -4.55
CA GLU A 57 -1.66 -8.55 -4.44
C GLU A 57 -0.28 -8.57 -3.78
N ARG A 58 -0.10 -9.40 -2.80
CA ARG A 58 1.20 -9.47 -2.09
C ARG A 58 2.31 -9.84 -3.08
N GLU A 59 2.07 -10.81 -3.92
CA GLU A 59 3.12 -11.23 -4.90
C GLU A 59 3.45 -10.08 -5.85
N GLN A 60 2.47 -9.34 -6.29
CA GLN A 60 2.73 -8.22 -7.24
C GLN A 60 3.51 -7.10 -6.52
N VAL A 61 3.18 -6.80 -5.30
CA VAL A 61 3.92 -5.73 -4.58
C VAL A 61 5.36 -6.17 -4.36
N ILE A 62 5.54 -7.39 -3.93
CA ILE A 62 6.92 -7.90 -3.69
C ILE A 62 7.72 -7.84 -5.00
N ALA A 63 7.11 -8.18 -6.10
CA ALA A 63 7.85 -8.13 -7.39
C ALA A 63 8.44 -6.74 -7.59
N HIS A 64 7.70 -5.73 -7.23
CA HIS A 64 8.22 -4.33 -7.38
C HIS A 64 9.43 -4.14 -6.47
N LEU A 65 9.43 -4.76 -5.32
CA LEU A 65 10.59 -4.62 -4.39
C LEU A 65 11.86 -5.13 -5.09
N GLY A 66 11.75 -6.21 -5.83
CA GLY A 66 12.94 -6.75 -6.52
C GLY A 66 13.53 -5.67 -7.43
N LEU A 67 12.74 -5.13 -8.31
CA LEU A 67 13.23 -4.06 -9.24
C LEU A 67 14.66 -4.38 -9.73
N SER A 68 15.66 -3.96 -9.02
CA SER A 68 17.07 -4.26 -9.43
C SER A 68 17.88 -4.59 -8.18
N THR A 69 17.20 -4.83 -7.10
CA THR A 69 17.89 -5.17 -5.84
C THR A 69 18.88 -6.31 -6.08
N LYS A 1 8.85 -6.94 13.26
CA LYS A 1 8.08 -8.14 12.84
C LYS A 1 6.78 -7.71 12.15
N SER A 2 6.87 -6.72 11.30
CA SER A 2 5.64 -6.25 10.59
C SER A 2 6.06 -5.47 9.33
N ILE A 3 5.15 -5.31 8.39
CA ILE A 3 5.47 -4.54 7.15
C ILE A 3 4.37 -3.51 6.90
N TRP A 4 4.76 -2.28 6.66
CA TRP A 4 3.77 -1.20 6.40
C TRP A 4 4.33 -0.31 5.28
N CYS A 5 3.52 0.05 4.32
CA CYS A 5 4.02 0.90 3.19
C CYS A 5 3.07 2.07 2.90
N SER A 6 3.62 3.19 2.54
CA SER A 6 2.79 4.38 2.21
C SER A 6 2.14 4.18 0.83
N PRO A 7 1.10 4.92 0.54
CA PRO A 7 0.38 4.81 -0.77
C PRO A 7 1.33 5.05 -1.96
N GLN A 8 2.31 5.89 -1.79
CA GLN A 8 3.26 6.15 -2.91
C GLN A 8 3.95 4.85 -3.31
N GLU A 9 4.44 4.11 -2.37
CA GLU A 9 5.11 2.83 -2.71
C GLU A 9 4.10 1.93 -3.41
N ILE A 10 2.88 1.94 -2.94
CA ILE A 10 1.83 1.09 -3.58
C ILE A 10 1.52 1.60 -4.98
N MET A 11 1.27 2.87 -5.15
CA MET A 11 0.93 3.38 -6.52
C MET A 11 1.99 2.94 -7.53
N ALA A 12 3.18 2.63 -7.09
CA ALA A 12 4.22 2.19 -8.06
C ALA A 12 3.99 0.71 -8.41
N ALA A 13 3.11 0.06 -7.70
CA ALA A 13 2.84 -1.38 -7.99
C ALA A 13 1.83 -1.47 -9.14
N ASP A 14 2.13 -2.25 -10.15
CA ASP A 14 1.19 -2.38 -11.29
C ASP A 14 -0.13 -2.99 -10.79
N GLY A 15 -0.08 -3.71 -9.71
CA GLY A 15 -1.32 -4.34 -9.15
C GLY A 15 -2.28 -3.26 -8.65
N MET A 16 -1.76 -2.15 -8.19
CA MET A 16 -2.63 -1.04 -7.68
C MET A 16 -2.38 0.23 -8.49
N PRO A 17 -2.94 0.31 -9.67
CA PRO A 17 -2.76 1.50 -10.56
C PRO A 17 -3.71 2.64 -10.22
N GLY A 18 -3.47 3.79 -10.79
CA GLY A 18 -4.35 4.97 -10.50
C GLY A 18 -3.69 5.79 -9.40
N SER A 19 -4.16 6.98 -9.17
CA SER A 19 -3.53 7.83 -8.13
C SER A 19 -3.87 7.27 -6.76
N VAL A 20 -3.54 7.99 -5.73
CA VAL A 20 -3.81 7.49 -4.35
C VAL A 20 -5.30 7.21 -4.19
N ALA A 21 -6.16 8.08 -4.63
CA ALA A 21 -7.62 7.82 -4.48
C ALA A 21 -8.01 6.54 -5.23
N GLY A 22 -7.46 6.32 -6.39
CA GLY A 22 -7.80 5.08 -7.15
C GLY A 22 -7.42 3.87 -6.31
N VAL A 23 -6.28 3.92 -5.68
CA VAL A 23 -5.84 2.80 -4.82
C VAL A 23 -6.88 2.60 -3.71
N HIS A 24 -7.37 3.69 -3.18
CA HIS A 24 -8.38 3.59 -2.09
C HIS A 24 -9.71 3.06 -2.66
N TYR A 25 -9.98 3.29 -3.91
CA TYR A 25 -11.26 2.83 -4.49
C TYR A 25 -11.37 1.30 -4.40
N ARG A 26 -10.38 0.56 -4.82
CA ARG A 26 -10.49 -0.92 -4.72
C ARG A 26 -10.38 -1.34 -3.25
N ALA A 27 -9.49 -0.73 -2.51
CA ALA A 27 -9.32 -1.08 -1.08
C ALA A 27 -10.51 -0.57 -0.27
N ASN A 28 -11.42 0.11 -0.90
CA ASN A 28 -12.61 0.62 -0.16
C ASN A 28 -13.56 -0.55 0.12
N VAL A 29 -13.76 -1.40 -0.85
CA VAL A 29 -14.68 -2.55 -0.67
C VAL A 29 -14.07 -3.56 0.30
N GLN A 30 -12.80 -3.86 0.14
CA GLN A 30 -12.15 -4.85 1.04
C GLN A 30 -11.75 -4.16 2.36
N GLY A 31 -11.58 -4.91 3.41
CA GLY A 31 -11.21 -4.32 4.73
C GLY A 31 -9.69 -4.32 4.87
N TRP A 32 -9.02 -3.51 4.10
CA TRP A 32 -7.53 -3.45 4.17
C TRP A 32 -7.09 -2.98 5.57
N THR A 33 -5.97 -3.45 6.03
CA THR A 33 -5.45 -3.00 7.35
C THR A 33 -4.87 -1.59 7.16
N LYS A 34 -5.35 -0.63 7.90
CA LYS A 34 -4.87 0.79 7.73
C LYS A 34 -4.57 1.44 9.08
N ARG A 35 -3.66 2.38 9.11
CA ARG A 35 -3.33 3.10 10.37
C ARG A 35 -2.92 4.54 10.02
N LYS A 36 -3.34 5.50 10.80
CA LYS A 36 -2.98 6.92 10.51
C LYS A 36 -1.66 7.26 11.22
N LYS A 37 -0.58 7.32 10.49
CA LYS A 37 0.73 7.64 11.13
C LYS A 37 0.89 9.16 11.20
N GLU A 38 0.87 9.71 12.39
CA GLU A 38 1.02 11.19 12.53
C GLU A 38 2.49 11.58 12.38
N GLY A 39 2.77 12.75 11.90
CA GLY A 39 4.19 13.17 11.74
C GLY A 39 4.31 14.26 10.68
N VAL A 40 3.78 14.03 9.51
CA VAL A 40 3.88 15.06 8.44
C VAL A 40 2.83 16.15 8.69
N LYS A 41 3.22 17.39 8.56
CA LYS A 41 2.24 18.50 8.79
C LYS A 41 1.10 18.36 7.78
N GLY A 42 -0.12 18.40 8.25
CA GLY A 42 -1.28 18.29 7.31
C GLY A 42 -1.11 17.04 6.44
N GLY A 43 -2.09 16.75 5.62
CA GLY A 43 -1.99 15.55 4.74
C GLY A 43 -2.06 14.28 5.58
N LYS A 44 -1.39 14.26 6.70
CA LYS A 44 -1.41 13.04 7.57
C LYS A 44 -0.84 11.85 6.80
N ALA A 45 0.14 11.19 7.35
CA ALA A 45 0.75 10.02 6.64
C ALA A 45 -0.07 8.76 6.94
N VAL A 46 -0.39 7.99 5.93
CA VAL A 46 -1.18 6.74 6.13
C VAL A 46 -0.43 5.57 5.48
N GLU A 47 -0.49 4.40 6.09
CA GLU A 47 0.22 3.22 5.53
C GLU A 47 -0.69 2.00 5.53
N TYR A 48 -0.37 1.02 4.72
CA TYR A 48 -1.19 -0.23 4.63
C TYR A 48 -0.29 -1.42 4.94
N ASP A 49 -0.82 -2.47 5.52
CA ASP A 49 0.03 -3.66 5.83
C ASP A 49 -0.01 -4.61 4.65
N VAL A 50 1.12 -4.85 4.01
CA VAL A 50 1.16 -5.77 2.84
C VAL A 50 0.84 -7.21 3.28
N MET A 51 1.24 -7.59 4.45
CA MET A 51 0.99 -8.98 4.91
C MET A 51 -0.51 -9.18 5.13
N SER A 52 -1.28 -8.12 5.02
CA SER A 52 -2.75 -8.23 5.19
C SER A 52 -3.40 -8.18 3.80
N MET A 53 -2.63 -7.82 2.80
CA MET A 53 -3.18 -7.77 1.42
C MET A 53 -3.28 -9.18 0.83
N PRO A 54 -4.31 -9.49 0.07
CA PRO A 54 -4.46 -10.85 -0.55
C PRO A 54 -3.14 -11.36 -1.16
N THR A 55 -3.00 -12.65 -1.31
CA THR A 55 -1.74 -13.21 -1.89
C THR A 55 -1.52 -12.66 -3.31
N LYS A 56 -2.58 -12.53 -4.08
CA LYS A 56 -2.43 -12.02 -5.47
C LYS A 56 -1.68 -10.68 -5.44
N GLU A 57 -2.10 -9.77 -4.61
CA GLU A 57 -1.40 -8.45 -4.54
C GLU A 57 0.02 -8.62 -4.00
N ARG A 58 0.21 -9.49 -3.03
CA ARG A 58 1.59 -9.68 -2.49
C ARG A 58 2.54 -10.10 -3.61
N GLU A 59 2.09 -10.94 -4.50
CA GLU A 59 2.98 -11.41 -5.60
C GLU A 59 3.44 -10.19 -6.42
N GLN A 60 2.54 -9.33 -6.76
CA GLN A 60 2.92 -8.13 -7.57
C GLN A 60 3.80 -7.18 -6.75
N VAL A 61 3.50 -6.99 -5.50
CA VAL A 61 4.31 -6.05 -4.67
C VAL A 61 5.70 -6.66 -4.43
N ILE A 62 5.76 -7.88 -3.97
CA ILE A 62 7.09 -8.51 -3.70
C ILE A 62 7.88 -8.59 -5.00
N ALA A 63 7.24 -8.90 -6.08
CA ALA A 63 7.98 -8.98 -7.38
C ALA A 63 8.66 -7.65 -7.60
N HIS A 64 8.00 -6.57 -7.28
CA HIS A 64 8.62 -5.23 -7.45
C HIS A 64 9.80 -5.10 -6.49
N LEU A 65 9.68 -5.62 -5.29
CA LEU A 65 10.81 -5.52 -4.32
C LEU A 65 12.05 -6.22 -4.90
N GLY A 66 11.86 -7.35 -5.54
CA GLY A 66 13.02 -8.09 -6.11
C GLY A 66 13.78 -7.19 -7.09
N LEU A 67 13.14 -6.82 -8.17
CA LEU A 67 13.81 -5.95 -9.19
C LEU A 67 15.27 -6.39 -9.40
N SER A 68 16.20 -5.88 -8.64
CA SER A 68 17.62 -6.32 -8.83
C SER A 68 18.39 -6.15 -7.52
N THR A 69 17.74 -5.67 -6.49
CA THR A 69 18.45 -5.48 -5.20
C THR A 69 18.89 -6.85 -4.66
N LYS A 1 8.30 -10.39 11.26
CA LYS A 1 7.93 -9.16 12.01
C LYS A 1 6.72 -8.50 11.35
N SER A 2 6.31 -7.36 11.82
CA SER A 2 5.14 -6.68 11.21
C SER A 2 5.58 -5.97 9.94
N ILE A 3 4.66 -5.66 9.06
CA ILE A 3 5.04 -4.95 7.79
C ILE A 3 4.05 -3.81 7.53
N TRP A 4 4.56 -2.65 7.24
CA TRP A 4 3.69 -1.48 6.97
C TRP A 4 4.37 -0.63 5.88
N CYS A 5 3.64 -0.26 4.85
CA CYS A 5 4.26 0.55 3.73
C CYS A 5 3.41 1.79 3.45
N SER A 6 4.05 2.91 3.20
CA SER A 6 3.29 4.16 2.90
C SER A 6 2.73 4.06 1.47
N PRO A 7 1.95 5.02 1.02
CA PRO A 7 1.36 4.99 -0.35
C PRO A 7 2.43 5.10 -1.45
N GLN A 8 3.49 5.81 -1.19
CA GLN A 8 4.54 5.95 -2.25
C GLN A 8 5.08 4.57 -2.62
N GLU A 9 5.41 3.77 -1.65
CA GLU A 9 5.93 2.41 -1.96
C GLU A 9 4.86 1.65 -2.74
N ILE A 10 3.64 1.72 -2.30
CA ILE A 10 2.54 1.00 -3.01
C ILE A 10 2.27 1.68 -4.35
N MET A 11 2.09 2.97 -4.37
CA MET A 11 1.80 3.69 -5.63
C MET A 11 2.69 3.21 -6.77
N ALA A 12 3.89 2.78 -6.50
CA ALA A 12 4.78 2.31 -7.60
C ALA A 12 4.40 0.88 -8.00
N ALA A 13 3.51 0.27 -7.27
CA ALA A 13 3.11 -1.13 -7.61
C ALA A 13 2.06 -1.11 -8.72
N ASP A 14 2.29 -1.84 -9.77
CA ASP A 14 1.31 -1.89 -10.89
C ASP A 14 -0.03 -2.42 -10.37
N GLY A 15 0.01 -3.39 -9.49
CA GLY A 15 -1.26 -3.96 -8.96
C GLY A 15 -2.11 -2.87 -8.32
N MET A 16 -1.54 -1.73 -8.02
CA MET A 16 -2.33 -0.62 -7.38
C MET A 16 -2.09 0.67 -8.17
N PRO A 17 -2.75 0.85 -9.28
CA PRO A 17 -2.59 2.06 -10.14
C PRO A 17 -3.45 3.24 -9.68
N GLY A 18 -3.17 4.41 -10.17
CA GLY A 18 -3.94 5.62 -9.75
C GLY A 18 -3.11 6.41 -8.75
N SER A 19 -3.49 7.62 -8.46
CA SER A 19 -2.69 8.43 -7.50
C SER A 19 -2.90 7.89 -6.09
N VAL A 20 -2.49 8.61 -5.09
CA VAL A 20 -2.66 8.11 -3.71
C VAL A 20 -4.14 7.82 -3.46
N ALA A 21 -5.00 8.74 -3.81
CA ALA A 21 -6.47 8.51 -3.62
C ALA A 21 -6.90 7.28 -4.43
N GLY A 22 -6.39 7.11 -5.62
CA GLY A 22 -6.80 5.95 -6.45
C GLY A 22 -6.48 4.65 -5.69
N VAL A 23 -5.37 4.60 -5.03
CA VAL A 23 -5.03 3.37 -4.25
C VAL A 23 -6.08 3.17 -3.17
N HIS A 24 -6.50 4.23 -2.55
CA HIS A 24 -7.54 4.14 -1.48
C HIS A 24 -8.84 3.58 -2.08
N TYR A 25 -9.17 3.98 -3.28
CA TYR A 25 -10.44 3.50 -3.89
C TYR A 25 -10.41 1.97 -4.00
N ARG A 26 -9.36 1.42 -4.55
CA ARG A 26 -9.30 -0.07 -4.67
C ARG A 26 -9.30 -0.71 -3.27
N ALA A 27 -8.45 -0.23 -2.40
CA ALA A 27 -8.38 -0.82 -1.02
C ALA A 27 -9.63 -0.46 -0.21
N ASN A 28 -10.58 0.22 -0.81
CA ASN A 28 -11.81 0.57 -0.05
C ASN A 28 -12.62 -0.70 0.19
N VAL A 29 -12.69 -1.56 -0.80
CA VAL A 29 -13.46 -2.84 -0.64
C VAL A 29 -12.71 -3.77 0.32
N GLN A 30 -11.43 -3.90 0.15
CA GLN A 30 -10.63 -4.81 1.04
C GLN A 30 -10.46 -4.14 2.41
N GLY A 31 -10.50 -4.92 3.46
CA GLY A 31 -10.35 -4.34 4.83
C GLY A 31 -8.86 -4.23 5.20
N TRP A 32 -8.09 -3.56 4.39
CA TRP A 32 -6.64 -3.41 4.70
C TRP A 32 -6.48 -2.64 6.02
N THR A 33 -5.49 -2.97 6.81
CA THR A 33 -5.29 -2.22 8.08
C THR A 33 -4.74 -0.84 7.74
N LYS A 34 -5.34 0.19 8.27
CA LYS A 34 -4.87 1.57 7.96
C LYS A 34 -4.61 2.33 9.26
N ARG A 35 -3.56 3.10 9.32
CA ARG A 35 -3.24 3.87 10.57
C ARG A 35 -2.72 5.25 10.17
N LYS A 36 -3.35 6.28 10.67
CA LYS A 36 -2.93 7.67 10.33
C LYS A 36 -1.88 8.18 11.31
N LYS A 37 -0.64 8.26 10.88
CA LYS A 37 0.44 8.77 11.79
C LYS A 37 0.56 10.29 11.59
N GLU A 38 -0.02 11.08 12.45
CA GLU A 38 0.09 12.56 12.30
C GLU A 38 1.44 13.03 12.85
N GLY A 39 1.94 14.14 12.36
CA GLY A 39 3.24 14.66 12.88
C GLY A 39 4.42 13.87 12.29
N VAL A 40 4.37 13.52 11.03
CA VAL A 40 5.50 12.76 10.41
C VAL A 40 5.76 13.29 9.00
N LYS A 41 5.85 12.42 8.03
CA LYS A 41 6.11 12.89 6.63
C LYS A 41 4.94 13.74 6.16
N GLY A 42 5.21 14.85 5.53
CA GLY A 42 4.11 15.72 5.04
C GLY A 42 3.05 15.88 6.14
N GLY A 43 1.88 15.35 5.92
CA GLY A 43 0.81 15.46 6.95
C GLY A 43 -0.18 14.30 6.78
N LYS A 44 -0.74 13.83 7.86
CA LYS A 44 -1.73 12.71 7.79
C LYS A 44 -1.07 11.49 7.14
N ALA A 45 0.12 11.14 7.56
CA ALA A 45 0.80 9.96 6.97
C ALA A 45 -0.07 8.72 7.20
N VAL A 46 -0.23 7.89 6.21
CA VAL A 46 -1.06 6.65 6.36
C VAL A 46 -0.28 5.44 5.86
N GLU A 47 -0.42 4.32 6.52
CA GLU A 47 0.32 3.09 6.09
C GLU A 47 -0.66 1.91 5.96
N TYR A 48 -0.30 0.94 5.14
CA TYR A 48 -1.18 -0.26 4.93
C TYR A 48 -0.39 -1.52 5.29
N ASP A 49 -0.97 -2.45 6.00
CA ASP A 49 -0.22 -3.69 6.34
C ASP A 49 -0.34 -4.69 5.19
N VAL A 50 0.76 -5.04 4.58
CA VAL A 50 0.72 -5.99 3.43
C VAL A 50 0.31 -7.40 3.89
N MET A 51 0.43 -7.70 5.15
CA MET A 51 0.07 -9.06 5.62
C MET A 51 -1.45 -9.26 5.63
N SER A 52 -2.20 -8.30 5.17
CA SER A 52 -3.69 -8.44 5.16
C SER A 52 -4.22 -8.63 3.73
N MET A 53 -3.44 -8.30 2.73
CA MET A 53 -3.92 -8.49 1.33
C MET A 53 -3.70 -9.95 0.89
N PRO A 54 -4.53 -10.47 0.01
CA PRO A 54 -4.38 -11.87 -0.46
C PRO A 54 -3.05 -12.10 -1.20
N THR A 55 -2.90 -13.23 -1.85
CA THR A 55 -1.61 -13.54 -2.54
C THR A 55 -1.44 -12.75 -3.84
N LYS A 56 -2.48 -12.53 -4.60
CA LYS A 56 -2.30 -11.81 -5.91
C LYS A 56 -1.63 -10.45 -5.68
N GLU A 57 -2.14 -9.64 -4.80
CA GLU A 57 -1.51 -8.31 -4.56
C GLU A 57 -0.13 -8.48 -3.93
N ARG A 58 0.03 -9.45 -3.07
CA ARG A 58 1.37 -9.64 -2.42
C ARG A 58 2.43 -9.92 -3.50
N GLU A 59 2.11 -10.71 -4.48
CA GLU A 59 3.10 -11.01 -5.54
C GLU A 59 3.51 -9.73 -6.25
N GLN A 60 2.58 -8.85 -6.48
CA GLN A 60 2.92 -7.57 -7.17
C GLN A 60 3.87 -6.75 -6.30
N VAL A 61 3.64 -6.72 -5.01
CA VAL A 61 4.55 -5.94 -4.12
C VAL A 61 5.91 -6.62 -4.04
N ILE A 62 5.94 -7.89 -3.74
CA ILE A 62 7.26 -8.60 -3.65
C ILE A 62 7.97 -8.54 -4.99
N ALA A 63 7.25 -8.73 -6.07
CA ALA A 63 7.89 -8.68 -7.41
C ALA A 63 8.52 -7.31 -7.65
N HIS A 64 7.94 -6.27 -7.09
CA HIS A 64 8.51 -4.91 -7.32
C HIS A 64 9.91 -4.81 -6.70
N LEU A 65 10.09 -5.31 -5.51
CA LEU A 65 11.44 -5.24 -4.88
C LEU A 65 12.46 -5.97 -5.76
N GLY A 66 12.15 -7.17 -6.17
CA GLY A 66 13.12 -7.92 -7.03
C GLY A 66 13.00 -7.42 -8.47
N LEU A 67 11.85 -6.90 -8.83
CA LEU A 67 11.67 -6.39 -10.22
C LEU A 67 11.92 -7.55 -11.20
N SER A 68 11.88 -8.76 -10.71
CA SER A 68 12.10 -9.93 -11.60
C SER A 68 11.68 -11.22 -10.88
N THR A 69 11.53 -11.15 -9.58
CA THR A 69 11.13 -12.37 -8.81
C THR A 69 9.61 -12.52 -8.83
N LYS A 1 8.63 -7.85 12.57
CA LYS A 1 7.99 -9.03 11.95
C LYS A 1 6.84 -8.58 11.05
N SER A 2 6.19 -7.51 11.41
CA SER A 2 5.05 -7.01 10.58
C SER A 2 5.62 -6.23 9.39
N ILE A 3 4.81 -5.97 8.40
CA ILE A 3 5.29 -5.21 7.20
C ILE A 3 4.28 -4.09 6.90
N TRP A 4 4.76 -2.88 6.73
CA TRP A 4 3.83 -1.74 6.43
C TRP A 4 4.51 -0.84 5.40
N CYS A 5 3.78 -0.45 4.37
CA CYS A 5 4.38 0.45 3.32
C CYS A 5 3.45 1.65 3.06
N SER A 6 4.01 2.81 2.88
CA SER A 6 3.18 4.02 2.64
C SER A 6 2.63 3.99 1.20
N PRO A 7 1.64 4.81 0.88
CA PRO A 7 1.05 4.84 -0.50
C PRO A 7 2.10 5.11 -1.59
N GLN A 8 3.14 5.83 -1.27
CA GLN A 8 4.16 6.14 -2.31
C GLN A 8 4.71 4.81 -2.84
N GLU A 9 5.01 3.91 -1.97
CA GLU A 9 5.52 2.59 -2.43
C GLU A 9 4.42 1.88 -3.21
N ILE A 10 3.21 1.96 -2.76
CA ILE A 10 2.09 1.29 -3.49
C ILE A 10 1.81 2.02 -4.81
N MET A 11 1.59 3.31 -4.80
CA MET A 11 1.29 4.02 -6.09
C MET A 11 2.38 3.68 -7.11
N ALA A 12 3.54 3.26 -6.66
CA ALA A 12 4.62 2.93 -7.64
C ALA A 12 4.37 1.53 -8.22
N ALA A 13 3.43 0.81 -7.67
CA ALA A 13 3.13 -0.55 -8.20
C ALA A 13 2.16 -0.42 -9.39
N ASP A 14 2.52 -0.96 -10.52
CA ASP A 14 1.62 -0.84 -11.71
C ASP A 14 0.27 -1.51 -11.41
N GLY A 15 0.28 -2.62 -10.73
CA GLY A 15 -1.00 -3.32 -10.41
C GLY A 15 -1.96 -2.38 -9.67
N MET A 16 -1.45 -1.37 -9.02
CA MET A 16 -2.31 -0.42 -8.26
C MET A 16 -2.15 0.99 -8.84
N PRO A 17 -2.80 1.28 -9.94
CA PRO A 17 -2.70 2.60 -10.61
C PRO A 17 -3.59 3.65 -9.96
N GLY A 18 -3.31 4.91 -10.22
CA GLY A 18 -4.12 6.01 -9.63
C GLY A 18 -3.28 6.68 -8.54
N SER A 19 -3.64 7.88 -8.16
CA SER A 19 -2.86 8.59 -7.11
C SER A 19 -3.14 7.94 -5.76
N VAL A 20 -2.79 8.61 -4.70
CA VAL A 20 -3.02 8.04 -3.36
C VAL A 20 -4.51 7.73 -3.21
N ALA A 21 -5.37 8.66 -3.53
CA ALA A 21 -6.83 8.41 -3.41
C ALA A 21 -7.23 7.24 -4.30
N GLY A 22 -6.68 7.14 -5.47
CA GLY A 22 -7.05 6.02 -6.40
C GLY A 22 -6.73 4.67 -5.73
N VAL A 23 -5.58 4.55 -5.14
CA VAL A 23 -5.23 3.27 -4.46
C VAL A 23 -6.24 3.02 -3.34
N HIS A 24 -6.61 4.06 -2.64
CA HIS A 24 -7.58 3.94 -1.53
C HIS A 24 -8.97 3.60 -2.07
N TYR A 25 -9.29 4.09 -3.22
CA TYR A 25 -10.65 3.83 -3.79
C TYR A 25 -10.89 2.33 -3.95
N ARG A 26 -10.00 1.62 -4.58
CA ARG A 26 -10.21 0.16 -4.75
C ARG A 26 -10.07 -0.54 -3.39
N ALA A 27 -9.16 -0.10 -2.57
CA ALA A 27 -8.97 -0.75 -1.25
C ALA A 27 -10.15 -0.45 -0.31
N ASN A 28 -11.00 0.45 -0.67
CA ASN A 28 -12.17 0.76 0.22
C ASN A 28 -13.13 -0.43 0.21
N VAL A 29 -13.32 -1.02 -0.94
CA VAL A 29 -14.23 -2.19 -1.02
C VAL A 29 -13.65 -3.35 -0.21
N GLN A 30 -12.37 -3.57 -0.34
CA GLN A 30 -11.72 -4.66 0.42
C GLN A 30 -11.44 -4.20 1.85
N GLY A 31 -11.25 -5.12 2.76
CA GLY A 31 -10.96 -4.74 4.17
C GLY A 31 -9.46 -4.57 4.36
N TRP A 32 -8.87 -3.66 3.64
CA TRP A 32 -7.40 -3.44 3.77
C TRP A 32 -7.09 -2.81 5.13
N THR A 33 -5.98 -3.17 5.71
CA THR A 33 -5.62 -2.59 7.04
C THR A 33 -5.05 -1.18 6.81
N LYS A 34 -5.65 -0.19 7.40
CA LYS A 34 -5.18 1.22 7.22
C LYS A 34 -5.07 1.90 8.58
N ARG A 35 -4.10 2.75 8.76
CA ARG A 35 -3.98 3.47 10.06
C ARG A 35 -3.33 4.83 9.85
N LYS A 36 -3.66 5.79 10.66
CA LYS A 36 -3.08 7.14 10.51
C LYS A 36 -1.71 7.22 11.17
N LYS A 37 -0.88 8.14 10.74
CA LYS A 37 0.47 8.29 11.35
C LYS A 37 0.93 9.74 11.17
N GLU A 38 0.83 10.52 12.21
CA GLU A 38 1.25 11.94 12.14
C GLU A 38 2.77 12.01 12.26
N GLY A 39 3.38 13.06 11.74
CA GLY A 39 4.87 13.21 11.84
C GLY A 39 5.46 13.61 10.49
N VAL A 40 4.91 13.13 9.40
CA VAL A 40 5.46 13.50 8.06
C VAL A 40 4.67 14.67 7.49
N LYS A 41 5.35 15.69 7.03
CA LYS A 41 4.63 16.87 6.48
C LYS A 41 3.80 16.44 5.26
N GLY A 42 2.56 16.86 5.21
CA GLY A 42 1.69 16.48 4.06
C GLY A 42 0.23 16.53 4.50
N GLY A 43 -0.18 15.58 5.30
CA GLY A 43 -1.60 15.56 5.76
C GLY A 43 -1.87 14.24 6.48
N LYS A 44 -1.32 14.05 7.65
CA LYS A 44 -1.54 12.78 8.38
C LYS A 44 -1.20 11.61 7.46
N ALA A 45 0.02 11.16 7.49
CA ALA A 45 0.44 10.03 6.60
C ALA A 45 -0.37 8.78 6.96
N VAL A 46 -0.50 7.85 6.04
CA VAL A 46 -1.27 6.59 6.32
C VAL A 46 -0.41 5.38 5.92
N GLU A 47 -0.73 4.22 6.43
CA GLU A 47 0.09 3.00 6.11
C GLU A 47 -0.83 1.83 5.73
N TYR A 48 -0.29 0.91 4.95
CA TYR A 48 -1.07 -0.28 4.51
C TYR A 48 -0.27 -1.54 4.91
N ASP A 49 -0.91 -2.51 5.52
CA ASP A 49 -0.16 -3.75 5.91
C ASP A 49 -0.31 -4.79 4.79
N VAL A 50 0.74 -5.05 4.07
CA VAL A 50 0.67 -6.05 2.96
C VAL A 50 0.42 -7.45 3.53
N MET A 51 0.55 -7.61 4.82
CA MET A 51 0.32 -8.95 5.42
C MET A 51 -1.18 -9.26 5.36
N SER A 52 -1.98 -8.28 5.02
CA SER A 52 -3.45 -8.48 4.94
C SER A 52 -3.87 -8.59 3.46
N MET A 53 -2.98 -8.30 2.55
CA MET A 53 -3.33 -8.41 1.10
C MET A 53 -3.29 -9.88 0.68
N PRO A 54 -4.01 -10.26 -0.35
CA PRO A 54 -4.01 -11.67 -0.83
C PRO A 54 -2.64 -12.01 -1.44
N THR A 55 -2.38 -13.28 -1.66
CA THR A 55 -1.05 -13.66 -2.24
C THR A 55 -0.85 -13.00 -3.61
N LYS A 56 -1.87 -12.94 -4.41
CA LYS A 56 -1.71 -12.32 -5.77
C LYS A 56 -1.14 -10.90 -5.65
N GLU A 57 -1.81 -10.03 -4.94
CA GLU A 57 -1.30 -8.63 -4.80
C GLU A 57 -0.02 -8.62 -3.96
N ARG A 58 0.05 -9.39 -2.92
CA ARG A 58 1.29 -9.40 -2.09
C ARG A 58 2.47 -9.81 -2.97
N GLU A 59 2.31 -10.86 -3.73
CA GLU A 59 3.43 -11.30 -4.61
C GLU A 59 3.76 -10.20 -5.62
N GLN A 60 2.75 -9.53 -6.13
CA GLN A 60 3.01 -8.45 -7.13
C GLN A 60 3.85 -7.34 -6.48
N VAL A 61 3.60 -7.02 -5.24
CA VAL A 61 4.41 -5.96 -4.58
C VAL A 61 5.85 -6.47 -4.41
N ILE A 62 6.01 -7.65 -3.89
CA ILE A 62 7.39 -8.19 -3.72
C ILE A 62 8.05 -8.28 -5.10
N ALA A 63 7.32 -8.67 -6.10
CA ALA A 63 7.92 -8.76 -7.46
C ALA A 63 8.56 -7.42 -7.80
N HIS A 64 7.98 -6.34 -7.35
CA HIS A 64 8.58 -5.01 -7.62
C HIS A 64 9.98 -4.98 -6.99
N LEU A 65 10.11 -5.52 -5.81
CA LEU A 65 11.44 -5.52 -5.12
C LEU A 65 12.46 -6.28 -5.96
N GLY A 66 12.06 -7.38 -6.56
CA GLY A 66 13.01 -8.19 -7.38
C GLY A 66 13.56 -7.35 -8.53
N LEU A 67 12.73 -6.57 -9.17
CA LEU A 67 13.21 -5.74 -10.32
C LEU A 67 13.70 -4.38 -9.81
N SER A 68 13.69 -4.19 -8.51
CA SER A 68 14.16 -2.89 -7.95
C SER A 68 15.67 -2.97 -7.68
N THR A 69 16.26 -4.11 -7.92
CA THR A 69 17.72 -4.27 -7.68
C THR A 69 18.31 -5.26 -8.68
N LYS A 1 7.68 -8.07 13.18
CA LYS A 1 7.70 -8.65 11.80
C LYS A 1 6.53 -8.09 11.00
N SER A 2 5.90 -7.07 11.50
CA SER A 2 4.75 -6.50 10.75
C SER A 2 5.32 -5.66 9.61
N ILE A 3 4.68 -5.71 8.49
CA ILE A 3 5.16 -4.94 7.30
C ILE A 3 4.17 -3.80 7.04
N TRP A 4 4.66 -2.61 6.89
CA TRP A 4 3.77 -1.44 6.64
C TRP A 4 4.43 -0.55 5.59
N CYS A 5 3.70 -0.19 4.56
CA CYS A 5 4.27 0.68 3.49
C CYS A 5 3.32 1.84 3.19
N SER A 6 3.85 3.00 2.94
CA SER A 6 2.99 4.18 2.62
C SER A 6 2.43 4.02 1.20
N PRO A 7 1.37 4.71 0.88
CA PRO A 7 0.74 4.64 -0.47
C PRO A 7 1.76 4.95 -1.57
N GLN A 8 2.77 5.72 -1.25
CA GLN A 8 3.80 6.06 -2.27
C GLN A 8 4.45 4.77 -2.78
N GLU A 9 4.92 3.95 -1.88
CA GLU A 9 5.57 2.69 -2.31
C GLU A 9 4.55 1.84 -3.07
N ILE A 10 3.34 1.82 -2.60
CA ILE A 10 2.30 1.01 -3.30
C ILE A 10 2.03 1.65 -4.67
N MET A 11 1.79 2.95 -4.70
CA MET A 11 1.53 3.63 -6.00
C MET A 11 2.53 3.17 -7.06
N ALA A 12 3.71 2.79 -6.67
CA ALA A 12 4.71 2.37 -7.68
C ALA A 12 4.40 0.94 -8.15
N ALA A 13 3.48 0.28 -7.51
CA ALA A 13 3.13 -1.11 -7.92
C ALA A 13 2.12 -1.07 -9.07
N ASP A 14 2.40 -1.75 -10.15
CA ASP A 14 1.46 -1.75 -11.31
C ASP A 14 0.10 -2.30 -10.88
N GLY A 15 0.11 -3.38 -10.14
CA GLY A 15 -1.18 -3.99 -9.69
C GLY A 15 -2.08 -2.95 -9.03
N MET A 16 -1.53 -1.82 -8.65
CA MET A 16 -2.35 -0.76 -7.98
C MET A 16 -2.12 0.60 -8.66
N PRO A 17 -2.76 0.83 -9.78
CA PRO A 17 -2.62 2.10 -10.56
C PRO A 17 -3.51 3.22 -10.03
N GLY A 18 -3.31 4.42 -10.50
CA GLY A 18 -4.14 5.58 -10.04
C GLY A 18 -3.33 6.37 -9.03
N SER A 19 -3.72 7.57 -8.73
CA SER A 19 -2.95 8.39 -7.76
C SER A 19 -3.15 7.81 -6.36
N VAL A 20 -2.73 8.51 -5.34
CA VAL A 20 -2.89 7.96 -3.96
C VAL A 20 -4.36 7.64 -3.74
N ALA A 21 -5.25 8.55 -4.04
CA ALA A 21 -6.70 8.28 -3.84
C ALA A 21 -7.12 7.06 -4.67
N GLY A 22 -6.62 6.94 -5.87
CA GLY A 22 -7.00 5.77 -6.72
C GLY A 22 -6.72 4.49 -5.94
N VAL A 23 -5.61 4.43 -5.26
CA VAL A 23 -5.30 3.20 -4.46
C VAL A 23 -6.36 3.07 -3.37
N HIS A 24 -6.69 4.15 -2.73
CA HIS A 24 -7.71 4.13 -1.65
C HIS A 24 -9.05 3.63 -2.22
N TYR A 25 -9.39 4.05 -3.41
CA TYR A 25 -10.66 3.62 -4.02
C TYR A 25 -10.70 2.09 -4.02
N ARG A 26 -9.63 1.48 -4.42
CA ARG A 26 -9.58 -0.01 -4.46
C ARG A 26 -9.63 -0.57 -3.03
N ALA A 27 -8.82 -0.05 -2.15
CA ALA A 27 -8.82 -0.56 -0.74
C ALA A 27 -10.09 -0.11 -0.03
N ASN A 28 -10.98 0.54 -0.74
CA ASN A 28 -12.25 0.98 -0.10
C ASN A 28 -13.19 -0.21 0.05
N VAL A 29 -13.33 -0.99 -0.99
CA VAL A 29 -14.23 -2.18 -0.92
C VAL A 29 -13.62 -3.23 0.00
N GLN A 30 -12.33 -3.41 -0.06
CA GLN A 30 -11.67 -4.42 0.81
C GLN A 30 -11.37 -3.80 2.18
N GLY A 31 -11.37 -4.60 3.21
CA GLY A 31 -11.08 -4.07 4.58
C GLY A 31 -9.58 -4.18 4.85
N TRP A 32 -8.77 -3.53 4.06
CA TRP A 32 -7.30 -3.61 4.28
C TRP A 32 -6.96 -3.11 5.69
N THR A 33 -5.92 -3.62 6.26
CA THR A 33 -5.51 -3.14 7.61
C THR A 33 -4.86 -1.76 7.42
N LYS A 34 -5.38 -0.74 8.06
CA LYS A 34 -4.82 0.63 7.89
C LYS A 34 -4.55 1.26 9.25
N ARG A 35 -3.64 2.21 9.29
CA ARG A 35 -3.33 2.92 10.57
C ARG A 35 -3.01 4.38 10.25
N LYS A 36 -3.55 5.30 11.01
CA LYS A 36 -3.28 6.74 10.74
C LYS A 36 -2.07 7.22 11.55
N LYS A 37 -1.06 7.73 10.90
CA LYS A 37 0.13 8.27 11.64
C LYS A 37 0.04 9.80 11.64
N GLU A 38 -0.04 10.39 12.80
CA GLU A 38 -0.15 11.87 12.92
C GLU A 38 1.18 12.57 12.60
N GLY A 39 1.11 13.87 12.42
CA GLY A 39 2.34 14.68 12.19
C GLY A 39 2.86 14.58 10.75
N VAL A 40 2.48 13.61 9.98
CA VAL A 40 3.04 13.55 8.59
C VAL A 40 2.39 14.67 7.76
N LYS A 41 2.67 15.88 8.18
CA LYS A 41 2.18 17.16 7.55
C LYS A 41 1.05 17.02 6.53
N GLY A 42 0.04 17.86 6.71
CA GLY A 42 -1.15 17.97 5.79
C GLY A 42 -1.28 16.78 4.84
N GLY A 43 -1.11 15.61 5.34
CA GLY A 43 -1.23 14.40 4.49
C GLY A 43 -1.46 13.23 5.42
N LYS A 44 -0.80 13.26 6.55
CA LYS A 44 -0.97 12.18 7.54
C LYS A 44 -0.61 10.86 6.90
N ALA A 45 0.36 10.18 7.42
CA ALA A 45 0.77 8.91 6.79
C ALA A 45 -0.21 7.80 7.14
N VAL A 46 -0.84 7.29 6.14
CA VAL A 46 -1.78 6.16 6.32
C VAL A 46 -1.02 4.98 5.72
N GLU A 47 -0.80 3.95 6.47
CA GLU A 47 0.00 2.80 5.94
C GLU A 47 -0.87 1.56 5.83
N TYR A 48 -0.53 0.70 4.91
CA TYR A 48 -1.33 -0.54 4.69
C TYR A 48 -0.45 -1.75 4.98
N ASP A 49 -0.97 -2.74 5.64
CA ASP A 49 -0.15 -3.95 5.95
C ASP A 49 -0.22 -4.90 4.76
N VAL A 50 0.88 -5.14 4.10
CA VAL A 50 0.88 -6.06 2.93
C VAL A 50 0.51 -7.47 3.39
N MET A 51 0.65 -7.75 4.65
CA MET A 51 0.33 -9.13 5.16
C MET A 51 -1.19 -9.32 5.25
N SER A 52 -1.97 -8.30 4.95
CA SER A 52 -3.46 -8.44 5.02
C SER A 52 -4.04 -8.50 3.60
N MET A 53 -3.29 -8.12 2.60
CA MET A 53 -3.82 -8.17 1.21
C MET A 53 -3.73 -9.61 0.68
N PRO A 54 -4.65 -10.03 -0.17
CA PRO A 54 -4.60 -11.41 -0.76
C PRO A 54 -3.18 -11.78 -1.19
N THR A 55 -2.95 -13.02 -1.54
CA THR A 55 -1.58 -13.42 -1.98
C THR A 55 -1.25 -12.72 -3.32
N LYS A 56 -2.21 -12.59 -4.19
CA LYS A 56 -1.95 -11.95 -5.52
C LYS A 56 -1.34 -10.56 -5.35
N GLU A 57 -1.95 -9.68 -4.62
CA GLU A 57 -1.36 -8.31 -4.48
C GLU A 57 0.02 -8.43 -3.84
N ARG A 58 0.17 -9.30 -2.88
CA ARG A 58 1.50 -9.43 -2.23
C ARG A 58 2.55 -9.84 -3.28
N GLU A 59 2.24 -10.78 -4.13
CA GLU A 59 3.26 -11.18 -5.16
C GLU A 59 3.60 -9.96 -6.02
N GLN A 60 2.62 -9.17 -6.35
CA GLN A 60 2.86 -7.97 -7.18
C GLN A 60 3.83 -7.05 -6.43
N VAL A 61 3.66 -6.91 -5.15
CA VAL A 61 4.57 -6.04 -4.35
C VAL A 61 5.96 -6.66 -4.25
N ILE A 62 6.05 -7.93 -3.94
CA ILE A 62 7.39 -8.58 -3.84
C ILE A 62 8.08 -8.48 -5.20
N ALA A 63 7.35 -8.71 -6.25
CA ALA A 63 7.95 -8.64 -7.62
C ALA A 63 8.50 -7.23 -7.89
N HIS A 64 7.81 -6.21 -7.47
CA HIS A 64 8.32 -4.83 -7.73
C HIS A 64 9.68 -4.66 -7.06
N LEU A 65 9.84 -5.18 -5.88
CA LEU A 65 11.16 -5.07 -5.21
C LEU A 65 12.14 -6.01 -5.92
N GLY A 66 11.67 -7.17 -6.28
CA GLY A 66 12.54 -8.19 -6.93
C GLY A 66 13.21 -7.68 -8.23
N LEU A 67 12.71 -6.66 -8.88
CA LEU A 67 13.37 -6.22 -10.17
C LEU A 67 14.50 -5.20 -9.97
N SER A 68 14.42 -4.31 -8.99
CA SER A 68 15.55 -3.32 -8.79
C SER A 68 16.44 -3.78 -7.64
N THR A 69 15.91 -3.89 -6.45
CA THR A 69 16.74 -4.31 -5.30
C THR A 69 17.00 -5.82 -5.38
#